data_4ZCE
# 
_entry.id   4ZCE 
# 
_audit_conform.dict_name       mmcif_pdbx.dic 
_audit_conform.dict_version    5.399 
_audit_conform.dict_location   http://mmcif.pdb.org/dictionaries/ascii/mmcif_pdbx.dic 
# 
loop_
_database_2.database_id 
_database_2.database_code 
_database_2.pdbx_database_accession 
_database_2.pdbx_DOI 
PDB   4ZCE         pdb_00004zce 10.2210/pdb4zce/pdb 
WWPDB D_1000209032 ?            ?                   
# 
loop_
_pdbx_audit_revision_history.ordinal 
_pdbx_audit_revision_history.data_content_type 
_pdbx_audit_revision_history.major_revision 
_pdbx_audit_revision_history.minor_revision 
_pdbx_audit_revision_history.revision_date 
1 'Structure model' 1 0 2015-11-25 
2 'Structure model' 1 1 2015-12-09 
3 'Structure model' 1 2 2016-02-10 
4 'Structure model' 1 3 2017-09-20 
5 'Structure model' 1 4 2019-12-11 
6 'Structure model' 1 5 2024-11-20 
# 
_pdbx_audit_revision_details.ordinal             1 
_pdbx_audit_revision_details.revision_ordinal    1 
_pdbx_audit_revision_details.data_content_type   'Structure model' 
_pdbx_audit_revision_details.provider            repository 
_pdbx_audit_revision_details.type                'Initial release' 
_pdbx_audit_revision_details.description         ? 
_pdbx_audit_revision_details.details             ? 
# 
loop_
_pdbx_audit_revision_group.ordinal 
_pdbx_audit_revision_group.revision_ordinal 
_pdbx_audit_revision_group.data_content_type 
_pdbx_audit_revision_group.group 
1 2 'Structure model' 'Database references'        
2 3 'Structure model' 'Database references'        
3 4 'Structure model' 'Author supporting evidence' 
4 4 'Structure model' 'Derived calculations'       
5 5 'Structure model' 'Author supporting evidence' 
6 6 'Structure model' 'Data collection'            
7 6 'Structure model' 'Database references'        
8 6 'Structure model' 'Structure summary'          
# 
loop_
_pdbx_audit_revision_category.ordinal 
_pdbx_audit_revision_category.revision_ordinal 
_pdbx_audit_revision_category.data_content_type 
_pdbx_audit_revision_category.category 
1 4 'Structure model' pdbx_audit_support        
2 4 'Structure model' pdbx_struct_oper_list     
3 5 'Structure model' pdbx_audit_support        
4 6 'Structure model' chem_comp_atom            
5 6 'Structure model' chem_comp_bond            
6 6 'Structure model' database_2                
7 6 'Structure model' pdbx_entry_details        
8 6 'Structure model' pdbx_modification_feature 
# 
loop_
_pdbx_audit_revision_item.ordinal 
_pdbx_audit_revision_item.revision_ordinal 
_pdbx_audit_revision_item.data_content_type 
_pdbx_audit_revision_item.item 
1 4 'Structure model' '_pdbx_audit_support.funding_organization'  
2 4 'Structure model' '_pdbx_struct_oper_list.symmetry_operation' 
3 5 'Structure model' '_pdbx_audit_support.funding_organization'  
4 6 'Structure model' '_database_2.pdbx_DOI'                      
5 6 'Structure model' '_database_2.pdbx_database_accession'       
# 
_pdbx_database_status.status_code                     REL 
_pdbx_database_status.status_code_sf                  REL 
_pdbx_database_status.status_code_mr                  ? 
_pdbx_database_status.entry_id                        4ZCE 
_pdbx_database_status.recvd_initial_deposition_date   2015-04-15 
_pdbx_database_status.SG_entry                        N 
_pdbx_database_status.deposit_site                    RCSB 
_pdbx_database_status.process_site                    RCSB 
_pdbx_database_status.status_code_cs                  ? 
_pdbx_database_status.methods_development_category    ? 
_pdbx_database_status.pdb_format_compatible           Y 
_pdbx_database_status.status_code_nmr_data            ? 
# 
loop_
_audit_author.name 
_audit_author.pdbx_ordinal 
'Pedersen, L.C.' 1 
'Mueller, G.A.'  2 
'Randall, T.A.'  3 
'Glesner, J.'    4 
'Perera, L.'     5 
'Edwards, L.L.'  6 
'Chapman, M.D.'  7 
'London, R.E.'   8 
'Pomes, A.'      9 
# 
_citation.abstract                  ? 
_citation.abstract_id_CAS           ? 
_citation.book_id_ISBN              ? 
_citation.book_publisher            ? 
_citation.book_publisher_city       ? 
_citation.book_title                ? 
_citation.coordinate_linkage        ? 
_citation.country                   US 
_citation.database_id_Medline       ? 
_citation.details                   ? 
_citation.id                        primary 
_citation.journal_abbrev            'Clin Exp Allergy' 
_citation.journal_id_ASTM           ? 
_citation.journal_id_CSD            ? 
_citation.journal_id_ISSN           1365-2222 
_citation.journal_full              ? 
_citation.journal_issue             ? 
_citation.journal_volume            46 
_citation.language                  ? 
_citation.page_first                365 
_citation.page_last                 376 
_citation.title                     'Serological, genomic and structural analyses of the major mite allergen Der p 23.' 
_citation.year                      2016 
_citation.database_id_CSD           ? 
_citation.pdbx_database_id_DOI      10.1111/cea.12680 
_citation.pdbx_database_id_PubMed   26602749 
_citation.unpublished_flag          ? 
# 
loop_
_citation_author.citation_id 
_citation_author.name 
_citation_author.ordinal 
_citation_author.identifier_ORCID 
primary 'Mueller, G.A.'  1  ? 
primary 'Randall, T.A.'  2  ? 
primary 'Glesner, J.'    3  ? 
primary 'Pedersen, L.C.' 4  ? 
primary 'Perera, L.'     5  ? 
primary 'Edwards, L.L.'  6  ? 
primary 'DeRose, E.F.'   7  ? 
primary 'Chapman, M.D.'  8  ? 
primary 'London, R.E.'   9  ? 
primary 'Pomes, A.'      10 ? 
# 
loop_
_entity.id 
_entity.type 
_entity.src_method 
_entity.pdbx_description 
_entity.formula_weight 
_entity.pdbx_number_of_molecules 
_entity.pdbx_ec 
_entity.pdbx_mutation 
_entity.pdbx_fragment 
_entity.details 
1 polymer     man 'Dust mite allergen' 5943.508 2   ? ? 'UNP residues 44-90' ? 
2 non-polymer syn 1,2-ETHANEDIOL       62.068   1   ? ? ?                    ? 
3 water       nat water                18.015   200 ? ? ?                    ? 
# 
_entity_poly.entity_id                      1 
_entity_poly.type                           'polypeptide(L)' 
_entity_poly.nstd_linkage                   no 
_entity_poly.nstd_monomer                   no 
_entity_poly.pdbx_seq_one_letter_code       SFTKFECPSRFGYFADPKDPHKFYICSNWEAVHKDCPGNTRWNEDEETCT 
_entity_poly.pdbx_seq_one_letter_code_can   SFTKFECPSRFGYFADPKDPHKFYICSNWEAVHKDCPGNTRWNEDEETCT 
_entity_poly.pdbx_strand_id                 A,B 
_entity_poly.pdbx_target_identifier         ? 
# 
loop_
_pdbx_entity_nonpoly.entity_id 
_pdbx_entity_nonpoly.name 
_pdbx_entity_nonpoly.comp_id 
2 1,2-ETHANEDIOL EDO 
3 water          HOH 
# 
loop_
_entity_poly_seq.entity_id 
_entity_poly_seq.num 
_entity_poly_seq.mon_id 
_entity_poly_seq.hetero 
1 1  SER n 
1 2  PHE n 
1 3  THR n 
1 4  LYS n 
1 5  PHE n 
1 6  GLU n 
1 7  CYS n 
1 8  PRO n 
1 9  SER n 
1 10 ARG n 
1 11 PHE n 
1 12 GLY n 
1 13 TYR n 
1 14 PHE n 
1 15 ALA n 
1 16 ASP n 
1 17 PRO n 
1 18 LYS n 
1 19 ASP n 
1 20 PRO n 
1 21 HIS n 
1 22 LYS n 
1 23 PHE n 
1 24 TYR n 
1 25 ILE n 
1 26 CYS n 
1 27 SER n 
1 28 ASN n 
1 29 TRP n 
1 30 GLU n 
1 31 ALA n 
1 32 VAL n 
1 33 HIS n 
1 34 LYS n 
1 35 ASP n 
1 36 CYS n 
1 37 PRO n 
1 38 GLY n 
1 39 ASN n 
1 40 THR n 
1 41 ARG n 
1 42 TRP n 
1 43 ASN n 
1 44 GLU n 
1 45 ASP n 
1 46 GLU n 
1 47 GLU n 
1 48 THR n 
1 49 CYS n 
1 50 THR n 
# 
_entity_src_gen.entity_id                          1 
_entity_src_gen.pdbx_src_id                        1 
_entity_src_gen.pdbx_alt_source_flag               sample 
_entity_src_gen.pdbx_seq_type                      'Biological sequence' 
_entity_src_gen.pdbx_beg_seq_num                   1 
_entity_src_gen.pdbx_end_seq_num                   50 
_entity_src_gen.gene_src_common_name               'European house dust mite' 
_entity_src_gen.gene_src_genus                     ? 
_entity_src_gen.pdbx_gene_src_gene                 ? 
_entity_src_gen.gene_src_species                   ? 
_entity_src_gen.gene_src_strain                    ? 
_entity_src_gen.gene_src_tissue                    ? 
_entity_src_gen.gene_src_tissue_fraction           ? 
_entity_src_gen.gene_src_details                   ? 
_entity_src_gen.pdbx_gene_src_fragment             ? 
_entity_src_gen.pdbx_gene_src_scientific_name      'Dermatophagoides pteronyssinus' 
_entity_src_gen.pdbx_gene_src_ncbi_taxonomy_id     6956 
_entity_src_gen.pdbx_gene_src_variant              ? 
_entity_src_gen.pdbx_gene_src_cell_line            ? 
_entity_src_gen.pdbx_gene_src_atcc                 ? 
_entity_src_gen.pdbx_gene_src_organ                ? 
_entity_src_gen.pdbx_gene_src_organelle            ? 
_entity_src_gen.pdbx_gene_src_cell                 ? 
_entity_src_gen.pdbx_gene_src_cellular_location    ? 
_entity_src_gen.host_org_common_name               ? 
_entity_src_gen.pdbx_host_org_scientific_name      'Escherichia coli' 
_entity_src_gen.pdbx_host_org_ncbi_taxonomy_id     562 
_entity_src_gen.host_org_genus                     ? 
_entity_src_gen.pdbx_host_org_gene                 ? 
_entity_src_gen.pdbx_host_org_organ                ? 
_entity_src_gen.host_org_species                   ? 
_entity_src_gen.pdbx_host_org_tissue               ? 
_entity_src_gen.pdbx_host_org_tissue_fraction      ? 
_entity_src_gen.pdbx_host_org_strain               Rosetta2 
_entity_src_gen.pdbx_host_org_variant              ? 
_entity_src_gen.pdbx_host_org_cell_line            ? 
_entity_src_gen.pdbx_host_org_atcc                 ? 
_entity_src_gen.pdbx_host_org_culture_collection   ? 
_entity_src_gen.pdbx_host_org_cell                 ? 
_entity_src_gen.pdbx_host_org_organelle            ? 
_entity_src_gen.pdbx_host_org_cellular_location    ? 
_entity_src_gen.pdbx_host_org_vector_type          ? 
_entity_src_gen.pdbx_host_org_vector               ? 
_entity_src_gen.host_org_details                   ? 
_entity_src_gen.expression_system_id               ? 
_entity_src_gen.plasmid_name                       pDEST 
_entity_src_gen.plasmid_details                    ? 
_entity_src_gen.pdbx_description                   ? 
# 
loop_
_chem_comp.id 
_chem_comp.type 
_chem_comp.mon_nstd_flag 
_chem_comp.name 
_chem_comp.pdbx_synonyms 
_chem_comp.formula 
_chem_comp.formula_weight 
ALA 'L-peptide linking' y ALANINE         ?                 'C3 H7 N O2'     89.093  
ARG 'L-peptide linking' y ARGININE        ?                 'C6 H15 N4 O2 1' 175.209 
ASN 'L-peptide linking' y ASPARAGINE      ?                 'C4 H8 N2 O3'    132.118 
ASP 'L-peptide linking' y 'ASPARTIC ACID' ?                 'C4 H7 N O4'     133.103 
CYS 'L-peptide linking' y CYSTEINE        ?                 'C3 H7 N O2 S'   121.158 
EDO non-polymer         . 1,2-ETHANEDIOL  'ETHYLENE GLYCOL' 'C2 H6 O2'       62.068  
GLU 'L-peptide linking' y 'GLUTAMIC ACID' ?                 'C5 H9 N O4'     147.129 
GLY 'peptide linking'   y GLYCINE         ?                 'C2 H5 N O2'     75.067  
HIS 'L-peptide linking' y HISTIDINE       ?                 'C6 H10 N3 O2 1' 156.162 
HOH non-polymer         . WATER           ?                 'H2 O'           18.015  
ILE 'L-peptide linking' y ISOLEUCINE      ?                 'C6 H13 N O2'    131.173 
LYS 'L-peptide linking' y LYSINE          ?                 'C6 H15 N2 O2 1' 147.195 
PHE 'L-peptide linking' y PHENYLALANINE   ?                 'C9 H11 N O2'    165.189 
PRO 'L-peptide linking' y PROLINE         ?                 'C5 H9 N O2'     115.130 
SER 'L-peptide linking' y SERINE          ?                 'C3 H7 N O3'     105.093 
THR 'L-peptide linking' y THREONINE       ?                 'C4 H9 N O3'     119.119 
TRP 'L-peptide linking' y TRYPTOPHAN      ?                 'C11 H12 N2 O2'  204.225 
TYR 'L-peptide linking' y TYROSINE        ?                 'C9 H11 N O3'    181.189 
VAL 'L-peptide linking' y VALINE          ?                 'C5 H11 N O2'    117.146 
# 
loop_
_pdbx_poly_seq_scheme.asym_id 
_pdbx_poly_seq_scheme.entity_id 
_pdbx_poly_seq_scheme.seq_id 
_pdbx_poly_seq_scheme.mon_id 
_pdbx_poly_seq_scheme.ndb_seq_num 
_pdbx_poly_seq_scheme.pdb_seq_num 
_pdbx_poly_seq_scheme.auth_seq_num 
_pdbx_poly_seq_scheme.pdb_mon_id 
_pdbx_poly_seq_scheme.auth_mon_id 
_pdbx_poly_seq_scheme.pdb_strand_id 
_pdbx_poly_seq_scheme.pdb_ins_code 
_pdbx_poly_seq_scheme.hetero 
A 1 1  SER 1  41 ?  ?   ?   A . n 
A 1 2  PHE 2  42 ?  ?   ?   A . n 
A 1 3  THR 3  43 43 THR THR A . n 
A 1 4  LYS 4  44 44 LYS LYS A . n 
A 1 5  PHE 5  45 45 PHE PHE A . n 
A 1 6  GLU 6  46 46 GLU GLU A . n 
A 1 7  CYS 7  47 47 CYS CYS A . n 
A 1 8  PRO 8  48 48 PRO PRO A . n 
A 1 9  SER 9  49 49 SER SER A . n 
A 1 10 ARG 10 50 50 ARG ARG A . n 
A 1 11 PHE 11 51 51 PHE PHE A . n 
A 1 12 GLY 12 52 52 GLY GLY A . n 
A 1 13 TYR 13 53 53 TYR TYR A . n 
A 1 14 PHE 14 54 54 PHE PHE A . n 
A 1 15 ALA 15 55 55 ALA ALA A . n 
A 1 16 ASP 16 56 56 ASP ASP A . n 
A 1 17 PRO 17 57 57 PRO PRO A . n 
A 1 18 LYS 18 58 58 LYS LYS A . n 
A 1 19 ASP 19 59 59 ASP ASP A . n 
A 1 20 PRO 20 60 60 PRO PRO A . n 
A 1 21 HIS 21 61 61 HIS HIS A . n 
A 1 22 LYS 22 62 62 LYS LYS A . n 
A 1 23 PHE 23 63 63 PHE PHE A . n 
A 1 24 TYR 24 64 64 TYR TYR A . n 
A 1 25 ILE 25 65 65 ILE ILE A . n 
A 1 26 CYS 26 66 66 CYS CYS A . n 
A 1 27 SER 27 67 67 SER SER A . n 
A 1 28 ASN 28 68 68 ASN ASN A . n 
A 1 29 TRP 29 69 69 TRP TRP A . n 
A 1 30 GLU 30 70 70 GLU GLU A . n 
A 1 31 ALA 31 71 71 ALA ALA A . n 
A 1 32 VAL 32 72 72 VAL VAL A . n 
A 1 33 HIS 33 73 73 HIS HIS A . n 
A 1 34 LYS 34 74 74 LYS LYS A . n 
A 1 35 ASP 35 75 75 ASP ASP A . n 
A 1 36 CYS 36 76 76 CYS CYS A . n 
A 1 37 PRO 37 77 77 PRO PRO A . n 
A 1 38 GLY 38 78 78 GLY GLY A . n 
A 1 39 ASN 39 79 79 ASN ASN A . n 
A 1 40 THR 40 80 80 THR THR A . n 
A 1 41 ARG 41 81 81 ARG ARG A . n 
A 1 42 TRP 42 82 82 TRP TRP A . n 
A 1 43 ASN 43 83 83 ASN ASN A . n 
A 1 44 GLU 44 84 84 GLU GLU A . n 
A 1 45 ASP 45 85 85 ASP ASP A . n 
A 1 46 GLU 46 86 86 GLU GLU A . n 
A 1 47 GLU 47 87 87 GLU GLU A . n 
A 1 48 THR 48 88 88 THR THR A . n 
A 1 49 CYS 49 89 89 CYS CYS A . n 
A 1 50 THR 50 90 90 THR THR A . n 
B 1 1  SER 1  41 ?  ?   ?   B . n 
B 1 2  PHE 2  42 ?  ?   ?   B . n 
B 1 3  THR 3  43 43 THR THR B . n 
B 1 4  LYS 4  44 44 LYS LYS B . n 
B 1 5  PHE 5  45 45 PHE PHE B . n 
B 1 6  GLU 6  46 46 GLU GLU B . n 
B 1 7  CYS 7  47 47 CYS CYS B . n 
B 1 8  PRO 8  48 48 PRO PRO B . n 
B 1 9  SER 9  49 49 SER SER B . n 
B 1 10 ARG 10 50 50 ARG ARG B . n 
B 1 11 PHE 11 51 51 PHE PHE B . n 
B 1 12 GLY 12 52 52 GLY GLY B . n 
B 1 13 TYR 13 53 53 TYR TYR B . n 
B 1 14 PHE 14 54 54 PHE PHE B . n 
B 1 15 ALA 15 55 55 ALA ALA B . n 
B 1 16 ASP 16 56 56 ASP ASP B . n 
B 1 17 PRO 17 57 57 PRO PRO B . n 
B 1 18 LYS 18 58 58 LYS LYS B . n 
B 1 19 ASP 19 59 59 ASP ASP B . n 
B 1 20 PRO 20 60 60 PRO PRO B . n 
B 1 21 HIS 21 61 61 HIS HIS B . n 
B 1 22 LYS 22 62 62 LYS LYS B . n 
B 1 23 PHE 23 63 63 PHE PHE B . n 
B 1 24 TYR 24 64 64 TYR TYR B . n 
B 1 25 ILE 25 65 65 ILE ILE B . n 
B 1 26 CYS 26 66 66 CYS CYS B . n 
B 1 27 SER 27 67 67 SER SER B . n 
B 1 28 ASN 28 68 68 ASN ASN B . n 
B 1 29 TRP 29 69 69 TRP TRP B . n 
B 1 30 GLU 30 70 70 GLU GLU B . n 
B 1 31 ALA 31 71 71 ALA ALA B . n 
B 1 32 VAL 32 72 72 VAL VAL B . n 
B 1 33 HIS 33 73 73 HIS HIS B . n 
B 1 34 LYS 34 74 74 LYS LYS B . n 
B 1 35 ASP 35 75 75 ASP ASP B . n 
B 1 36 CYS 36 76 76 CYS CYS B . n 
B 1 37 PRO 37 77 77 PRO PRO B . n 
B 1 38 GLY 38 78 78 GLY GLY B . n 
B 1 39 ASN 39 79 79 ASN ASN B . n 
B 1 40 THR 40 80 80 THR THR B . n 
B 1 41 ARG 41 81 81 ARG ARG B . n 
B 1 42 TRP 42 82 82 TRP TRP B . n 
B 1 43 ASN 43 83 83 ASN ASN B . n 
B 1 44 GLU 44 84 84 GLU GLU B . n 
B 1 45 ASP 45 85 85 ASP ASP B . n 
B 1 46 GLU 46 86 86 GLU GLU B . n 
B 1 47 GLU 47 87 87 GLU GLU B . n 
B 1 48 THR 48 88 88 THR THR B . n 
B 1 49 CYS 49 89 89 CYS CYS B . n 
B 1 50 THR 50 90 90 THR THR B . n 
# 
loop_
_pdbx_nonpoly_scheme.asym_id 
_pdbx_nonpoly_scheme.entity_id 
_pdbx_nonpoly_scheme.mon_id 
_pdbx_nonpoly_scheme.ndb_seq_num 
_pdbx_nonpoly_scheme.pdb_seq_num 
_pdbx_nonpoly_scheme.auth_seq_num 
_pdbx_nonpoly_scheme.pdb_mon_id 
_pdbx_nonpoly_scheme.auth_mon_id 
_pdbx_nonpoly_scheme.pdb_strand_id 
_pdbx_nonpoly_scheme.pdb_ins_code 
C 2 EDO 1   101 1   EDO EDO A . 
D 3 HOH 1   201 58  HOH HOH A . 
D 3 HOH 2   202 139 HOH HOH A . 
D 3 HOH 3   203 163 HOH HOH A . 
D 3 HOH 4   204 44  HOH HOH A . 
D 3 HOH 5   205 68  HOH HOH A . 
D 3 HOH 6   206 174 HOH HOH A . 
D 3 HOH 7   207 197 HOH HOH A . 
D 3 HOH 8   208 70  HOH HOH A . 
D 3 HOH 9   209 27  HOH HOH A . 
D 3 HOH 10  210 103 HOH HOH A . 
D 3 HOH 11  211 157 HOH HOH A . 
D 3 HOH 12  212 133 HOH HOH A . 
D 3 HOH 13  213 123 HOH HOH A . 
D 3 HOH 14  214 148 HOH HOH A . 
D 3 HOH 15  215 186 HOH HOH A . 
D 3 HOH 16  216 63  HOH HOH A . 
D 3 HOH 17  217 3   HOH HOH A . 
D 3 HOH 18  218 64  HOH HOH A . 
D 3 HOH 19  219 55  HOH HOH A . 
D 3 HOH 20  220 47  HOH HOH A . 
D 3 HOH 21  221 137 HOH HOH A . 
D 3 HOH 22  222 2   HOH HOH A . 
D 3 HOH 23  223 117 HOH HOH A . 
D 3 HOH 24  224 28  HOH HOH A . 
D 3 HOH 25  225 105 HOH HOH A . 
D 3 HOH 26  226 201 HOH HOH A . 
D 3 HOH 27  227 8   HOH HOH A . 
D 3 HOH 28  228 4   HOH HOH A . 
D 3 HOH 29  229 39  HOH HOH A . 
D 3 HOH 30  230 21  HOH HOH A . 
D 3 HOH 31  231 141 HOH HOH A . 
D 3 HOH 32  232 65  HOH HOH A . 
D 3 HOH 33  233 76  HOH HOH A . 
D 3 HOH 34  234 24  HOH HOH A . 
D 3 HOH 35  235 75  HOH HOH A . 
D 3 HOH 36  236 86  HOH HOH A . 
D 3 HOH 37  237 78  HOH HOH A . 
D 3 HOH 38  238 156 HOH HOH A . 
D 3 HOH 39  239 42  HOH HOH A . 
D 3 HOH 40  240 45  HOH HOH A . 
D 3 HOH 41  241 190 HOH HOH A . 
D 3 HOH 42  242 185 HOH HOH A . 
D 3 HOH 43  243 198 HOH HOH A . 
D 3 HOH 44  244 179 HOH HOH A . 
D 3 HOH 45  245 38  HOH HOH A . 
D 3 HOH 46  246 195 HOH HOH A . 
D 3 HOH 47  247 85  HOH HOH A . 
D 3 HOH 48  248 194 HOH HOH A . 
D 3 HOH 49  249 11  HOH HOH A . 
D 3 HOH 50  250 183 HOH HOH A . 
D 3 HOH 51  251 34  HOH HOH A . 
D 3 HOH 52  252 184 HOH HOH A . 
D 3 HOH 53  253 40  HOH HOH A . 
D 3 HOH 54  254 7   HOH HOH A . 
D 3 HOH 55  255 51  HOH HOH A . 
D 3 HOH 56  256 89  HOH HOH A . 
D 3 HOH 57  257 125 HOH HOH A . 
D 3 HOH 58  258 6   HOH HOH A . 
D 3 HOH 59  259 57  HOH HOH A . 
D 3 HOH 60  260 48  HOH HOH A . 
D 3 HOH 61  261 49  HOH HOH A . 
D 3 HOH 62  262 181 HOH HOH A . 
D 3 HOH 63  263 165 HOH HOH A . 
D 3 HOH 64  264 199 HOH HOH A . 
D 3 HOH 65  265 97  HOH HOH A . 
D 3 HOH 66  266 104 HOH HOH A . 
D 3 HOH 67  267 154 HOH HOH A . 
D 3 HOH 68  268 200 HOH HOH A . 
D 3 HOH 69  269 182 HOH HOH A . 
D 3 HOH 70  270 147 HOH HOH A . 
D 3 HOH 71  271 84  HOH HOH A . 
D 3 HOH 72  272 83  HOH HOH A . 
D 3 HOH 73  273 98  HOH HOH A . 
D 3 HOH 74  274 149 HOH HOH A . 
D 3 HOH 75  275 115 HOH HOH A . 
D 3 HOH 76  276 122 HOH HOH A . 
D 3 HOH 77  277 50  HOH HOH A . 
D 3 HOH 78  278 192 HOH HOH A . 
D 3 HOH 79  279 155 HOH HOH A . 
D 3 HOH 80  280 152 HOH HOH A . 
D 3 HOH 81  281 16  HOH HOH A . 
D 3 HOH 82  282 74  HOH HOH A . 
D 3 HOH 83  283 161 HOH HOH A . 
D 3 HOH 84  284 145 HOH HOH A . 
D 3 HOH 85  285 164 HOH HOH A . 
D 3 HOH 86  286 143 HOH HOH A . 
D 3 HOH 87  287 134 HOH HOH A . 
D 3 HOH 88  288 188 HOH HOH A . 
D 3 HOH 89  289 162 HOH HOH A . 
D 3 HOH 90  290 126 HOH HOH A . 
D 3 HOH 91  291 144 HOH HOH A . 
D 3 HOH 92  292 61  HOH HOH A . 
D 3 HOH 93  293 169 HOH HOH A . 
D 3 HOH 94  294 177 HOH HOH A . 
D 3 HOH 95  295 135 HOH HOH A . 
D 3 HOH 96  296 176 HOH HOH A . 
E 3 HOH 1   101 150 HOH HOH B . 
E 3 HOH 2   102 193 HOH HOH B . 
E 3 HOH 3   103 114 HOH HOH B . 
E 3 HOH 4   104 102 HOH HOH B . 
E 3 HOH 5   105 167 HOH HOH B . 
E 3 HOH 6   106 10  HOH HOH B . 
E 3 HOH 7   107 189 HOH HOH B . 
E 3 HOH 8   108 127 HOH HOH B . 
E 3 HOH 9   109 99  HOH HOH B . 
E 3 HOH 10  110 87  HOH HOH B . 
E 3 HOH 11  111 80  HOH HOH B . 
E 3 HOH 12  112 5   HOH HOH B . 
E 3 HOH 13  113 25  HOH HOH B . 
E 3 HOH 14  114 69  HOH HOH B . 
E 3 HOH 15  115 26  HOH HOH B . 
E 3 HOH 16  116 116 HOH HOH B . 
E 3 HOH 17  117 52  HOH HOH B . 
E 3 HOH 18  118 113 HOH HOH B . 
E 3 HOH 19  119 172 HOH HOH B . 
E 3 HOH 20  120 60  HOH HOH B . 
E 3 HOH 21  121 101 HOH HOH B . 
E 3 HOH 22  122 12  HOH HOH B . 
E 3 HOH 23  123 107 HOH HOH B . 
E 3 HOH 24  124 160 HOH HOH B . 
E 3 HOH 25  125 37  HOH HOH B . 
E 3 HOH 26  126 13  HOH HOH B . 
E 3 HOH 27  127 111 HOH HOH B . 
E 3 HOH 28  128 79  HOH HOH B . 
E 3 HOH 29  129 72  HOH HOH B . 
E 3 HOH 30  130 93  HOH HOH B . 
E 3 HOH 31  131 180 HOH HOH B . 
E 3 HOH 32  132 92  HOH HOH B . 
E 3 HOH 33  133 19  HOH HOH B . 
E 3 HOH 34  134 18  HOH HOH B . 
E 3 HOH 35  135 31  HOH HOH B . 
E 3 HOH 36  136 158 HOH HOH B . 
E 3 HOH 37  137 23  HOH HOH B . 
E 3 HOH 38  138 17  HOH HOH B . 
E 3 HOH 39  139 128 HOH HOH B . 
E 3 HOH 40  140 168 HOH HOH B . 
E 3 HOH 41  141 32  HOH HOH B . 
E 3 HOH 42  142 73  HOH HOH B . 
E 3 HOH 43  143 1   HOH HOH B . 
E 3 HOH 44  144 29  HOH HOH B . 
E 3 HOH 45  145 67  HOH HOH B . 
E 3 HOH 46  146 22  HOH HOH B . 
E 3 HOH 47  147 130 HOH HOH B . 
E 3 HOH 48  148 53  HOH HOH B . 
E 3 HOH 49  149 43  HOH HOH B . 
E 3 HOH 50  150 100 HOH HOH B . 
E 3 HOH 51  151 82  HOH HOH B . 
E 3 HOH 52  152 14  HOH HOH B . 
E 3 HOH 53  153 77  HOH HOH B . 
E 3 HOH 54  154 30  HOH HOH B . 
E 3 HOH 55  155 96  HOH HOH B . 
E 3 HOH 56  156 20  HOH HOH B . 
E 3 HOH 57  157 9   HOH HOH B . 
E 3 HOH 58  158 46  HOH HOH B . 
E 3 HOH 59  159 33  HOH HOH B . 
E 3 HOH 60  160 153 HOH HOH B . 
E 3 HOH 61  161 54  HOH HOH B . 
E 3 HOH 62  162 35  HOH HOH B . 
E 3 HOH 63  163 187 HOH HOH B . 
E 3 HOH 64  164 36  HOH HOH B . 
E 3 HOH 65  165 131 HOH HOH B . 
E 3 HOH 66  166 175 HOH HOH B . 
E 3 HOH 67  167 120 HOH HOH B . 
E 3 HOH 68  168 88  HOH HOH B . 
E 3 HOH 69  169 41  HOH HOH B . 
E 3 HOH 70  170 178 HOH HOH B . 
E 3 HOH 71  171 106 HOH HOH B . 
E 3 HOH 72  172 138 HOH HOH B . 
E 3 HOH 73  173 146 HOH HOH B . 
E 3 HOH 74  174 112 HOH HOH B . 
E 3 HOH 75  175 170 HOH HOH B . 
E 3 HOH 76  176 109 HOH HOH B . 
E 3 HOH 77  177 66  HOH HOH B . 
E 3 HOH 78  178 140 HOH HOH B . 
E 3 HOH 79  179 91  HOH HOH B . 
E 3 HOH 80  180 136 HOH HOH B . 
E 3 HOH 81  181 151 HOH HOH B . 
E 3 HOH 82  182 71  HOH HOH B . 
E 3 HOH 83  183 56  HOH HOH B . 
E 3 HOH 84  184 81  HOH HOH B . 
E 3 HOH 85  185 196 HOH HOH B . 
E 3 HOH 86  186 166 HOH HOH B . 
E 3 HOH 87  187 95  HOH HOH B . 
E 3 HOH 88  188 94  HOH HOH B . 
E 3 HOH 89  189 62  HOH HOH B . 
E 3 HOH 90  190 159 HOH HOH B . 
E 3 HOH 91  191 121 HOH HOH B . 
E 3 HOH 92  192 15  HOH HOH B . 
E 3 HOH 93  193 108 HOH HOH B . 
E 3 HOH 94  194 129 HOH HOH B . 
E 3 HOH 95  195 119 HOH HOH B . 
E 3 HOH 96  196 173 HOH HOH B . 
E 3 HOH 97  197 171 HOH HOH B . 
E 3 HOH 98  198 90  HOH HOH B . 
E 3 HOH 99  199 132 HOH HOH B . 
E 3 HOH 100 200 110 HOH HOH B . 
E 3 HOH 101 201 59  HOH HOH B . 
E 3 HOH 102 202 142 HOH HOH B . 
E 3 HOH 103 203 124 HOH HOH B . 
E 3 HOH 104 204 118 HOH HOH B . 
# 
loop_
_pdbx_unobs_or_zero_occ_atoms.id 
_pdbx_unobs_or_zero_occ_atoms.PDB_model_num 
_pdbx_unobs_or_zero_occ_atoms.polymer_flag 
_pdbx_unobs_or_zero_occ_atoms.occupancy_flag 
_pdbx_unobs_or_zero_occ_atoms.auth_asym_id 
_pdbx_unobs_or_zero_occ_atoms.auth_comp_id 
_pdbx_unobs_or_zero_occ_atoms.auth_seq_id 
_pdbx_unobs_or_zero_occ_atoms.PDB_ins_code 
_pdbx_unobs_or_zero_occ_atoms.auth_atom_id 
_pdbx_unobs_or_zero_occ_atoms.label_alt_id 
_pdbx_unobs_or_zero_occ_atoms.label_asym_id 
_pdbx_unobs_or_zero_occ_atoms.label_comp_id 
_pdbx_unobs_or_zero_occ_atoms.label_seq_id 
_pdbx_unobs_or_zero_occ_atoms.label_atom_id 
1  1 Y 1 A LYS 44 ? CD  ? A LYS 4  CD  
2  1 Y 1 A LYS 44 ? CE  ? A LYS 4  CE  
3  1 Y 1 A LYS 44 ? NZ  ? A LYS 4  NZ  
4  1 Y 1 A LYS 58 ? CE  ? A LYS 18 CE  
5  1 Y 1 A LYS 58 ? NZ  ? A LYS 18 NZ  
6  1 Y 1 A GLU 70 ? CG  ? A GLU 30 CG  
7  1 Y 1 A GLU 70 ? CD  ? A GLU 30 CD  
8  1 Y 1 A GLU 70 ? OE1 ? A GLU 30 OE1 
9  1 Y 1 A GLU 70 ? OE2 ? A GLU 30 OE2 
10 1 Y 1 B LYS 44 ? CE  ? B LYS 4  CE  
11 1 Y 1 B LYS 44 ? NZ  ? B LYS 4  NZ  
12 1 Y 1 B LYS 58 ? CE  ? B LYS 18 CE  
13 1 Y 1 B LYS 58 ? NZ  ? B LYS 18 NZ  
# 
loop_
_software.citation_id 
_software.classification 
_software.compiler_name 
_software.compiler_version 
_software.contact_author 
_software.contact_author_email 
_software.date 
_software.description 
_software.dependencies 
_software.hardware 
_software.language 
_software.location 
_software.mods 
_software.name 
_software.os 
_software.os_version 
_software.type 
_software.version 
_software.pdbx_ordinal 
? refinement       ? ? ? ? ? ? ? ? ? ? ? PHENIX   ? ? ? 1.8.2_1309 1 
? 'data reduction' ? ? ? ? ? ? ? ? ? ? ? HKL-3000 ? ? ? .          2 
? 'data scaling'   ? ? ? ? ? ? ? ? ? ? ? HKL-3000 ? ? ? .          3 
? phasing          ? ? ? ? ? ? ? ? ? ? ? HKL-3000 ? ? ? .          4 
# 
_cell.angle_alpha                  90.00 
_cell.angle_alpha_esd              ? 
_cell.angle_beta                   95.47 
_cell.angle_beta_esd               ? 
_cell.angle_gamma                  90.00 
_cell.angle_gamma_esd              ? 
_cell.entry_id                     4ZCE 
_cell.details                      ? 
_cell.formula_units_Z              ? 
_cell.length_a                     25.283 
_cell.length_a_esd                 ? 
_cell.length_b                     53.519 
_cell.length_b_esd                 ? 
_cell.length_c                     40.395 
_cell.length_c_esd                 ? 
_cell.volume                       ? 
_cell.volume_esd                   ? 
_cell.Z_PDB                        4 
_cell.reciprocal_angle_alpha       ? 
_cell.reciprocal_angle_beta        ? 
_cell.reciprocal_angle_gamma       ? 
_cell.reciprocal_angle_alpha_esd   ? 
_cell.reciprocal_angle_beta_esd    ? 
_cell.reciprocal_angle_gamma_esd   ? 
_cell.reciprocal_length_a          ? 
_cell.reciprocal_length_b          ? 
_cell.reciprocal_length_c          ? 
_cell.reciprocal_length_a_esd      ? 
_cell.reciprocal_length_b_esd      ? 
_cell.reciprocal_length_c_esd      ? 
_cell.pdbx_unique_axis             ? 
# 
_symmetry.entry_id                         4ZCE 
_symmetry.cell_setting                     ? 
_symmetry.Int_Tables_number                4 
_symmetry.space_group_name_Hall            ? 
_symmetry.space_group_name_H-M             'P 1 21 1' 
_symmetry.pdbx_full_space_group_name_H-M   ? 
# 
_exptl.absorpt_coefficient_mu     ? 
_exptl.absorpt_correction_T_max   ? 
_exptl.absorpt_correction_T_min   ? 
_exptl.absorpt_correction_type    ? 
_exptl.absorpt_process_details    ? 
_exptl.entry_id                   4ZCE 
_exptl.crystals_number            ? 
_exptl.details                    ? 
_exptl.method                     'X-RAY DIFFRACTION' 
_exptl.method_details             ? 
# 
_exptl_crystal.colour                      ? 
_exptl_crystal.density_diffrn              ? 
_exptl_crystal.density_Matthews            2.29 
_exptl_crystal.density_method              ? 
_exptl_crystal.density_percent_sol         46.26 
_exptl_crystal.description                 ? 
_exptl_crystal.F_000                       ? 
_exptl_crystal.id                          1 
_exptl_crystal.preparation                 ? 
_exptl_crystal.size_max                    ? 
_exptl_crystal.size_mid                    ? 
_exptl_crystal.size_min                    ? 
_exptl_crystal.size_rad                    ? 
_exptl_crystal.colour_lustre               ? 
_exptl_crystal.colour_modifier             ? 
_exptl_crystal.colour_primary              ? 
_exptl_crystal.density_meas                ? 
_exptl_crystal.density_meas_esd            ? 
_exptl_crystal.density_meas_gt             ? 
_exptl_crystal.density_meas_lt             ? 
_exptl_crystal.density_meas_temp           ? 
_exptl_crystal.density_meas_temp_esd       ? 
_exptl_crystal.density_meas_temp_gt        ? 
_exptl_crystal.density_meas_temp_lt        ? 
_exptl_crystal.pdbx_crystal_image_url      ? 
_exptl_crystal.pdbx_crystal_image_format   ? 
_exptl_crystal.pdbx_mosaicity              ? 
_exptl_crystal.pdbx_mosaicity_esd          ? 
# 
_exptl_crystal_grow.apparatus       ? 
_exptl_crystal_grow.atmosphere      ? 
_exptl_crystal_grow.crystal_id      1 
_exptl_crystal_grow.details         ? 
_exptl_crystal_grow.method          'SMALL TUBES' 
_exptl_crystal_grow.method_ref      ? 
_exptl_crystal_grow.pH              7.5 
_exptl_crystal_grow.pressure        ? 
_exptl_crystal_grow.pressure_esd    ? 
_exptl_crystal_grow.seeding         ? 
_exptl_crystal_grow.seeding_ref     ? 
_exptl_crystal_grow.temp            277 
_exptl_crystal_grow.temp_details    ? 
_exptl_crystal_grow.temp_esd        ? 
_exptl_crystal_grow.time            ? 
_exptl_crystal_grow.pdbx_details    '50% PBS buffer for two months in' 
_exptl_crystal_grow.pdbx_pH_range   ? 
# 
_diffrn.ambient_environment    ? 
_diffrn.ambient_temp           173 
_diffrn.ambient_temp_details   ? 
_diffrn.ambient_temp_esd       ? 
_diffrn.crystal_id             1 
_diffrn.crystal_support        ? 
_diffrn.crystal_treatment      ? 
_diffrn.details                ? 
_diffrn.id                     1 
_diffrn.ambient_pressure       ? 
_diffrn.ambient_pressure_esd   ? 
_diffrn.ambient_pressure_gt    ? 
_diffrn.ambient_pressure_lt    ? 
_diffrn.ambient_temp_gt        ? 
_diffrn.ambient_temp_lt        ? 
# 
_diffrn_detector.details                      SAD 
_diffrn_detector.detector                     CCD 
_diffrn_detector.diffrn_id                    1 
_diffrn_detector.type                         'RIGAKU SATURN 944+' 
_diffrn_detector.area_resol_mean              ? 
_diffrn_detector.dtime                        ? 
_diffrn_detector.pdbx_frames_total            ? 
_diffrn_detector.pdbx_collection_time_total   ? 
_diffrn_detector.pdbx_collection_date         2014-04-09 
# 
_diffrn_radiation.collimation                      ? 
_diffrn_radiation.diffrn_id                        1 
_diffrn_radiation.filter_edge                      ? 
_diffrn_radiation.inhomogeneity                    ? 
_diffrn_radiation.monochromator                    ? 
_diffrn_radiation.polarisn_norm                    ? 
_diffrn_radiation.polarisn_ratio                   ? 
_diffrn_radiation.probe                            ? 
_diffrn_radiation.type                             ? 
_diffrn_radiation.xray_symbol                      ? 
_diffrn_radiation.wavelength_id                    1 
_diffrn_radiation.pdbx_monochromatic_or_laue_m_l   M 
_diffrn_radiation.pdbx_wavelength_list             ? 
_diffrn_radiation.pdbx_wavelength                  ? 
_diffrn_radiation.pdbx_diffrn_protocol             'SINGLE WAVELENGTH' 
_diffrn_radiation.pdbx_analyzer                    ? 
_diffrn_radiation.pdbx_scattering_type             x-ray 
# 
_diffrn_radiation_wavelength.id           1 
_diffrn_radiation_wavelength.wavelength   1.514 
_diffrn_radiation_wavelength.wt           1.0 
# 
_diffrn_source.current                     ? 
_diffrn_source.details                     ? 
_diffrn_source.diffrn_id                   1 
_diffrn_source.power                       ? 
_diffrn_source.size                        ? 
_diffrn_source.source                      'ROTATING ANODE' 
_diffrn_source.target                      ? 
_diffrn_source.type                        'RIGAKU MICROMAX-007 HF' 
_diffrn_source.voltage                     ? 
_diffrn_source.take-off_angle              ? 
_diffrn_source.pdbx_wavelength_list        1.514 
_diffrn_source.pdbx_wavelength             ? 
_diffrn_source.pdbx_synchrotron_beamline   ? 
_diffrn_source.pdbx_synchrotron_site       ? 
# 
_reflns.B_iso_Wilson_estimate            ? 
_reflns.entry_id                         4ZCE 
_reflns.data_reduction_details           ? 
_reflns.data_reduction_method            ? 
_reflns.d_resolution_high                1.55 
_reflns.d_resolution_low                 50.0 
_reflns.details                          ? 
_reflns.limit_h_max                      ? 
_reflns.limit_h_min                      ? 
_reflns.limit_k_max                      ? 
_reflns.limit_k_min                      ? 
_reflns.limit_l_max                      ? 
_reflns.limit_l_min                      ? 
_reflns.number_all                       ? 
_reflns.number_obs                       15162 
_reflns.observed_criterion               ? 
_reflns.observed_criterion_F_max         ? 
_reflns.observed_criterion_F_min         ? 
_reflns.observed_criterion_I_max         ? 
_reflns.observed_criterion_I_min         ? 
_reflns.observed_criterion_sigma_F       ? 
_reflns.observed_criterion_sigma_I       ? 
_reflns.percent_possible_obs             96.9 
_reflns.R_free_details                   ? 
_reflns.Rmerge_F_all                     ? 
_reflns.Rmerge_F_obs                     ? 
_reflns.Friedel_coverage                 ? 
_reflns.number_gt                        ? 
_reflns.threshold_expression             ? 
_reflns.pdbx_redundancy                  9.5 
_reflns.pdbx_Rmerge_I_obs                ? 
_reflns.pdbx_Rmerge_I_all                ? 
_reflns.pdbx_Rsym_value                  0.058 
_reflns.pdbx_netI_over_av_sigmaI         ? 
_reflns.pdbx_netI_over_sigmaI            18.9 
_reflns.pdbx_res_netI_over_av_sigmaI_2   ? 
_reflns.pdbx_res_netI_over_sigmaI_2      ? 
_reflns.pdbx_chi_squared                 ? 
_reflns.pdbx_scaling_rejects             ? 
_reflns.pdbx_d_res_high_opt              ? 
_reflns.pdbx_d_res_low_opt               ? 
_reflns.pdbx_d_res_opt_method            ? 
_reflns.phase_calculation_details        ? 
_reflns.pdbx_Rrim_I_all                  ? 
_reflns.pdbx_Rpim_I_all                  ? 
_reflns.pdbx_d_opt                       ? 
_reflns.pdbx_number_measured_all         ? 
_reflns.pdbx_diffrn_id                   1 
_reflns.pdbx_ordinal                     1 
_reflns.pdbx_CC_half                     ? 
_reflns.pdbx_R_split                     ? 
# 
_reflns_shell.Rmerge_F_all                ? 
_reflns_shell.Rmerge_F_gt                 ? 
_reflns_shell.Rmerge_F_obs                ? 
_reflns_shell.Rmerge_I_all                ? 
_reflns_shell.Rmerge_I_gt                 ? 
_reflns_shell.Rmerge_I_obs                ? 
_reflns_shell.d_res_high                  1.55 
_reflns_shell.d_res_low                   1.58 
_reflns_shell.meanI_over_sigI_all         ? 
_reflns_shell.meanI_over_sigI_gt          ? 
_reflns_shell.meanI_over_sigI_obs         ? 
_reflns_shell.meanI_over_uI_all           ? 
_reflns_shell.meanI_over_uI_gt            ? 
_reflns_shell.number_measured_all         ? 
_reflns_shell.number_measured_gt          ? 
_reflns_shell.number_measured_obs         ? 
_reflns_shell.number_possible             ? 
_reflns_shell.number_unique_all           ? 
_reflns_shell.number_unique_gt            ? 
_reflns_shell.number_unique_obs           ? 
_reflns_shell.pdbx_CC_half                ? 
_reflns_shell.pdbx_R_split                ? 
_reflns_shell.pdbx_Rpim_I_all             ? 
_reflns_shell.pdbx_Rrim_I_all             ? 
_reflns_shell.pdbx_Rsym_value             0.225 
_reflns_shell.pdbx_chi_squared            ? 
_reflns_shell.pdbx_diffrn_id              1 
_reflns_shell.pdbx_netI_over_sigmaI_all   ? 
_reflns_shell.pdbx_netI_over_sigmaI_obs   ? 
_reflns_shell.pdbx_ordinal                1 
_reflns_shell.pdbx_redundancy             ? 
_reflns_shell.pdbx_rejects                ? 
_reflns_shell.percent_possible_all        ? 
_reflns_shell.percent_possible_gt         ? 
_reflns_shell.percent_possible_obs        ? 
# 
_refine.aniso_B[1][1]                            ? 
_refine.aniso_B[1][2]                            ? 
_refine.aniso_B[1][3]                            ? 
_refine.aniso_B[2][2]                            ? 
_refine.aniso_B[2][3]                            ? 
_refine.aniso_B[3][3]                            ? 
_refine.B_iso_max                                ? 
_refine.B_iso_mean                               ? 
_refine.B_iso_min                                ? 
_refine.correlation_coeff_Fo_to_Fc               ? 
_refine.correlation_coeff_Fo_to_Fc_free          ? 
_refine.details                                  ? 
_refine.diff_density_max                         ? 
_refine.diff_density_max_esd                     ? 
_refine.diff_density_min                         ? 
_refine.diff_density_min_esd                     ? 
_refine.diff_density_rms                         ? 
_refine.diff_density_rms_esd                     ? 
_refine.entry_id                                 4ZCE 
_refine.pdbx_refine_id                           'X-RAY DIFFRACTION' 
_refine.ls_abs_structure_details                 ? 
_refine.ls_abs_structure_Flack                   ? 
_refine.ls_abs_structure_Flack_esd               ? 
_refine.ls_abs_structure_Rogers                  ? 
_refine.ls_abs_structure_Rogers_esd              ? 
_refine.ls_d_res_high                            1.550 
_refine.ls_d_res_low                             26.759 
_refine.ls_extinction_coef                       ? 
_refine.ls_extinction_coef_esd                   ? 
_refine.ls_extinction_expression                 ? 
_refine.ls_extinction_method                     ? 
_refine.ls_goodness_of_fit_all                   ? 
_refine.ls_goodness_of_fit_all_esd               ? 
_refine.ls_goodness_of_fit_obs                   ? 
_refine.ls_goodness_of_fit_obs_esd               ? 
_refine.ls_hydrogen_treatment                    ? 
_refine.ls_matrix_type                           ? 
_refine.ls_number_constraints                    ? 
_refine.ls_number_parameters                     ? 
_refine.ls_number_reflns_all                     ? 
_refine.ls_number_reflns_obs                     15142 
_refine.ls_number_reflns_R_free                  714 
_refine.ls_number_reflns_R_work                  ? 
_refine.ls_number_restraints                     ? 
_refine.ls_percent_reflns_obs                    96.94 
_refine.ls_percent_reflns_R_free                 4.72 
_refine.ls_R_factor_all                          ? 
_refine.ls_R_factor_obs                          0.1649 
_refine.ls_R_factor_R_free                       0.1903 
_refine.ls_R_factor_R_free_error                 ? 
_refine.ls_R_factor_R_free_error_details         ? 
_refine.ls_R_factor_R_work                       0.1636 
_refine.ls_R_Fsqd_factor_obs                     ? 
_refine.ls_R_I_factor_obs                        ? 
_refine.ls_redundancy_reflns_all                 ? 
_refine.ls_redundancy_reflns_obs                 ? 
_refine.ls_restrained_S_all                      ? 
_refine.ls_restrained_S_obs                      ? 
_refine.ls_shift_over_esd_max                    ? 
_refine.ls_shift_over_esd_mean                   ? 
_refine.ls_structure_factor_coef                 ? 
_refine.ls_weighting_details                     ? 
_refine.ls_weighting_scheme                      ? 
_refine.ls_wR_factor_all                         ? 
_refine.ls_wR_factor_obs                         ? 
_refine.ls_wR_factor_R_free                      ? 
_refine.ls_wR_factor_R_work                      ? 
_refine.occupancy_max                            ? 
_refine.occupancy_min                            ? 
_refine.solvent_model_details                    'FLAT BULK SOLVENT MODEL' 
_refine.solvent_model_param_bsol                 ? 
_refine.solvent_model_param_ksol                 ? 
_refine.ls_R_factor_gt                           ? 
_refine.ls_goodness_of_fit_gt                    ? 
_refine.ls_goodness_of_fit_ref                   ? 
_refine.ls_shift_over_su_max                     ? 
_refine.ls_shift_over_su_max_lt                  ? 
_refine.ls_shift_over_su_mean                    ? 
_refine.ls_shift_over_su_mean_lt                 ? 
_refine.pdbx_ls_sigma_I                          ? 
_refine.pdbx_ls_sigma_F                          1.38 
_refine.pdbx_ls_sigma_Fsqd                       ? 
_refine.pdbx_data_cutoff_high_absF               ? 
_refine.pdbx_data_cutoff_high_rms_absF           ? 
_refine.pdbx_data_cutoff_low_absF                ? 
_refine.pdbx_isotropic_thermal_model             ? 
_refine.pdbx_ls_cross_valid_method               THROUGHOUT 
_refine.pdbx_method_to_determine_struct          SAD 
_refine.pdbx_starting_model                      ? 
_refine.pdbx_stereochemistry_target_values       ML 
_refine.pdbx_R_Free_selection_details            'Random selection' 
_refine.pdbx_stereochem_target_val_spec_case     ? 
_refine.pdbx_overall_ESU_R                       ? 
_refine.pdbx_overall_ESU_R_Free                  ? 
_refine.pdbx_solvent_vdw_probe_radii             1.11 
_refine.pdbx_solvent_ion_probe_radii             ? 
_refine.pdbx_solvent_shrinkage_radii             0.90 
_refine.pdbx_real_space_R                        ? 
_refine.pdbx_density_correlation                 ? 
_refine.pdbx_pd_number_of_powder_patterns        ? 
_refine.pdbx_pd_number_of_points                 ? 
_refine.pdbx_pd_meas_number_of_points            ? 
_refine.pdbx_pd_proc_ls_prof_R_factor            ? 
_refine.pdbx_pd_proc_ls_prof_wR_factor           ? 
_refine.pdbx_pd_Marquardt_correlation_coeff      ? 
_refine.pdbx_pd_Fsqrd_R_factor                   ? 
_refine.pdbx_pd_ls_matrix_band_width             ? 
_refine.pdbx_overall_phase_error                 20.49 
_refine.pdbx_overall_SU_R_free_Cruickshank_DPI   ? 
_refine.pdbx_overall_SU_R_free_Blow_DPI          ? 
_refine.pdbx_overall_SU_R_Blow_DPI               ? 
_refine.pdbx_TLS_residual_ADP_flag               ? 
_refine.pdbx_diffrn_id                           1 
_refine.overall_SU_B                             ? 
_refine.overall_SU_ML                            0.10 
_refine.overall_SU_R_Cruickshank_DPI             ? 
_refine.overall_SU_R_free                        ? 
_refine.overall_FOM_free_R_set                   ? 
_refine.overall_FOM_work_R_set                   ? 
_refine.pdbx_average_fsc_overall                 ? 
_refine.pdbx_average_fsc_work                    ? 
_refine.pdbx_average_fsc_free                    ? 
# 
_refine_hist.pdbx_refine_id                   'X-RAY DIFFRACTION' 
_refine_hist.cycle_id                         LAST 
_refine_hist.pdbx_number_atoms_protein        789 
_refine_hist.pdbx_number_atoms_nucleic_acid   0 
_refine_hist.pdbx_number_atoms_ligand         4 
_refine_hist.number_atoms_solvent             200 
_refine_hist.number_atoms_total               993 
_refine_hist.d_res_high                       1.550 
_refine_hist.d_res_low                        26.759 
# 
loop_
_refine_ls_restr.pdbx_refine_id 
_refine_ls_restr.criterion 
_refine_ls_restr.dev_ideal 
_refine_ls_restr.dev_ideal_target 
_refine_ls_restr.number 
_refine_ls_restr.rejects 
_refine_ls_restr.type 
_refine_ls_restr.weight 
_refine_ls_restr.pdbx_restraint_function 
'X-RAY DIFFRACTION' ? 0.012  ? 859  ? f_bond_d           ? ? 
'X-RAY DIFFRACTION' ? 1.219  ? 1169 ? f_angle_d          ? ? 
'X-RAY DIFFRACTION' ? 12.069 ? 304  ? f_dihedral_angle_d ? ? 
'X-RAY DIFFRACTION' ? 0.079  ? 108  ? f_chiral_restr     ? ? 
'X-RAY DIFFRACTION' ? 0.008  ? 161  ? f_plane_restr      ? ? 
# 
loop_
_refine_ls_shell.pdbx_refine_id 
_refine_ls_shell.d_res_high 
_refine_ls_shell.d_res_low 
_refine_ls_shell.number_reflns_all 
_refine_ls_shell.number_reflns_obs 
_refine_ls_shell.number_reflns_R_free 
_refine_ls_shell.number_reflns_R_work 
_refine_ls_shell.percent_reflns_obs 
_refine_ls_shell.percent_reflns_R_free 
_refine_ls_shell.R_factor_all 
_refine_ls_shell.R_factor_obs 
_refine_ls_shell.R_factor_R_free 
_refine_ls_shell.R_factor_R_free_error 
_refine_ls_shell.R_factor_R_work 
_refine_ls_shell.redundancy_reflns_all 
_refine_ls_shell.redundancy_reflns_obs 
_refine_ls_shell.wR_factor_all 
_refine_ls_shell.wR_factor_obs 
_refine_ls_shell.wR_factor_R_free 
_refine_ls_shell.wR_factor_R_work 
_refine_ls_shell.pdbx_total_number_of_bins_used 
_refine_ls_shell.pdbx_phase_error 
_refine_ls_shell.pdbx_fsc_work 
_refine_ls_shell.pdbx_fsc_free 
'X-RAY DIFFRACTION' 1.550  1.6701  . . 131 2657 90.00  . . . 0.2481 . 0.1813 . . . . . . . . . . 
'X-RAY DIFFRACTION' 1.6701 1.8381  . . 124 2840 95.00  . . . 0.2186 . 0.1827 . . . . . . . . . . 
'X-RAY DIFFRACTION' 1.8381 2.1040  . . 142 2964 100.00 . . . 0.1863 . 0.1571 . . . . . . . . . . 
'X-RAY DIFFRACTION' 2.1040 2.6505  . . 155 2953 100.00 . . . 0.1788 . 0.1641 . . . . . . . . . . 
'X-RAY DIFFRACTION' 2.6505 26.7635 . . 162 3014 100.00 . . . 0.1831 . 0.1581 . . . . . . . . . . 
# 
_struct.entry_id                     4ZCE 
_struct.title                        'Crystal Structure of the dust mite allergen Der p 23 from Dermatophagoides pteronyssinus' 
_struct.pdbx_model_details           ? 
_struct.pdbx_formula_weight          ? 
_struct.pdbx_formula_weight_method   ? 
_struct.pdbx_model_type_details      ? 
_struct.pdbx_CASP_flag               ? 
# 
_struct_keywords.entry_id        4ZCE 
_struct_keywords.text            'Dust, Mite, Allergen, Der p 23' 
_struct_keywords.pdbx_keywords   ALLERGEN 
# 
loop_
_struct_asym.id 
_struct_asym.pdbx_blank_PDB_chainid_flag 
_struct_asym.pdbx_modified 
_struct_asym.entity_id 
_struct_asym.details 
A N N 1 ? 
B N N 1 ? 
C N N 2 ? 
D N N 3 ? 
E N N 3 ? 
# 
_struct_ref.id                         1 
_struct_ref.db_name                    UNP 
_struct_ref.db_code                    L7N6F8_DERPT 
_struct_ref.pdbx_db_accession          L7N6F8 
_struct_ref.pdbx_db_isoform            ? 
_struct_ref.entity_id                  1 
_struct_ref.pdbx_seq_one_letter_code   KFECPSRFGYFADPKDPHKFYICSNWEAVHKDCPGNTRWNEDEETCT 
_struct_ref.pdbx_align_begin           44 
# 
loop_
_struct_ref_seq.align_id 
_struct_ref_seq.ref_id 
_struct_ref_seq.pdbx_PDB_id_code 
_struct_ref_seq.pdbx_strand_id 
_struct_ref_seq.seq_align_beg 
_struct_ref_seq.pdbx_seq_align_beg_ins_code 
_struct_ref_seq.seq_align_end 
_struct_ref_seq.pdbx_seq_align_end_ins_code 
_struct_ref_seq.pdbx_db_accession 
_struct_ref_seq.db_align_beg 
_struct_ref_seq.pdbx_db_align_beg_ins_code 
_struct_ref_seq.db_align_end 
_struct_ref_seq.pdbx_db_align_end_ins_code 
_struct_ref_seq.pdbx_auth_seq_align_beg 
_struct_ref_seq.pdbx_auth_seq_align_end 
1 1 4ZCE A 4 ? 50 ? L7N6F8 44 ? 90 ? 44 90 
2 1 4ZCE B 4 ? 50 ? L7N6F8 44 ? 90 ? 44 90 
# 
loop_
_struct_ref_seq_dif.align_id 
_struct_ref_seq_dif.pdbx_pdb_id_code 
_struct_ref_seq_dif.mon_id 
_struct_ref_seq_dif.pdbx_pdb_strand_id 
_struct_ref_seq_dif.seq_num 
_struct_ref_seq_dif.pdbx_pdb_ins_code 
_struct_ref_seq_dif.pdbx_seq_db_name 
_struct_ref_seq_dif.pdbx_seq_db_accession_code 
_struct_ref_seq_dif.db_mon_id 
_struct_ref_seq_dif.pdbx_seq_db_seq_num 
_struct_ref_seq_dif.details 
_struct_ref_seq_dif.pdbx_auth_seq_num 
_struct_ref_seq_dif.pdbx_ordinal 
1 4ZCE SER A 1 ? UNP L7N6F8 ? ? 'expression tag' 41 1 
1 4ZCE PHE A 2 ? UNP L7N6F8 ? ? 'expression tag' 42 2 
1 4ZCE THR A 3 ? UNP L7N6F8 ? ? 'expression tag' 43 3 
2 4ZCE SER B 1 ? UNP L7N6F8 ? ? 'expression tag' 41 4 
2 4ZCE PHE B 2 ? UNP L7N6F8 ? ? 'expression tag' 42 5 
2 4ZCE THR B 3 ? UNP L7N6F8 ? ? 'expression tag' 43 6 
# 
_pdbx_struct_assembly.id                   1 
_pdbx_struct_assembly.details              software_defined_assembly 
_pdbx_struct_assembly.method_details       PISA 
_pdbx_struct_assembly.oligomeric_details   dimeric 
_pdbx_struct_assembly.oligomeric_count     2 
# 
loop_
_pdbx_struct_assembly_prop.biol_id 
_pdbx_struct_assembly_prop.type 
_pdbx_struct_assembly_prop.value 
_pdbx_struct_assembly_prop.details 
1 'ABSA (A^2)' 1010 ? 
1 MORE         -2   ? 
1 'SSA (A^2)'  6550 ? 
# 
_pdbx_struct_assembly_gen.assembly_id       1 
_pdbx_struct_assembly_gen.oper_expression   1 
_pdbx_struct_assembly_gen.asym_id_list      A,B,C,D,E 
# 
_pdbx_struct_oper_list.id                   1 
_pdbx_struct_oper_list.type                 'identity operation' 
_pdbx_struct_oper_list.name                 1_555 
_pdbx_struct_oper_list.symmetry_operation   x,y,z 
_pdbx_struct_oper_list.matrix[1][1]         1.0000000000 
_pdbx_struct_oper_list.matrix[1][2]         0.0000000000 
_pdbx_struct_oper_list.matrix[1][3]         0.0000000000 
_pdbx_struct_oper_list.vector[1]            0.0000000000 
_pdbx_struct_oper_list.matrix[2][1]         0.0000000000 
_pdbx_struct_oper_list.matrix[2][2]         1.0000000000 
_pdbx_struct_oper_list.matrix[2][3]         0.0000000000 
_pdbx_struct_oper_list.vector[2]            0.0000000000 
_pdbx_struct_oper_list.matrix[3][1]         0.0000000000 
_pdbx_struct_oper_list.matrix[3][2]         0.0000000000 
_pdbx_struct_oper_list.matrix[3][3]         1.0000000000 
_pdbx_struct_oper_list.vector[3]            0.0000000000 
# 
_struct_biol.details                      'AS PER THE AUTHORS THE BIOLOGICAL ASSEMBLY IS UNKNOWN' 
_struct_biol.id                           1 
_struct_biol.pdbx_aggregation_state       ? 
_struct_biol.pdbx_assembly_method         ? 
_struct_biol.pdbx_formula_weight          ? 
_struct_biol.pdbx_formula_weight_method   ? 
_struct_biol.pdbx_parent_biol_id          ? 
# 
loop_
_struct_conn.id 
_struct_conn.conn_type_id 
_struct_conn.pdbx_leaving_atom_flag 
_struct_conn.pdbx_PDB_id 
_struct_conn.ptnr1_label_asym_id 
_struct_conn.ptnr1_label_comp_id 
_struct_conn.ptnr1_label_seq_id 
_struct_conn.ptnr1_label_atom_id 
_struct_conn.pdbx_ptnr1_label_alt_id 
_struct_conn.pdbx_ptnr1_PDB_ins_code 
_struct_conn.pdbx_ptnr1_standard_comp_id 
_struct_conn.ptnr1_symmetry 
_struct_conn.ptnr2_label_asym_id 
_struct_conn.ptnr2_label_comp_id 
_struct_conn.ptnr2_label_seq_id 
_struct_conn.ptnr2_label_atom_id 
_struct_conn.pdbx_ptnr2_label_alt_id 
_struct_conn.pdbx_ptnr2_PDB_ins_code 
_struct_conn.ptnr1_auth_asym_id 
_struct_conn.ptnr1_auth_comp_id 
_struct_conn.ptnr1_auth_seq_id 
_struct_conn.ptnr2_auth_asym_id 
_struct_conn.ptnr2_auth_comp_id 
_struct_conn.ptnr2_auth_seq_id 
_struct_conn.ptnr2_symmetry 
_struct_conn.pdbx_ptnr3_label_atom_id 
_struct_conn.pdbx_ptnr3_label_seq_id 
_struct_conn.pdbx_ptnr3_label_comp_id 
_struct_conn.pdbx_ptnr3_label_asym_id 
_struct_conn.pdbx_ptnr3_label_alt_id 
_struct_conn.pdbx_ptnr3_PDB_ins_code 
_struct_conn.details 
_struct_conn.pdbx_dist_value 
_struct_conn.pdbx_value_order 
_struct_conn.pdbx_role 
disulf1 disulf ? ? A CYS 7  SG ? ? ? 1_555 A CYS 26 SG ? ? A CYS 47 A CYS 66 1_555 ? ? ? ? ? ? ? 2.062 ? ? 
disulf2 disulf ? ? A CYS 36 SG ? ? ? 1_555 A CYS 49 SG ? ? A CYS 76 A CYS 89 1_555 ? ? ? ? ? ? ? 2.070 ? ? 
disulf3 disulf ? ? B CYS 7  SG ? ? ? 1_555 B CYS 26 SG ? ? B CYS 47 B CYS 66 1_555 ? ? ? ? ? ? ? 2.076 ? ? 
disulf4 disulf ? ? B CYS 36 SG ? ? ? 1_555 B CYS 49 SG ? ? B CYS 76 B CYS 89 1_555 ? ? ? ? ? ? ? 2.084 ? ? 
# 
_struct_conn_type.id          disulf 
_struct_conn_type.criteria    ? 
_struct_conn_type.reference   ? 
# 
loop_
_pdbx_modification_feature.ordinal 
_pdbx_modification_feature.label_comp_id 
_pdbx_modification_feature.label_asym_id 
_pdbx_modification_feature.label_seq_id 
_pdbx_modification_feature.label_alt_id 
_pdbx_modification_feature.modified_residue_label_comp_id 
_pdbx_modification_feature.modified_residue_label_asym_id 
_pdbx_modification_feature.modified_residue_label_seq_id 
_pdbx_modification_feature.modified_residue_label_alt_id 
_pdbx_modification_feature.auth_comp_id 
_pdbx_modification_feature.auth_asym_id 
_pdbx_modification_feature.auth_seq_id 
_pdbx_modification_feature.PDB_ins_code 
_pdbx_modification_feature.symmetry 
_pdbx_modification_feature.modified_residue_auth_comp_id 
_pdbx_modification_feature.modified_residue_auth_asym_id 
_pdbx_modification_feature.modified_residue_auth_seq_id 
_pdbx_modification_feature.modified_residue_PDB_ins_code 
_pdbx_modification_feature.modified_residue_symmetry 
_pdbx_modification_feature.comp_id_linking_atom 
_pdbx_modification_feature.modified_residue_id_linking_atom 
_pdbx_modification_feature.modified_residue_id 
_pdbx_modification_feature.ref_pcm_id 
_pdbx_modification_feature.ref_comp_id 
_pdbx_modification_feature.type 
_pdbx_modification_feature.category 
1 CYS A 7  ? CYS A 26 ? CYS A 47 ? 1_555 CYS A 66 ? 1_555 SG SG . . . None 'Disulfide bridge' 
2 CYS A 36 ? CYS A 49 ? CYS A 76 ? 1_555 CYS A 89 ? 1_555 SG SG . . . None 'Disulfide bridge' 
3 CYS B 7  ? CYS B 26 ? CYS B 47 ? 1_555 CYS B 66 ? 1_555 SG SG . . . None 'Disulfide bridge' 
4 CYS B 36 ? CYS B 49 ? CYS B 76 ? 1_555 CYS B 89 ? 1_555 SG SG . . . None 'Disulfide bridge' 
# 
loop_
_struct_sheet.id 
_struct_sheet.type 
_struct_sheet.number_strands 
_struct_sheet.details 
AA1 ? 3 ? 
AA2 ? 2 ? 
AA3 ? 3 ? 
AA4 ? 2 ? 
# 
loop_
_struct_sheet_order.sheet_id 
_struct_sheet_order.range_id_1 
_struct_sheet_order.range_id_2 
_struct_sheet_order.offset 
_struct_sheet_order.sense 
AA1 1 2 ? anti-parallel 
AA1 2 3 ? anti-parallel 
AA2 1 2 ? anti-parallel 
AA3 1 2 ? anti-parallel 
AA3 2 3 ? anti-parallel 
AA4 1 2 ? anti-parallel 
# 
loop_
_struct_sheet_range.sheet_id 
_struct_sheet_range.id 
_struct_sheet_range.beg_label_comp_id 
_struct_sheet_range.beg_label_asym_id 
_struct_sheet_range.beg_label_seq_id 
_struct_sheet_range.pdbx_beg_PDB_ins_code 
_struct_sheet_range.end_label_comp_id 
_struct_sheet_range.end_label_asym_id 
_struct_sheet_range.end_label_seq_id 
_struct_sheet_range.pdbx_end_PDB_ins_code 
_struct_sheet_range.beg_auth_comp_id 
_struct_sheet_range.beg_auth_asym_id 
_struct_sheet_range.beg_auth_seq_id 
_struct_sheet_range.end_auth_comp_id 
_struct_sheet_range.end_auth_asym_id 
_struct_sheet_range.end_auth_seq_id 
AA1 1 GLY A 12 ? ALA A 15 ? GLY A 52 ALA A 55 
AA1 2 LYS A 22 ? SER A 27 ? LYS A 62 SER A 67 
AA1 3 GLU A 30 ? ASP A 35 ? GLU A 70 ASP A 75 
AA2 1 ARG A 41 ? ASN A 43 ? ARG A 81 ASN A 83 
AA2 2 THR A 48 ? THR A 50 ? THR A 88 THR A 90 
AA3 1 GLY B 12 ? ALA B 15 ? GLY B 52 ALA B 55 
AA3 2 LYS B 22 ? SER B 27 ? LYS B 62 SER B 67 
AA3 3 GLU B 30 ? ASP B 35 ? GLU B 70 ASP B 75 
AA4 1 TRP B 42 ? ASN B 43 ? TRP B 82 ASN B 83 
AA4 2 THR B 48 ? CYS B 49 ? THR B 88 CYS B 89 
# 
loop_
_pdbx_struct_sheet_hbond.sheet_id 
_pdbx_struct_sheet_hbond.range_id_1 
_pdbx_struct_sheet_hbond.range_id_2 
_pdbx_struct_sheet_hbond.range_1_label_atom_id 
_pdbx_struct_sheet_hbond.range_1_label_comp_id 
_pdbx_struct_sheet_hbond.range_1_label_asym_id 
_pdbx_struct_sheet_hbond.range_1_label_seq_id 
_pdbx_struct_sheet_hbond.range_1_PDB_ins_code 
_pdbx_struct_sheet_hbond.range_1_auth_atom_id 
_pdbx_struct_sheet_hbond.range_1_auth_comp_id 
_pdbx_struct_sheet_hbond.range_1_auth_asym_id 
_pdbx_struct_sheet_hbond.range_1_auth_seq_id 
_pdbx_struct_sheet_hbond.range_2_label_atom_id 
_pdbx_struct_sheet_hbond.range_2_label_comp_id 
_pdbx_struct_sheet_hbond.range_2_label_asym_id 
_pdbx_struct_sheet_hbond.range_2_label_seq_id 
_pdbx_struct_sheet_hbond.range_2_PDB_ins_code 
_pdbx_struct_sheet_hbond.range_2_auth_atom_id 
_pdbx_struct_sheet_hbond.range_2_auth_comp_id 
_pdbx_struct_sheet_hbond.range_2_auth_asym_id 
_pdbx_struct_sheet_hbond.range_2_auth_seq_id 
AA1 1 2 N GLY A 12 ? N GLY A 52 O CYS A 26 ? O CYS A 66 
AA1 2 3 N PHE A 23 ? N PHE A 63 O LYS A 34 ? O LYS A 74 
AA2 1 2 N ASN A 43 ? N ASN A 83 O THR A 48 ? O THR A 88 
AA3 1 2 N GLY B 12 ? N GLY B 52 O CYS B 26 ? O CYS B 66 
AA3 2 3 N PHE B 23 ? N PHE B 63 O LYS B 34 ? O LYS B 74 
AA4 1 2 N ASN B 43 ? N ASN B 83 O THR B 48 ? O THR B 88 
# 
_struct_site.id                   AC1 
_struct_site.pdbx_evidence_code   Software 
_struct_site.pdbx_auth_asym_id    A 
_struct_site.pdbx_auth_comp_id    EDO 
_struct_site.pdbx_auth_seq_id     101 
_struct_site.pdbx_auth_ins_code   ? 
_struct_site.pdbx_num_residues    5 
_struct_site.details              'binding site for residue EDO A 101' 
# 
loop_
_struct_site_gen.id 
_struct_site_gen.site_id 
_struct_site_gen.pdbx_num_res 
_struct_site_gen.label_comp_id 
_struct_site_gen.label_asym_id 
_struct_site_gen.label_seq_id 
_struct_site_gen.pdbx_auth_ins_code 
_struct_site_gen.auth_comp_id 
_struct_site_gen.auth_asym_id 
_struct_site_gen.auth_seq_id 
_struct_site_gen.label_atom_id 
_struct_site_gen.label_alt_id 
_struct_site_gen.symmetry 
_struct_site_gen.details 
1 AC1 5 LYS A 22 ? LYS A 62  . ? 1_555 ? 
2 AC1 5 HIS A 33 ? HIS A 73  . ? 1_555 ? 
3 AC1 5 ASP A 35 ? ASP A 75  . ? 1_555 ? 
4 AC1 5 HOH D .  ? HOH A 225 . ? 1_455 ? 
5 AC1 5 HOH D .  ? HOH A 275 . ? 1_555 ? 
# 
_pdbx_entry_details.entry_id                   4ZCE 
_pdbx_entry_details.compound_details           ? 
_pdbx_entry_details.source_details             ? 
_pdbx_entry_details.nonpolymer_details         ? 
_pdbx_entry_details.sequence_details           ? 
_pdbx_entry_details.has_ligand_of_interest     ? 
_pdbx_entry_details.has_protein_modification   Y 
# 
loop_
_pdbx_validate_close_contact.id 
_pdbx_validate_close_contact.PDB_model_num 
_pdbx_validate_close_contact.auth_atom_id_1 
_pdbx_validate_close_contact.auth_asym_id_1 
_pdbx_validate_close_contact.auth_comp_id_1 
_pdbx_validate_close_contact.auth_seq_id_1 
_pdbx_validate_close_contact.PDB_ins_code_1 
_pdbx_validate_close_contact.label_alt_id_1 
_pdbx_validate_close_contact.auth_atom_id_2 
_pdbx_validate_close_contact.auth_asym_id_2 
_pdbx_validate_close_contact.auth_comp_id_2 
_pdbx_validate_close_contact.auth_seq_id_2 
_pdbx_validate_close_contact.PDB_ins_code_2 
_pdbx_validate_close_contact.label_alt_id_2 
_pdbx_validate_close_contact.dist 
1 1 O   A HOH 213 ? ? O A HOH 289 ? ? 1.88 
2 1 O   B HOH 175 ? ? O B HOH 197 ? ? 1.94 
3 1 O   B HOH 170 ? ? O B HOH 196 ? ? 2.03 
4 1 O   A HOH 231 ? ? O B HOH 118 ? ? 2.10 
5 1 O   A HOH 207 ? ? O A HOH 250 ? ? 2.11 
6 1 O   A HOH 207 ? ? O A HOH 252 ? ? 2.13 
7 1 OD1 B ASP 85  ? ? O B HOH 101 ? ? 2.15 
8 1 OE2 A GLU 87  ? ? O A HOH 201 ? ? 2.15 
# 
_pdbx_validate_torsion.id              1 
_pdbx_validate_torsion.PDB_model_num   1 
_pdbx_validate_torsion.auth_comp_id    ASP 
_pdbx_validate_torsion.auth_asym_id    B 
_pdbx_validate_torsion.auth_seq_id     59 
_pdbx_validate_torsion.PDB_ins_code    ? 
_pdbx_validate_torsion.label_alt_id    ? 
_pdbx_validate_torsion.phi             -161.57 
_pdbx_validate_torsion.psi             112.73 
# 
_pdbx_distant_solvent_atoms.id                                1 
_pdbx_distant_solvent_atoms.PDB_model_num                     1 
_pdbx_distant_solvent_atoms.auth_atom_id                      O 
_pdbx_distant_solvent_atoms.label_alt_id                      ? 
_pdbx_distant_solvent_atoms.auth_asym_id                      A 
_pdbx_distant_solvent_atoms.auth_comp_id                      HOH 
_pdbx_distant_solvent_atoms.auth_seq_id                       296 
_pdbx_distant_solvent_atoms.PDB_ins_code                      ? 
_pdbx_distant_solvent_atoms.neighbor_macromolecule_distance   6.11 
_pdbx_distant_solvent_atoms.neighbor_ligand_distance          . 
# 
loop_
_pdbx_unobs_or_zero_occ_residues.id 
_pdbx_unobs_or_zero_occ_residues.PDB_model_num 
_pdbx_unobs_or_zero_occ_residues.polymer_flag 
_pdbx_unobs_or_zero_occ_residues.occupancy_flag 
_pdbx_unobs_or_zero_occ_residues.auth_asym_id 
_pdbx_unobs_or_zero_occ_residues.auth_comp_id 
_pdbx_unobs_or_zero_occ_residues.auth_seq_id 
_pdbx_unobs_or_zero_occ_residues.PDB_ins_code 
_pdbx_unobs_or_zero_occ_residues.label_asym_id 
_pdbx_unobs_or_zero_occ_residues.label_comp_id 
_pdbx_unobs_or_zero_occ_residues.label_seq_id 
1 1 Y 1 A SER 41 ? A SER 1 
2 1 Y 1 A PHE 42 ? A PHE 2 
3 1 Y 1 B SER 41 ? B SER 1 
4 1 Y 1 B PHE 42 ? B PHE 2 
# 
loop_
_chem_comp_atom.comp_id 
_chem_comp_atom.atom_id 
_chem_comp_atom.type_symbol 
_chem_comp_atom.pdbx_aromatic_flag 
_chem_comp_atom.pdbx_stereo_config 
_chem_comp_atom.pdbx_ordinal 
ALA N    N N N 1   
ALA CA   C N S 2   
ALA C    C N N 3   
ALA O    O N N 4   
ALA CB   C N N 5   
ALA OXT  O N N 6   
ALA H    H N N 7   
ALA H2   H N N 8   
ALA HA   H N N 9   
ALA HB1  H N N 10  
ALA HB2  H N N 11  
ALA HB3  H N N 12  
ALA HXT  H N N 13  
ARG N    N N N 14  
ARG CA   C N S 15  
ARG C    C N N 16  
ARG O    O N N 17  
ARG CB   C N N 18  
ARG CG   C N N 19  
ARG CD   C N N 20  
ARG NE   N N N 21  
ARG CZ   C N N 22  
ARG NH1  N N N 23  
ARG NH2  N N N 24  
ARG OXT  O N N 25  
ARG H    H N N 26  
ARG H2   H N N 27  
ARG HA   H N N 28  
ARG HB2  H N N 29  
ARG HB3  H N N 30  
ARG HG2  H N N 31  
ARG HG3  H N N 32  
ARG HD2  H N N 33  
ARG HD3  H N N 34  
ARG HE   H N N 35  
ARG HH11 H N N 36  
ARG HH12 H N N 37  
ARG HH21 H N N 38  
ARG HH22 H N N 39  
ARG HXT  H N N 40  
ASN N    N N N 41  
ASN CA   C N S 42  
ASN C    C N N 43  
ASN O    O N N 44  
ASN CB   C N N 45  
ASN CG   C N N 46  
ASN OD1  O N N 47  
ASN ND2  N N N 48  
ASN OXT  O N N 49  
ASN H    H N N 50  
ASN H2   H N N 51  
ASN HA   H N N 52  
ASN HB2  H N N 53  
ASN HB3  H N N 54  
ASN HD21 H N N 55  
ASN HD22 H N N 56  
ASN HXT  H N N 57  
ASP N    N N N 58  
ASP CA   C N S 59  
ASP C    C N N 60  
ASP O    O N N 61  
ASP CB   C N N 62  
ASP CG   C N N 63  
ASP OD1  O N N 64  
ASP OD2  O N N 65  
ASP OXT  O N N 66  
ASP H    H N N 67  
ASP H2   H N N 68  
ASP HA   H N N 69  
ASP HB2  H N N 70  
ASP HB3  H N N 71  
ASP HD2  H N N 72  
ASP HXT  H N N 73  
CYS N    N N N 74  
CYS CA   C N R 75  
CYS C    C N N 76  
CYS O    O N N 77  
CYS CB   C N N 78  
CYS SG   S N N 79  
CYS OXT  O N N 80  
CYS H    H N N 81  
CYS H2   H N N 82  
CYS HA   H N N 83  
CYS HB2  H N N 84  
CYS HB3  H N N 85  
CYS HG   H N N 86  
CYS HXT  H N N 87  
EDO C1   C N N 88  
EDO O1   O N N 89  
EDO C2   C N N 90  
EDO O2   O N N 91  
EDO H11  H N N 92  
EDO H12  H N N 93  
EDO HO1  H N N 94  
EDO H21  H N N 95  
EDO H22  H N N 96  
EDO HO2  H N N 97  
GLU N    N N N 98  
GLU CA   C N S 99  
GLU C    C N N 100 
GLU O    O N N 101 
GLU CB   C N N 102 
GLU CG   C N N 103 
GLU CD   C N N 104 
GLU OE1  O N N 105 
GLU OE2  O N N 106 
GLU OXT  O N N 107 
GLU H    H N N 108 
GLU H2   H N N 109 
GLU HA   H N N 110 
GLU HB2  H N N 111 
GLU HB3  H N N 112 
GLU HG2  H N N 113 
GLU HG3  H N N 114 
GLU HE2  H N N 115 
GLU HXT  H N N 116 
GLY N    N N N 117 
GLY CA   C N N 118 
GLY C    C N N 119 
GLY O    O N N 120 
GLY OXT  O N N 121 
GLY H    H N N 122 
GLY H2   H N N 123 
GLY HA2  H N N 124 
GLY HA3  H N N 125 
GLY HXT  H N N 126 
HIS N    N N N 127 
HIS CA   C N S 128 
HIS C    C N N 129 
HIS O    O N N 130 
HIS CB   C N N 131 
HIS CG   C Y N 132 
HIS ND1  N Y N 133 
HIS CD2  C Y N 134 
HIS CE1  C Y N 135 
HIS NE2  N Y N 136 
HIS OXT  O N N 137 
HIS H    H N N 138 
HIS H2   H N N 139 
HIS HA   H N N 140 
HIS HB2  H N N 141 
HIS HB3  H N N 142 
HIS HD1  H N N 143 
HIS HD2  H N N 144 
HIS HE1  H N N 145 
HIS HE2  H N N 146 
HIS HXT  H N N 147 
HOH O    O N N 148 
HOH H1   H N N 149 
HOH H2   H N N 150 
ILE N    N N N 151 
ILE CA   C N S 152 
ILE C    C N N 153 
ILE O    O N N 154 
ILE CB   C N S 155 
ILE CG1  C N N 156 
ILE CG2  C N N 157 
ILE CD1  C N N 158 
ILE OXT  O N N 159 
ILE H    H N N 160 
ILE H2   H N N 161 
ILE HA   H N N 162 
ILE HB   H N N 163 
ILE HG12 H N N 164 
ILE HG13 H N N 165 
ILE HG21 H N N 166 
ILE HG22 H N N 167 
ILE HG23 H N N 168 
ILE HD11 H N N 169 
ILE HD12 H N N 170 
ILE HD13 H N N 171 
ILE HXT  H N N 172 
LYS N    N N N 173 
LYS CA   C N S 174 
LYS C    C N N 175 
LYS O    O N N 176 
LYS CB   C N N 177 
LYS CG   C N N 178 
LYS CD   C N N 179 
LYS CE   C N N 180 
LYS NZ   N N N 181 
LYS OXT  O N N 182 
LYS H    H N N 183 
LYS H2   H N N 184 
LYS HA   H N N 185 
LYS HB2  H N N 186 
LYS HB3  H N N 187 
LYS HG2  H N N 188 
LYS HG3  H N N 189 
LYS HD2  H N N 190 
LYS HD3  H N N 191 
LYS HE2  H N N 192 
LYS HE3  H N N 193 
LYS HZ1  H N N 194 
LYS HZ2  H N N 195 
LYS HZ3  H N N 196 
LYS HXT  H N N 197 
PHE N    N N N 198 
PHE CA   C N S 199 
PHE C    C N N 200 
PHE O    O N N 201 
PHE CB   C N N 202 
PHE CG   C Y N 203 
PHE CD1  C Y N 204 
PHE CD2  C Y N 205 
PHE CE1  C Y N 206 
PHE CE2  C Y N 207 
PHE CZ   C Y N 208 
PHE OXT  O N N 209 
PHE H    H N N 210 
PHE H2   H N N 211 
PHE HA   H N N 212 
PHE HB2  H N N 213 
PHE HB3  H N N 214 
PHE HD1  H N N 215 
PHE HD2  H N N 216 
PHE HE1  H N N 217 
PHE HE2  H N N 218 
PHE HZ   H N N 219 
PHE HXT  H N N 220 
PRO N    N N N 221 
PRO CA   C N S 222 
PRO C    C N N 223 
PRO O    O N N 224 
PRO CB   C N N 225 
PRO CG   C N N 226 
PRO CD   C N N 227 
PRO OXT  O N N 228 
PRO H    H N N 229 
PRO HA   H N N 230 
PRO HB2  H N N 231 
PRO HB3  H N N 232 
PRO HG2  H N N 233 
PRO HG3  H N N 234 
PRO HD2  H N N 235 
PRO HD3  H N N 236 
PRO HXT  H N N 237 
SER N    N N N 238 
SER CA   C N S 239 
SER C    C N N 240 
SER O    O N N 241 
SER CB   C N N 242 
SER OG   O N N 243 
SER OXT  O N N 244 
SER H    H N N 245 
SER H2   H N N 246 
SER HA   H N N 247 
SER HB2  H N N 248 
SER HB3  H N N 249 
SER HG   H N N 250 
SER HXT  H N N 251 
THR N    N N N 252 
THR CA   C N S 253 
THR C    C N N 254 
THR O    O N N 255 
THR CB   C N R 256 
THR OG1  O N N 257 
THR CG2  C N N 258 
THR OXT  O N N 259 
THR H    H N N 260 
THR H2   H N N 261 
THR HA   H N N 262 
THR HB   H N N 263 
THR HG1  H N N 264 
THR HG21 H N N 265 
THR HG22 H N N 266 
THR HG23 H N N 267 
THR HXT  H N N 268 
TRP N    N N N 269 
TRP CA   C N S 270 
TRP C    C N N 271 
TRP O    O N N 272 
TRP CB   C N N 273 
TRP CG   C Y N 274 
TRP CD1  C Y N 275 
TRP CD2  C Y N 276 
TRP NE1  N Y N 277 
TRP CE2  C Y N 278 
TRP CE3  C Y N 279 
TRP CZ2  C Y N 280 
TRP CZ3  C Y N 281 
TRP CH2  C Y N 282 
TRP OXT  O N N 283 
TRP H    H N N 284 
TRP H2   H N N 285 
TRP HA   H N N 286 
TRP HB2  H N N 287 
TRP HB3  H N N 288 
TRP HD1  H N N 289 
TRP HE1  H N N 290 
TRP HE3  H N N 291 
TRP HZ2  H N N 292 
TRP HZ3  H N N 293 
TRP HH2  H N N 294 
TRP HXT  H N N 295 
TYR N    N N N 296 
TYR CA   C N S 297 
TYR C    C N N 298 
TYR O    O N N 299 
TYR CB   C N N 300 
TYR CG   C Y N 301 
TYR CD1  C Y N 302 
TYR CD2  C Y N 303 
TYR CE1  C Y N 304 
TYR CE2  C Y N 305 
TYR CZ   C Y N 306 
TYR OH   O N N 307 
TYR OXT  O N N 308 
TYR H    H N N 309 
TYR H2   H N N 310 
TYR HA   H N N 311 
TYR HB2  H N N 312 
TYR HB3  H N N 313 
TYR HD1  H N N 314 
TYR HD2  H N N 315 
TYR HE1  H N N 316 
TYR HE2  H N N 317 
TYR HH   H N N 318 
TYR HXT  H N N 319 
VAL N    N N N 320 
VAL CA   C N S 321 
VAL C    C N N 322 
VAL O    O N N 323 
VAL CB   C N N 324 
VAL CG1  C N N 325 
VAL CG2  C N N 326 
VAL OXT  O N N 327 
VAL H    H N N 328 
VAL H2   H N N 329 
VAL HA   H N N 330 
VAL HB   H N N 331 
VAL HG11 H N N 332 
VAL HG12 H N N 333 
VAL HG13 H N N 334 
VAL HG21 H N N 335 
VAL HG22 H N N 336 
VAL HG23 H N N 337 
VAL HXT  H N N 338 
# 
loop_
_chem_comp_bond.comp_id 
_chem_comp_bond.atom_id_1 
_chem_comp_bond.atom_id_2 
_chem_comp_bond.value_order 
_chem_comp_bond.pdbx_aromatic_flag 
_chem_comp_bond.pdbx_stereo_config 
_chem_comp_bond.pdbx_ordinal 
ALA N   CA   sing N N 1   
ALA N   H    sing N N 2   
ALA N   H2   sing N N 3   
ALA CA  C    sing N N 4   
ALA CA  CB   sing N N 5   
ALA CA  HA   sing N N 6   
ALA C   O    doub N N 7   
ALA C   OXT  sing N N 8   
ALA CB  HB1  sing N N 9   
ALA CB  HB2  sing N N 10  
ALA CB  HB3  sing N N 11  
ALA OXT HXT  sing N N 12  
ARG N   CA   sing N N 13  
ARG N   H    sing N N 14  
ARG N   H2   sing N N 15  
ARG CA  C    sing N N 16  
ARG CA  CB   sing N N 17  
ARG CA  HA   sing N N 18  
ARG C   O    doub N N 19  
ARG C   OXT  sing N N 20  
ARG CB  CG   sing N N 21  
ARG CB  HB2  sing N N 22  
ARG CB  HB3  sing N N 23  
ARG CG  CD   sing N N 24  
ARG CG  HG2  sing N N 25  
ARG CG  HG3  sing N N 26  
ARG CD  NE   sing N N 27  
ARG CD  HD2  sing N N 28  
ARG CD  HD3  sing N N 29  
ARG NE  CZ   sing N N 30  
ARG NE  HE   sing N N 31  
ARG CZ  NH1  sing N N 32  
ARG CZ  NH2  doub N N 33  
ARG NH1 HH11 sing N N 34  
ARG NH1 HH12 sing N N 35  
ARG NH2 HH21 sing N N 36  
ARG NH2 HH22 sing N N 37  
ARG OXT HXT  sing N N 38  
ASN N   CA   sing N N 39  
ASN N   H    sing N N 40  
ASN N   H2   sing N N 41  
ASN CA  C    sing N N 42  
ASN CA  CB   sing N N 43  
ASN CA  HA   sing N N 44  
ASN C   O    doub N N 45  
ASN C   OXT  sing N N 46  
ASN CB  CG   sing N N 47  
ASN CB  HB2  sing N N 48  
ASN CB  HB3  sing N N 49  
ASN CG  OD1  doub N N 50  
ASN CG  ND2  sing N N 51  
ASN ND2 HD21 sing N N 52  
ASN ND2 HD22 sing N N 53  
ASN OXT HXT  sing N N 54  
ASP N   CA   sing N N 55  
ASP N   H    sing N N 56  
ASP N   H2   sing N N 57  
ASP CA  C    sing N N 58  
ASP CA  CB   sing N N 59  
ASP CA  HA   sing N N 60  
ASP C   O    doub N N 61  
ASP C   OXT  sing N N 62  
ASP CB  CG   sing N N 63  
ASP CB  HB2  sing N N 64  
ASP CB  HB3  sing N N 65  
ASP CG  OD1  doub N N 66  
ASP CG  OD2  sing N N 67  
ASP OD2 HD2  sing N N 68  
ASP OXT HXT  sing N N 69  
CYS N   CA   sing N N 70  
CYS N   H    sing N N 71  
CYS N   H2   sing N N 72  
CYS CA  C    sing N N 73  
CYS CA  CB   sing N N 74  
CYS CA  HA   sing N N 75  
CYS C   O    doub N N 76  
CYS C   OXT  sing N N 77  
CYS CB  SG   sing N N 78  
CYS CB  HB2  sing N N 79  
CYS CB  HB3  sing N N 80  
CYS SG  HG   sing N N 81  
CYS OXT HXT  sing N N 82  
EDO C1  O1   sing N N 83  
EDO C1  C2   sing N N 84  
EDO C1  H11  sing N N 85  
EDO C1  H12  sing N N 86  
EDO O1  HO1  sing N N 87  
EDO C2  O2   sing N N 88  
EDO C2  H21  sing N N 89  
EDO C2  H22  sing N N 90  
EDO O2  HO2  sing N N 91  
GLU N   CA   sing N N 92  
GLU N   H    sing N N 93  
GLU N   H2   sing N N 94  
GLU CA  C    sing N N 95  
GLU CA  CB   sing N N 96  
GLU CA  HA   sing N N 97  
GLU C   O    doub N N 98  
GLU C   OXT  sing N N 99  
GLU CB  CG   sing N N 100 
GLU CB  HB2  sing N N 101 
GLU CB  HB3  sing N N 102 
GLU CG  CD   sing N N 103 
GLU CG  HG2  sing N N 104 
GLU CG  HG3  sing N N 105 
GLU CD  OE1  doub N N 106 
GLU CD  OE2  sing N N 107 
GLU OE2 HE2  sing N N 108 
GLU OXT HXT  sing N N 109 
GLY N   CA   sing N N 110 
GLY N   H    sing N N 111 
GLY N   H2   sing N N 112 
GLY CA  C    sing N N 113 
GLY CA  HA2  sing N N 114 
GLY CA  HA3  sing N N 115 
GLY C   O    doub N N 116 
GLY C   OXT  sing N N 117 
GLY OXT HXT  sing N N 118 
HIS N   CA   sing N N 119 
HIS N   H    sing N N 120 
HIS N   H2   sing N N 121 
HIS CA  C    sing N N 122 
HIS CA  CB   sing N N 123 
HIS CA  HA   sing N N 124 
HIS C   O    doub N N 125 
HIS C   OXT  sing N N 126 
HIS CB  CG   sing N N 127 
HIS CB  HB2  sing N N 128 
HIS CB  HB3  sing N N 129 
HIS CG  ND1  sing Y N 130 
HIS CG  CD2  doub Y N 131 
HIS ND1 CE1  doub Y N 132 
HIS ND1 HD1  sing N N 133 
HIS CD2 NE2  sing Y N 134 
HIS CD2 HD2  sing N N 135 
HIS CE1 NE2  sing Y N 136 
HIS CE1 HE1  sing N N 137 
HIS NE2 HE2  sing N N 138 
HIS OXT HXT  sing N N 139 
HOH O   H1   sing N N 140 
HOH O   H2   sing N N 141 
ILE N   CA   sing N N 142 
ILE N   H    sing N N 143 
ILE N   H2   sing N N 144 
ILE CA  C    sing N N 145 
ILE CA  CB   sing N N 146 
ILE CA  HA   sing N N 147 
ILE C   O    doub N N 148 
ILE C   OXT  sing N N 149 
ILE CB  CG1  sing N N 150 
ILE CB  CG2  sing N N 151 
ILE CB  HB   sing N N 152 
ILE CG1 CD1  sing N N 153 
ILE CG1 HG12 sing N N 154 
ILE CG1 HG13 sing N N 155 
ILE CG2 HG21 sing N N 156 
ILE CG2 HG22 sing N N 157 
ILE CG2 HG23 sing N N 158 
ILE CD1 HD11 sing N N 159 
ILE CD1 HD12 sing N N 160 
ILE CD1 HD13 sing N N 161 
ILE OXT HXT  sing N N 162 
LYS N   CA   sing N N 163 
LYS N   H    sing N N 164 
LYS N   H2   sing N N 165 
LYS CA  C    sing N N 166 
LYS CA  CB   sing N N 167 
LYS CA  HA   sing N N 168 
LYS C   O    doub N N 169 
LYS C   OXT  sing N N 170 
LYS CB  CG   sing N N 171 
LYS CB  HB2  sing N N 172 
LYS CB  HB3  sing N N 173 
LYS CG  CD   sing N N 174 
LYS CG  HG2  sing N N 175 
LYS CG  HG3  sing N N 176 
LYS CD  CE   sing N N 177 
LYS CD  HD2  sing N N 178 
LYS CD  HD3  sing N N 179 
LYS CE  NZ   sing N N 180 
LYS CE  HE2  sing N N 181 
LYS CE  HE3  sing N N 182 
LYS NZ  HZ1  sing N N 183 
LYS NZ  HZ2  sing N N 184 
LYS NZ  HZ3  sing N N 185 
LYS OXT HXT  sing N N 186 
PHE N   CA   sing N N 187 
PHE N   H    sing N N 188 
PHE N   H2   sing N N 189 
PHE CA  C    sing N N 190 
PHE CA  CB   sing N N 191 
PHE CA  HA   sing N N 192 
PHE C   O    doub N N 193 
PHE C   OXT  sing N N 194 
PHE CB  CG   sing N N 195 
PHE CB  HB2  sing N N 196 
PHE CB  HB3  sing N N 197 
PHE CG  CD1  doub Y N 198 
PHE CG  CD2  sing Y N 199 
PHE CD1 CE1  sing Y N 200 
PHE CD1 HD1  sing N N 201 
PHE CD2 CE2  doub Y N 202 
PHE CD2 HD2  sing N N 203 
PHE CE1 CZ   doub Y N 204 
PHE CE1 HE1  sing N N 205 
PHE CE2 CZ   sing Y N 206 
PHE CE2 HE2  sing N N 207 
PHE CZ  HZ   sing N N 208 
PHE OXT HXT  sing N N 209 
PRO N   CA   sing N N 210 
PRO N   CD   sing N N 211 
PRO N   H    sing N N 212 
PRO CA  C    sing N N 213 
PRO CA  CB   sing N N 214 
PRO CA  HA   sing N N 215 
PRO C   O    doub N N 216 
PRO C   OXT  sing N N 217 
PRO CB  CG   sing N N 218 
PRO CB  HB2  sing N N 219 
PRO CB  HB3  sing N N 220 
PRO CG  CD   sing N N 221 
PRO CG  HG2  sing N N 222 
PRO CG  HG3  sing N N 223 
PRO CD  HD2  sing N N 224 
PRO CD  HD3  sing N N 225 
PRO OXT HXT  sing N N 226 
SER N   CA   sing N N 227 
SER N   H    sing N N 228 
SER N   H2   sing N N 229 
SER CA  C    sing N N 230 
SER CA  CB   sing N N 231 
SER CA  HA   sing N N 232 
SER C   O    doub N N 233 
SER C   OXT  sing N N 234 
SER CB  OG   sing N N 235 
SER CB  HB2  sing N N 236 
SER CB  HB3  sing N N 237 
SER OG  HG   sing N N 238 
SER OXT HXT  sing N N 239 
THR N   CA   sing N N 240 
THR N   H    sing N N 241 
THR N   H2   sing N N 242 
THR CA  C    sing N N 243 
THR CA  CB   sing N N 244 
THR CA  HA   sing N N 245 
THR C   O    doub N N 246 
THR C   OXT  sing N N 247 
THR CB  OG1  sing N N 248 
THR CB  CG2  sing N N 249 
THR CB  HB   sing N N 250 
THR OG1 HG1  sing N N 251 
THR CG2 HG21 sing N N 252 
THR CG2 HG22 sing N N 253 
THR CG2 HG23 sing N N 254 
THR OXT HXT  sing N N 255 
TRP N   CA   sing N N 256 
TRP N   H    sing N N 257 
TRP N   H2   sing N N 258 
TRP CA  C    sing N N 259 
TRP CA  CB   sing N N 260 
TRP CA  HA   sing N N 261 
TRP C   O    doub N N 262 
TRP C   OXT  sing N N 263 
TRP CB  CG   sing N N 264 
TRP CB  HB2  sing N N 265 
TRP CB  HB3  sing N N 266 
TRP CG  CD1  doub Y N 267 
TRP CG  CD2  sing Y N 268 
TRP CD1 NE1  sing Y N 269 
TRP CD1 HD1  sing N N 270 
TRP CD2 CE2  doub Y N 271 
TRP CD2 CE3  sing Y N 272 
TRP NE1 CE2  sing Y N 273 
TRP NE1 HE1  sing N N 274 
TRP CE2 CZ2  sing Y N 275 
TRP CE3 CZ3  doub Y N 276 
TRP CE3 HE3  sing N N 277 
TRP CZ2 CH2  doub Y N 278 
TRP CZ2 HZ2  sing N N 279 
TRP CZ3 CH2  sing Y N 280 
TRP CZ3 HZ3  sing N N 281 
TRP CH2 HH2  sing N N 282 
TRP OXT HXT  sing N N 283 
TYR N   CA   sing N N 284 
TYR N   H    sing N N 285 
TYR N   H2   sing N N 286 
TYR CA  C    sing N N 287 
TYR CA  CB   sing N N 288 
TYR CA  HA   sing N N 289 
TYR C   O    doub N N 290 
TYR C   OXT  sing N N 291 
TYR CB  CG   sing N N 292 
TYR CB  HB2  sing N N 293 
TYR CB  HB3  sing N N 294 
TYR CG  CD1  doub Y N 295 
TYR CG  CD2  sing Y N 296 
TYR CD1 CE1  sing Y N 297 
TYR CD1 HD1  sing N N 298 
TYR CD2 CE2  doub Y N 299 
TYR CD2 HD2  sing N N 300 
TYR CE1 CZ   doub Y N 301 
TYR CE1 HE1  sing N N 302 
TYR CE2 CZ   sing Y N 303 
TYR CE2 HE2  sing N N 304 
TYR CZ  OH   sing N N 305 
TYR OH  HH   sing N N 306 
TYR OXT HXT  sing N N 307 
VAL N   CA   sing N N 308 
VAL N   H    sing N N 309 
VAL N   H2   sing N N 310 
VAL CA  C    sing N N 311 
VAL CA  CB   sing N N 312 
VAL CA  HA   sing N N 313 
VAL C   O    doub N N 314 
VAL C   OXT  sing N N 315 
VAL CB  CG1  sing N N 316 
VAL CB  CG2  sing N N 317 
VAL CB  HB   sing N N 318 
VAL CG1 HG11 sing N N 319 
VAL CG1 HG12 sing N N 320 
VAL CG1 HG13 sing N N 321 
VAL CG2 HG21 sing N N 322 
VAL CG2 HG22 sing N N 323 
VAL CG2 HG23 sing N N 324 
VAL OXT HXT  sing N N 325 
# 
_pdbx_audit_support.funding_organization   
'National Institutes of Health/National Institute Of Allergy and Infectious Diseases (NIH/NIAID)' 
_pdbx_audit_support.country                'United States' 
_pdbx_audit_support.grant_number           'Z01-ES102885, ZIA-ES102645,R01AI077653' 
_pdbx_audit_support.ordinal                1 
# 
_atom_sites.entry_id                    4ZCE 
_atom_sites.fract_transf_matrix[1][1]   -0.02613669 
_atom_sites.fract_transf_matrix[1][2]   0.02161636 
_atom_sites.fract_transf_matrix[1][3]   -0.02069580 
_atom_sites.fract_transf_matrix[2][1]   -0.01258687 
_atom_sites.fract_transf_matrix[2][2]   -0.00216046 
_atom_sites.fract_transf_matrix[2][3]   0.01363937 
_atom_sites.fract_transf_matrix[3][1]   0.00678069 
_atom_sites.fract_transf_matrix[3][2]   0.02186322 
_atom_sites.fract_transf_matrix[3][3]   0.00972056 
_atom_sites.fract_transf_vector[1]      0.244920 
_atom_sites.fract_transf_vector[2]      -0.003988 
_atom_sites.fract_transf_vector[3]      0.251010 
# 
loop_
_atom_type.symbol 
C 
H 
N 
O 
S 
# 
loop_
_atom_site.group_PDB 
_atom_site.id 
_atom_site.type_symbol 
_atom_site.label_atom_id 
_atom_site.label_alt_id 
_atom_site.label_comp_id 
_atom_site.label_asym_id 
_atom_site.label_entity_id 
_atom_site.label_seq_id 
_atom_site.pdbx_PDB_ins_code 
_atom_site.Cartn_x 
_atom_site.Cartn_y 
_atom_site.Cartn_z 
_atom_site.occupancy 
_atom_site.B_iso_or_equiv 
_atom_site.pdbx_formal_charge 
_atom_site.auth_seq_id 
_atom_site.auth_comp_id 
_atom_site.auth_asym_id 
_atom_site.auth_atom_id 
_atom_site.pdbx_PDB_model_num 
ATOM   1    N N    . THR A 1 3  ? 11.103  4.624   20.898  1.00 16.05 ? 43  THR A N    1 
ATOM   2    C CA   . THR A 1 3  ? 10.038  3.827   21.561  1.00 12.92 ? 43  THR A CA   1 
ATOM   3    C C    . THR A 1 3  ? 9.164   3.165   20.506  1.00 12.80 ? 43  THR A C    1 
ATOM   4    O O    . THR A 1 3  ? 8.857   3.783   19.488  1.00 16.67 ? 43  THR A O    1 
ATOM   5    C CB   . THR A 1 3  ? 9.204   4.731   22.483  1.00 14.56 ? 43  THR A CB   1 
ATOM   6    O OG1  . THR A 1 3  ? 10.094  5.421   23.386  1.00 14.65 ? 43  THR A OG1  1 
ATOM   7    C CG2  . THR A 1 3  ? 8.245   3.936   23.281  1.00 16.81 ? 43  THR A CG2  1 
ATOM   8    H HA   . THR A 1 3  ? 10.445  3.132   22.101  1.00 15.50 ? 43  THR A HA   1 
ATOM   9    H HB   . THR A 1 3  ? 8.710   5.376   21.953  1.00 17.48 ? 43  THR A HB   1 
ATOM   10   H HG1  . THR A 1 3  ? 10.638  5.889   22.950  1.00 17.58 ? 43  THR A HG1  1 
ATOM   11   H HG21 . THR A 1 3  ? 7.728   4.520   23.856  1.00 20.17 ? 43  THR A HG21 1 
ATOM   12   H HG22 . THR A 1 3  ? 7.640   3.458   22.692  1.00 20.17 ? 43  THR A HG22 1 
ATOM   13   H HG23 . THR A 1 3  ? 8.723   3.294   23.829  1.00 20.17 ? 43  THR A HG23 1 
ATOM   14   N N    . LYS A 1 4  ? 8.805   1.920   20.795  1.00 16.72 ? 44  LYS A N    1 
ATOM   15   C CA   . LYS A 1 4  ? 7.867   1.138   19.933  1.00 17.71 ? 44  LYS A CA   1 
ATOM   16   C C    . LYS A 1 4  ? 6.620   1.964   19.597  1.00 18.40 ? 44  LYS A C    1 
ATOM   17   O O    . LYS A 1 4  ? 6.073   2.670   20.458  1.00 16.46 ? 44  LYS A O    1 
ATOM   18   C CB   . LYS A 1 4  ? 7.505   -0.155  20.631  1.00 22.54 ? 44  LYS A CB   1 
ATOM   19   C CG   . LYS A 1 4  ? 6.655   -1.088  19.910  1.00 32.81 ? 44  LYS A CG   1 
ATOM   20   H H    . LYS A 1 4  ? 9.083   1.487   21.484  1.00 20.07 ? 44  LYS A H    1 
ATOM   21   H HA   . LYS A 1 4  ? 8.313   0.915   19.102  1.00 21.25 ? 44  LYS A HA   1 
ATOM   22   H HB2  . LYS A 1 4  ? 8.328   -0.625  20.841  1.00 27.05 ? 44  LYS A HB2  1 
ATOM   23   H HB3  . LYS A 1 4  ? 7.046   0.067   21.457  1.00 27.05 ? 44  LYS A HB3  1 
ATOM   24   H HG2  . LYS A 1 4  ? 5.780   -0.688  19.786  1.00 39.37 ? 44  LYS A HG2  1 
ATOM   25   H HG3  . LYS A 1 4  ? 7.056   -1.280  19.047  1.00 39.37 ? 44  LYS A HG3  1 
ATOM   26   N N    . PHE A 1 5  ? 6.240   1.989   18.328  1.00 17.81 ? 45  PHE A N    1 
ATOM   27   C CA   . PHE A 1 5  ? 4.969   2.553   17.902  1.00 15.10 ? 45  PHE A CA   1 
ATOM   28   C C    . PHE A 1 5  ? 3.839   2.087   18.753  1.00 12.05 ? 45  PHE A C    1 
ATOM   29   O O    . PHE A 1 5  ? 3.695   0.912   19.025  1.00 16.84 ? 45  PHE A O    1 
ATOM   30   C CB   . PHE A 1 5  ? 4.692   2.233   16.428  1.00 18.57 ? 45  PHE A CB   1 
ATOM   31   C CG   . PHE A 1 5  ? 3.500   2.897   15.904  1.00 13.15 ? 45  PHE A CG   1 
ATOM   32   C CD1  . PHE A 1 5  ? 2.363   2.212   15.890  1.00 15.97 ? 45  PHE A CD1  1 
ATOM   33   C CD2  . PHE A 1 5  ? 3.475   4.210   15.508  1.00 13.92 ? 45  PHE A CD2  1 
ATOM   34   C CE1  . PHE A 1 5  ? 1.204   2.795   15.370  1.00 12.22 ? 45  PHE A CE1  1 
ATOM   35   C CE2  . PHE A 1 5  ? 2.338   4.795   15.063  1.00 16.18 ? 45  PHE A CE2  1 
ATOM   36   C CZ   . PHE A 1 5  ? 1.218   4.074   14.975  1.00 14.90 ? 45  PHE A CZ   1 
ATOM   37   H H    . PHE A 1 5  ? 6.712   1.678   17.680  1.00 21.37 ? 45  PHE A H    1 
ATOM   38   H HA   . PHE A 1 5  ? 5.018   3.518   17.987  1.00 18.12 ? 45  PHE A HA   1 
ATOM   39   H HB2  . PHE A 1 5  ? 5.451   2.521   15.896  1.00 22.28 ? 45  PHE A HB2  1 
ATOM   40   H HB3  . PHE A 1 5  ? 4.566   1.276   16.332  1.00 22.28 ? 45  PHE A HB3  1 
ATOM   41   H HD1  . PHE A 1 5  ? 2.359   1.316   16.138  1.00 19.17 ? 45  PHE A HD1  1 
ATOM   42   H HD2  . PHE A 1 5  ? 4.258   4.709   15.544  1.00 16.70 ? 45  PHE A HD2  1 
ATOM   43   H HE1  . PHE A 1 5  ? 0.411   2.309   15.343  1.00 14.66 ? 45  PHE A HE1  1 
ATOM   44   H HE2  . PHE A 1 5  ? 2.350   5.678   14.770  1.00 19.41 ? 45  PHE A HE2  1 
ATOM   45   H HZ   . PHE A 1 5  ? 0.436   4.471   14.666  1.00 17.88 ? 45  PHE A HZ   1 
ATOM   46   N N    . GLU A 1 6  ? 2.993   3.052   19.212  1.00 12.60 ? 46  GLU A N    1 
ATOM   47   C CA   . GLU A 1 6  ? 1.805   2.729   19.994  1.00 13.87 ? 46  GLU A CA   1 
ATOM   48   C C    . GLU A 1 6  ? 0.548   3.037   19.170  1.00 13.63 ? 46  GLU A C    1 
ATOM   49   O O    . GLU A 1 6  ? 0.363   4.161   18.689  1.00 14.79 ? 46  GLU A O    1 
ATOM   50   C CB   . GLU A 1 6  ? 1.811   3.528   21.302  1.00 14.63 ? 46  GLU A CB   1 
ATOM   51   C CG   . GLU A 1 6  ? 0.734   3.113   22.288  1.00 14.59 ? 46  GLU A CG   1 
ATOM   52   C CD   . GLU A 1 6  ? 1.023   1.795   22.981  1.00 18.72 ? 46  GLU A CD   1 
ATOM   53   O OE1  . GLU A 1 6  ? 2.182   1.341   22.959  1.00 19.24 ? 46  GLU A OE1  1 
ATOM   54   O OE2  . GLU A 1 6  ? 0.086   1.203   23.576  1.00 19.45 ? 46  GLU A OE2  1 
ATOM   55   H H    . GLU A 1 6  ? 3.100   3.895   19.075  1.00 15.12 ? 46  GLU A H    1 
ATOM   56   H HA   . GLU A 1 6  ? 1.807   1.784   20.211  1.00 16.65 ? 46  GLU A HA   1 
ATOM   57   H HB2  . GLU A 1 6  ? 2.671   3.409   21.735  1.00 17.55 ? 46  GLU A HB2  1 
ATOM   58   H HB3  . GLU A 1 6  ? 1.676   4.466   21.094  1.00 17.55 ? 46  GLU A HB3  1 
ATOM   59   H HG2  . GLU A 1 6  ? 0.654   3.797   22.971  1.00 17.51 ? 46  GLU A HG2  1 
ATOM   60   H HG3  . GLU A 1 6  ? -0.107  3.021   21.814  1.00 17.51 ? 46  GLU A HG3  1 
ATOM   61   N N    . CYS A 1 7  ? -0.321  2.040   19.031  1.00 13.73 ? 47  CYS A N    1 
ATOM   62   C CA   . CYS A 1 7  ? -1.559  2.200   18.272  1.00 14.44 ? 47  CYS A CA   1 
ATOM   63   C C    . CYS A 1 7  ? -2.470  3.243   18.905  1.00 16.01 ? 47  CYS A C    1 
ATOM   64   O O    . CYS A 1 7  ? -2.773  3.140   20.099  1.00 16.98 ? 47  CYS A O    1 
ATOM   65   C CB   . CYS A 1 7  ? -2.311  0.874   18.194  1.00 13.40 ? 47  CYS A CB   1 
ATOM   66   S SG   . CYS A 1 7  ? -1.569  -0.262  17.011  1.00 16.62 ? 47  CYS A SG   1 
ATOM   67   H H    . CYS A 1 7  ? -0.217  1.256   19.369  1.00 16.47 ? 47  CYS A H    1 
ATOM   68   H HA   . CYS A 1 7  ? -1.348  2.486   17.369  1.00 17.33 ? 47  CYS A HA   1 
ATOM   69   H HB2  . CYS A 1 7  ? -2.299  0.451   19.066  1.00 16.07 ? 47  CYS A HB2  1 
ATOM   70   H HB3  . CYS A 1 7  ? -3.225  1.043   17.917  1.00 16.07 ? 47  CYS A HB3  1 
ATOM   71   N N    . PRO A 1 8  ? -2.905  4.248   18.119  1.00 14.49 ? 48  PRO A N    1 
ATOM   72   C CA   . PRO A 1 8  ? -3.883  5.220   18.635  1.00 15.43 ? 48  PRO A CA   1 
ATOM   73   C C    . PRO A 1 8  ? -5.327  4.712   18.624  1.00 19.12 ? 48  PRO A C    1 
ATOM   74   O O    . PRO A 1 8  ? -6.178  5.234   19.346  1.00 24.71 ? 48  PRO A O    1 
ATOM   75   C CB   . PRO A 1 8  ? -3.741  6.400   17.681  1.00 24.53 ? 48  PRO A CB   1 
ATOM   76   C CG   . PRO A 1 8  ? -2.434  6.218   17.019  1.00 24.57 ? 48  PRO A CG   1 
ATOM   77   C CD   . PRO A 1 8  ? -2.309  4.727   16.863  1.00 14.62 ? 48  PRO A CD   1 
ATOM   78   H HA   . PRO A 1 8  ? -3.644  5.498   19.533  1.00 18.52 ? 48  PRO A HA   1 
ATOM   79   H HB2  . PRO A 1 8  ? -4.460  6.381   17.030  1.00 29.44 ? 48  PRO A HB2  1 
ATOM   80   H HB3  . PRO A 1 8  ? -3.757  7.229   18.184  1.00 29.44 ? 48  PRO A HB3  1 
ATOM   81   H HG2  . PRO A 1 8  ? -2.438  6.657   16.154  1.00 29.48 ? 48  PRO A HG2  1 
ATOM   82   H HG3  . PRO A 1 8  ? -1.727  6.568   17.583  1.00 29.48 ? 48  PRO A HG3  1 
ATOM   83   H HD2  . PRO A 1 8  ? -2.821  4.418   16.100  1.00 17.54 ? 48  PRO A HD2  1 
ATOM   84   H HD3  . PRO A 1 8  ? -1.377  4.466   16.804  1.00 17.54 ? 48  PRO A HD3  1 
ATOM   85   N N    . SER A 1 9  ? -5.595  3.687   17.824  1.00 18.59 ? 49  SER A N    1 
ATOM   86   C CA   . SER A 1 9  ? -6.917  3.096   17.757  1.00 18.01 ? 49  SER A CA   1 
ATOM   87   C C    . SER A 1 9  ? -6.768  1.593   17.677  1.00 18.39 ? 49  SER A C    1 
ATOM   88   O O    . SER A 1 9  ? -5.711  1.083   17.322  1.00 15.78 ? 49  SER A O    1 
ATOM   89   C CB   . SER A 1 9  ? -7.667  3.622   16.530  1.00 21.89 ? 49  SER A CB   1 
ATOM   90   O OG   . SER A 1 9  ? -7.579  5.035   16.454  1.00 33.82 ? 49  SER A OG   1 
ATOM   91   H H    . SER A 1 9  ? -5.019  3.313   17.306  1.00 22.31 ? 49  SER A H    1 
ATOM   92   H HA   . SER A 1 9  ? -7.421  3.321   18.554  1.00 21.61 ? 49  SER A HA   1 
ATOM   93   H HB2  . SER A 1 9  ? -7.273  3.237   15.731  1.00 26.27 ? 49  SER A HB2  1 
ATOM   94   H HB3  . SER A 1 9  ? -8.600  3.366   16.597  1.00 26.27 ? 49  SER A HB3  1 
ATOM   95   H HG   . SER A 1 9  ? -7.994  5.313   15.779  1.00 40.58 ? 49  SER A HG   1 
ATOM   96   N N    . ARG A 1 10 ? -7.851  0.896   17.952  1.00 15.56 ? 50  ARG A N    1 
ATOM   97   C CA   . ARG A 1 10 ? -7.863  -0.536  17.966  1.00 16.19 ? 50  ARG A CA   1 
ATOM   98   C C    . ARG A 1 10 ? -7.507  -1.086  16.579  1.00 15.33 ? 50  ARG A C    1 
ATOM   99   O O    . ARG A 1 10 ? -6.794  -2.015  16.465  1.00 16.34 ? 50  ARG A O    1 
ATOM   100  C CB   . ARG A 1 10 ? -9.253  -1.050  18.424  1.00 20.15 ? 50  ARG A CB   1 
ATOM   101  C CG   . ARG A 1 10 ? -9.371  -2.523  18.471  1.00 21.06 ? 50  ARG A CG   1 
ATOM   102  C CD   . ARG A 1 10 ? -10.758 -2.931  18.955  1.00 27.99 ? 50  ARG A CD   1 
ATOM   103  N NE   . ARG A 1 10 ? -10.822 -4.346  19.031  1.00 33.55 ? 50  ARG A NE   1 
ATOM   104  C CZ   . ARG A 1 10 ? -11.930 -5.029  18.813  1.00 58.69 ? 50  ARG A CZ   1 
ATOM   105  N NH1  . ARG A 1 10 ? -13.065 -4.395  18.525  1.00 54.07 ? 50  ARG A NH1  1 
ATOM   106  N NH2  . ARG A 1 10 ? -11.889 -6.329  18.869  1.00 52.03 ? 50  ARG A NH2  1 
ATOM   107  H H    . ARG A 1 10 ? -8.612  1.248   18.139  1.00 18.68 ? 50  ARG A H    1 
ATOM   108  H HA   . ARG A 1 10 ? -7.200  -0.855  18.597  1.00 19.43 ? 50  ARG A HA   1 
ATOM   109  H HB2  . ARG A 1 10 ? -9.430  -0.711  19.316  1.00 24.18 ? 50  ARG A HB2  1 
ATOM   110  H HB3  . ARG A 1 10 ? -9.925  -0.720  17.808  1.00 24.18 ? 50  ARG A HB3  1 
ATOM   111  H HG2  . ARG A 1 10 ? -9.236  -2.886  17.582  1.00 25.27 ? 50  ARG A HG2  1 
ATOM   112  H HG3  . ARG A 1 10 ? -8.713  -2.880  19.087  1.00 25.27 ? 50  ARG A HG3  1 
ATOM   113  H HD2  . ARG A 1 10 ? -10.919 -2.564  19.838  1.00 33.59 ? 50  ARG A HD2  1 
ATOM   114  H HD3  . ARG A 1 10 ? -11.429 -2.622  18.326  1.00 33.59 ? 50  ARG A HD3  1 
ATOM   115  H HE   . ARG A 1 10 ? -10.158 -4.760  19.387  1.00 40.27 ? 50  ARG A HE   1 
ATOM   116  H HH11 . ARG A 1 10 ? -13.078 -3.536  18.478  1.00 64.89 ? 50  ARG A HH11 1 
ATOM   117  H HH12 . ARG A 1 10 ? -13.785 -4.844  18.385  1.00 64.89 ? 50  ARG A HH12 1 
ATOM   118  H HH21 . ARG A 1 10 ? -11.152 -6.728  19.061  1.00 62.44 ? 50  ARG A HH21 1 
ATOM   119  H HH22 . ARG A 1 10 ? -12.605 -6.787  18.741  1.00 62.44 ? 50  ARG A HH22 1 
ATOM   120  N N    . PHE A 1 11 ? -8.117  -0.477  15.582  1.00 16.78 ? 51  PHE A N    1 
ATOM   121  C CA   . PHE A 1 11 ? -7.905  -0.770  14.166  1.00 18.50 ? 51  PHE A CA   1 
ATOM   122  C C    . PHE A 1 11 ? -7.589  0.528   13.461  1.00 17.50 ? 51  PHE A C    1 
ATOM   123  O O    . PHE A 1 11 ? -8.195  1.559   13.737  1.00 19.73 ? 51  PHE A O    1 
ATOM   124  C CB   . PHE A 1 11 ? -9.158  -1.396  13.547  1.00 16.18 ? 51  PHE A CB   1 
ATOM   125  C CG   . PHE A 1 11 ? -9.507  -2.722  14.137  1.00 21.08 ? 51  PHE A CG   1 
ATOM   126  C CD1  . PHE A 1 11 ? -8.766  -3.840  13.833  1.00 23.29 ? 51  PHE A CD1  1 
ATOM   127  C CD2  . PHE A 1 11 ? -10.564 -2.843  15.022  1.00 24.03 ? 51  PHE A CD2  1 
ATOM   128  C CE1  . PHE A 1 11 ? -9.073  -5.064  14.388  1.00 32.05 ? 51  PHE A CE1  1 
ATOM   129  C CE2  . PHE A 1 11 ? -10.876 -4.067  15.572  1.00 24.21 ? 51  PHE A CE2  1 
ATOM   130  C CZ   . PHE A 1 11 ? -10.128 -5.176  15.255  1.00 24.15 ? 51  PHE A CZ   1 
ATOM   131  H H    . PHE A 1 11 ? -8.693  0.150   15.705  1.00 20.13 ? 51  PHE A H    1 
ATOM   132  H HA   . PHE A 1 11 ? -7.158  -1.380  14.058  1.00 22.20 ? 51  PHE A HA   1 
ATOM   133  H HB2  . PHE A 1 11 ? -9.910  -0.799  13.688  1.00 19.42 ? 51  PHE A HB2  1 
ATOM   134  H HB3  . PHE A 1 11 ? -9.010  -1.522  12.596  1.00 19.42 ? 51  PHE A HB3  1 
ATOM   135  H HD1  . PHE A 1 11 ? -8.049  -3.770  13.246  1.00 27.95 ? 51  PHE A HD1  1 
ATOM   136  H HD2  . PHE A 1 11 ? -11.072 -2.095  15.240  1.00 28.84 ? 51  PHE A HD2  1 
ATOM   137  H HE1  . PHE A 1 11 ? -8.569  -5.814  14.170  1.00 38.46 ? 51  PHE A HE1  1 
ATOM   138  H HE2  . PHE A 1 11 ? -11.590 -4.142  16.162  1.00 29.06 ? 51  PHE A HE2  1 
ATOM   139  H HZ   . PHE A 1 11 ? -10.339 -6.002  15.627  1.00 28.98 ? 51  PHE A HZ   1 
ATOM   140  N N    . GLY A 1 12 ? -6.635  0.500   12.540  1.00 15.20 ? 52  GLY A N    1 
ATOM   141  C CA   . GLY A 1 12 ? -6.336  1.699   11.792  1.00 18.07 ? 52  GLY A CA   1 
ATOM   142  C C    . GLY A 1 12 ? -5.046  1.621   11.012  1.00 12.02 ? 52  GLY A C    1 
ATOM   143  O O    . GLY A 1 12 ? -4.244  0.695   11.195  1.00 14.84 ? 52  GLY A O    1 
ATOM   144  H H    . GLY A 1 12 ? -6.160  -0.187  12.336  1.00 18.24 ? 52  GLY A H    1 
ATOM   145  H HA2  . GLY A 1 12 ? -7.058  1.875   11.168  1.00 21.68 ? 52  GLY A HA2  1 
ATOM   146  H HA3  . GLY A 1 12 ? -6.275  2.449   12.404  1.00 21.68 ? 52  GLY A HA3  1 
ATOM   147  N N    . TYR A 1 13 ? -4.874  2.605   10.138  1.00 15.34 ? 53  TYR A N    1 
ATOM   148  C CA   . TYR A 1 13 ? -3.691  2.767   9.311   1.00 13.61 ? 53  TYR A CA   1 
ATOM   149  C C    . TYR A 1 13 ? -3.090  4.110   9.664   1.00 15.84 ? 53  TYR A C    1 
ATOM   150  O O    . TYR A 1 13 ? -3.788  5.127   9.624   1.00 19.66 ? 53  TYR A O    1 
ATOM   151  C CB   . TYR A 1 13 ? -4.068  2.773   7.827   1.00 12.80 ? 53  TYR A CB   1 
ATOM   152  C CG   . TYR A 1 13 ? -4.517  1.431   7.311   1.00 15.20 ? 53  TYR A CG   1 
ATOM   153  C CD1  . TYR A 1 13 ? -5.787  0.943   7.601   1.00 18.17 ? 53  TYR A CD1  1 
ATOM   154  C CD2  . TYR A 1 13 ? -3.675  0.648   6.540   1.00 16.50 ? 53  TYR A CD2  1 
ATOM   155  C CE1  . TYR A 1 13 ? -6.193  -0.304  7.139   1.00 18.48 ? 53  TYR A CE1  1 
ATOM   156  C CE2  . TYR A 1 13 ? -4.073  -0.602  6.074   1.00 15.93 ? 53  TYR A CE2  1 
ATOM   157  C CZ   . TYR A 1 13 ? -5.329  -1.066  6.374   1.00 23.05 ? 53  TYR A CZ   1 
ATOM   158  O OH   . TYR A 1 13 ? -5.697  -2.306  5.899   1.00 22.30 ? 53  TYR A OH   1 
ATOM   159  H H    . TYR A 1 13 ? -5.461  3.219   10.002  1.00 18.41 ? 53  TYR A H    1 
ATOM   160  H HA   . TYR A 1 13 ? -3.049  2.063   9.486   1.00 16.33 ? 53  TYR A HA   1 
ATOM   161  H HB2  . TYR A 1 13 ? -4.796  3.401   7.691   1.00 15.36 ? 53  TYR A HB2  1 
ATOM   162  H HB3  . TYR A 1 13 ? -3.295  3.047   7.309   1.00 15.36 ? 53  TYR A HB3  1 
ATOM   163  H HD1  . TYR A 1 13 ? -6.366  1.452   8.121   1.00 21.81 ? 53  TYR A HD1  1 
ATOM   164  H HD2  . TYR A 1 13 ? -2.821  0.957   6.340   1.00 19.80 ? 53  TYR A HD2  1 
ATOM   165  H HE1  . TYR A 1 13 ? -7.044  -0.622  7.341   1.00 22.17 ? 53  TYR A HE1  1 
ATOM   166  H HE2  . TYR A 1 13 ? -3.495  -1.116  5.559   1.00 19.11 ? 53  TYR A HE2  1 
ATOM   167  H HH   . TYR A 1 13 ? -5.069  -2.642  5.454   1.00 26.76 ? 53  TYR A HH   1 
ATOM   168  N N    . PHE A 1 14 ? -1.804  4.114   10.010  1.00 10.87 ? 54  PHE A N    1 
ATOM   169  C CA   . PHE A 1 14 ? -1.145  5.307   10.528  1.00 14.18 ? 54  PHE A CA   1 
ATOM   170  C C    . PHE A 1 14 ? 0.205   5.562   9.906   1.00 13.67 ? 54  PHE A C    1 
ATOM   171  O O    . PHE A 1 14 ? 0.952   4.649   9.569   1.00 12.14 ? 54  PHE A O    1 
ATOM   172  C CB   . PHE A 1 14 ? -0.995  5.197   12.042  1.00 13.27 ? 54  PHE A CB   1 
ATOM   173  C CG   . PHE A 1 14 ? -2.298  4.963   12.738  1.00 14.61 ? 54  PHE A CG   1 
ATOM   174  C CD1  . PHE A 1 14 ? -3.124  6.023   13.044  1.00 20.32 ? 54  PHE A CD1  1 
ATOM   175  C CD2  . PHE A 1 14 ? -2.722  3.682   13.037  1.00 13.54 ? 54  PHE A CD2  1 
ATOM   176  C CE1  . PHE A 1 14 ? -4.335  5.803   13.661  1.00 23.76 ? 54  PHE A CE1  1 
ATOM   177  C CE2  . PHE A 1 14 ? -3.927  3.468   13.652  1.00 17.65 ? 54  PHE A CE2  1 
ATOM   178  C CZ   . PHE A 1 14 ? -4.733  4.526   13.956  1.00 15.20 ? 54  PHE A CZ   1 
ATOM   179  H H    . PHE A 1 14 ? -1.287  3.429   9.954   1.00 13.05 ? 54  PHE A H    1 
ATOM   180  H HA   . PHE A 1 14 ? -1.705  6.077   10.341  1.00 17.02 ? 54  PHE A HA   1 
ATOM   181  H HB2  . PHE A 1 14 ? -0.407  4.454   12.248  1.00 15.92 ? 54  PHE A HB2  1 
ATOM   182  H HB3  . PHE A 1 14 ? -0.617  6.023   12.383  1.00 15.92 ? 54  PHE A HB3  1 
ATOM   183  H HD1  . PHE A 1 14 ? -2.858  6.891   12.840  1.00 24.39 ? 54  PHE A HD1  1 
ATOM   184  H HD2  . PHE A 1 14 ? -2.178  2.957   12.827  1.00 16.25 ? 54  PHE A HD2  1 
ATOM   185  H HE1  . PHE A 1 14 ? -4.886  6.523   13.873  1.00 28.51 ? 54  PHE A HE1  1 
ATOM   186  H HE2  . PHE A 1 14 ? -4.198  2.603   13.856  1.00 21.17 ? 54  PHE A HE2  1 
ATOM   187  H HZ   . PHE A 1 14 ? -5.548  4.381   14.379  1.00 18.24 ? 54  PHE A HZ   1 
ATOM   188  N N    . ALA A 1 15 ? 0.514   6.838   9.758   1.00 14.20 ? 55  ALA A N    1 
ATOM   189  C CA   . ALA A 1 15 ? 1.780   7.247   9.204   1.00 10.93 ? 55  ALA A CA   1 
ATOM   190  C C    . ALA A 1 15 ? 2.938   6.773   10.065  1.00 14.02 ? 55  ALA A C    1 
ATOM   191  O O    . ALA A 1 15 ? 2.818   6.655   11.290  1.00 14.64 ? 55  ALA A O    1 
ATOM   192  C CB   . ALA A 1 15 ? 1.819   8.743   9.082   1.00 13.98 ? 55  ALA A CB   1 
ATOM   193  H H    . ALA A 1 15 ? -0.002  7.491   9.975   1.00 17.04 ? 55  ALA A H    1 
ATOM   194  H HA   . ALA A 1 15 ? 1.882   6.865   8.318   1.00 13.11 ? 55  ALA A HA   1 
ATOM   195  H HB1  . ALA A 1 15 ? 2.674   9.006   8.709   1.00 16.78 ? 55  ALA A HB1  1 
ATOM   196  H HB2  . ALA A 1 15 ? 1.100   9.030   8.499   1.00 16.78 ? 55  ALA A HB2  1 
ATOM   197  H HB3  . ALA A 1 15 ? 1.707   9.134   9.963   1.00 16.78 ? 55  ALA A HB3  1 
ATOM   198  N N    . ASP A 1 16 ? 4.059   6.520   9.399   1.00 12.63 ? 56  ASP A N    1 
ATOM   199  C CA   . ASP A 1 16 ? 5.341   6.346   10.062  1.00 15.07 ? 56  ASP A CA   1 
ATOM   200  C C    . ASP A 1 16 ? 6.040   7.704   10.051  1.00 14.57 ? 56  ASP A C    1 
ATOM   201  O O    . ASP A 1 16 ? 6.514   8.144   9.009   1.00 15.26 ? 56  ASP A O    1 
ATOM   202  C CB   . ASP A 1 16 ? 6.186   5.301   9.330   1.00 12.24 ? 56  ASP A CB   1 
ATOM   203  C CG   . ASP A 1 16 ? 7.531   5.073   9.986   1.00 15.16 ? 56  ASP A CG   1 
ATOM   204  O OD1  . ASP A 1 16 ? 7.898   5.858   10.888  1.00 15.76 ? 56  ASP A OD1  1 
ATOM   205  O OD2  . ASP A 1 16 ? 8.235   4.119   9.596   1.00 14.38 ? 56  ASP A OD2  1 
ATOM   206  H H    . ASP A 1 16 ? 4.102   6.444   8.544   1.00 15.16 ? 56  ASP A H    1 
ATOM   207  H HA   . ASP A 1 16 ? 5.208   6.064   10.981  1.00 18.08 ? 56  ASP A HA   1 
ATOM   208  H HB2  . ASP A 1 16 ? 5.709   4.457   9.323   1.00 14.69 ? 56  ASP A HB2  1 
ATOM   209  H HB3  . ASP A 1 16 ? 6.343   5.601   8.420   1.00 14.69 ? 56  ASP A HB3  1 
ATOM   210  N N    . PRO A 1 17 ? 6.130   8.376   11.214  1.00 18.33 ? 57  PRO A N    1 
ATOM   211  C CA   . PRO A 1 17 ? 6.761   9.703   11.242  1.00 21.69 ? 57  PRO A CA   1 
ATOM   212  C C    . PRO A 1 17 ? 8.246   9.714   10.844  1.00 17.63 ? 57  PRO A C    1 
ATOM   213  O O    . PRO A 1 17 ? 8.787   10.793  10.582  1.00 24.12 ? 57  PRO A O    1 
ATOM   214  C CB   . PRO A 1 17 ? 6.587   10.148  12.705  1.00 22.73 ? 57  PRO A CB   1 
ATOM   215  C CG   . PRO A 1 17 ? 6.226   8.918   13.464  1.00 27.77 ? 57  PRO A CG   1 
ATOM   216  C CD   . PRO A 1 17 ? 5.546   8.008   12.514  1.00 26.00 ? 57  PRO A CD   1 
ATOM   217  H HA   . PRO A 1 17 ? 6.276   10.313  10.665  1.00 26.02 ? 57  PRO A HA   1 
ATOM   218  H HB2  . PRO A 1 17 ? 7.421   10.518  13.033  1.00 27.27 ? 57  PRO A HB2  1 
ATOM   219  H HB3  . PRO A 1 17 ? 5.876   10.805  12.762  1.00 27.27 ? 57  PRO A HB3  1 
ATOM   220  H HG2  . PRO A 1 17 ? 7.033   8.505   13.809  1.00 33.32 ? 57  PRO A HG2  1 
ATOM   221  H HG3  . PRO A 1 17 ? 5.630   9.154   14.193  1.00 33.32 ? 57  PRO A HG3  1 
ATOM   222  H HD2  . PRO A 1 17 ? 5.749   7.084   12.727  1.00 31.21 ? 57  PRO A HD2  1 
ATOM   223  H HD3  . PRO A 1 17 ? 4.590   8.171   12.514  1.00 31.21 ? 57  PRO A HD3  1 
ATOM   224  N N    . LYS A 1 18 ? 8.885   8.547   10.783  1.00 14.66 ? 58  LYS A N    1 
ATOM   225  C CA   . LYS A 1 18 ? 10.316  8.461   10.461  1.00 14.66 ? 58  LYS A CA   1 
ATOM   226  C C    . LYS A 1 18 ? 10.596  8.231   8.981   1.00 16.67 ? 58  LYS A C    1 
ATOM   227  O O    . LYS A 1 18 ? 11.724  8.426   8.520   1.00 16.05 ? 58  LYS A O    1 
ATOM   228  C CB   . LYS A 1 18 ? 10.970  7.315   11.227  1.00 18.47 ? 58  LYS A CB   1 
ATOM   229  C CG   . LYS A 1 18 ? 11.108  7.544   12.731  1.00 30.25 ? 58  LYS A CG   1 
ATOM   230  C CD   . LYS A 1 18 ? 12.106  6.570   13.365  1.00 39.08 ? 58  LYS A CD   1 
ATOM   231  H H    . LYS A 1 18 ? 8.514   7.785   10.925  1.00 17.60 ? 58  LYS A H    1 
ATOM   232  H HA   . LYS A 1 18 ? 10.750  9.287   10.724  1.00 17.60 ? 58  LYS A HA   1 
ATOM   233  H HB2  . LYS A 1 18 ? 10.438  6.515   11.099  1.00 22.16 ? 58  LYS A HB2  1 
ATOM   234  H HB3  . LYS A 1 18 ? 11.861  7.174   10.870  1.00 22.16 ? 58  LYS A HB3  1 
ATOM   235  H HG2  . LYS A 1 18 ? 11.424  8.447   12.889  1.00 36.30 ? 58  LYS A HG2  1 
ATOM   236  H HG3  . LYS A 1 18 ? 10.245  7.411   13.154  1.00 36.30 ? 58  LYS A HG3  1 
ATOM   237  H HD2  . LYS A 1 18 ? 12.813  6.383   12.728  1.00 46.90 ? 58  LYS A HD2  1 
ATOM   238  H HD3  . LYS A 1 18 ? 12.478  6.976   14.163  1.00 46.90 ? 58  LYS A HD3  1 
ATOM   239  N N    . ASP A 1 19 ? 9.587   7.782   8.245   1.00 15.01 ? 59  ASP A N    1 
ATOM   240  C CA   . ASP A 1 19 ? 9.783   7.380   6.859   1.00 15.01 ? 59  ASP A CA   1 
ATOM   241  C C    . ASP A 1 19 ? 8.484   7.566   6.068   1.00 13.40 ? 59  ASP A C    1 
ATOM   242  O O    . ASP A 1 19 ? 7.494   6.930   6.370   1.00 13.08 ? 59  ASP A O    1 
ATOM   243  C CB   . ASP A 1 19 ? 10.233  5.921   6.821   1.00 12.87 ? 59  ASP A CB   1 
ATOM   244  C CG   . ASP A 1 19 ? 10.691  5.477   5.461   1.00 14.87 ? 59  ASP A CG   1 
ATOM   245  O OD1  . ASP A 1 19 ? 10.243  6.047   4.436   1.00 15.20 ? 59  ASP A OD1  1 
ATOM   246  O OD2  . ASP A 1 19 ? 11.502  4.524   5.417   1.00 18.49 ? 59  ASP A OD2  1 
ATOM   247  H H    . ASP A 1 19 ? 8.778   7.700   8.525   1.00 18.01 ? 59  ASP A H    1 
ATOM   248  H HA   . ASP A 1 19 ? 10.473  7.929   6.454   1.00 18.01 ? 59  ASP A HA   1 
ATOM   249  H HB2  . ASP A 1 19 ? 10.973  5.804   7.438   1.00 15.44 ? 59  ASP A HB2  1 
ATOM   250  H HB3  . ASP A 1 19 ? 9.491   5.356   7.085   1.00 15.44 ? 59  ASP A HB3  1 
ATOM   251  N N    . PRO A 1 20 ? 8.480   8.454   5.062   1.00 13.71 ? 60  PRO A N    1 
ATOM   252  C CA   . PRO A 1 20 ? 7.245   8.682   4.303   1.00 12.56 ? 60  PRO A CA   1 
ATOM   253  C C    . PRO A 1 20 ? 6.860   7.504   3.408   1.00 12.26 ? 60  PRO A C    1 
ATOM   254  O O    . PRO A 1 20 ? 5.783   7.528   2.816   1.00 14.68 ? 60  PRO A O    1 
ATOM   255  C CB   . PRO A 1 20 ? 7.595   9.893   3.441   1.00 13.00 ? 60  PRO A CB   1 
ATOM   256  C CG   . PRO A 1 20 ? 9.075   9.769   3.225   1.00 15.05 ? 60  PRO A CG   1 
ATOM   257  C CD   . PRO A 1 20 ? 9.610   9.238   4.517   1.00 14.50 ? 60  PRO A CD   1 
ATOM   258  H HA   . PRO A 1 20 ? 6.510   8.901   4.896   1.00 15.08 ? 60  PRO A HA   1 
ATOM   259  H HB2  . PRO A 1 20 ? 7.117   9.847   2.598   1.00 15.60 ? 60  PRO A HB2  1 
ATOM   260  H HB3  . PRO A 1 20 ? 7.382   10.710  3.917   1.00 15.60 ? 60  PRO A HB3  1 
ATOM   261  H HG2  . PRO A 1 20 ? 9.249   9.148   2.500   1.00 18.06 ? 60  PRO A HG2  1 
ATOM   262  H HG3  . PRO A 1 20 ? 9.451   10.641  3.030   1.00 18.06 ? 60  PRO A HG3  1 
ATOM   263  H HD2  . PRO A 1 20 ? 10.373  8.662   4.355   1.00 17.40 ? 60  PRO A HD2  1 
ATOM   264  H HD3  . PRO A 1 20 ? 9.834   9.968   5.115   1.00 17.40 ? 60  PRO A HD3  1 
ATOM   265  N N    . HIS A 1 21 ? 7.734   6.506   3.304   1.00 11.66 ? 61  HIS A N    1 
ATOM   266  C CA   . HIS A 1 21 ? 7.471   5.319   2.493   1.00 12.06 ? 61  HIS A CA   1 
ATOM   267  C C    . HIS A 1 21 ? 6.872   4.178   3.310   1.00 15.05 ? 61  HIS A C    1 
ATOM   268  O O    . HIS A 1 21 ? 6.626   3.102   2.771   1.00 18.74 ? 61  HIS A O    1 
ATOM   269  C CB   . HIS A 1 21 ? 8.755   4.814   1.841   1.00 14.00 ? 61  HIS A CB   1 
ATOM   270  C CG   . HIS A 1 21 ? 9.489   5.870   1.081   1.00 15.00 ? 61  HIS A CG   1 
ATOM   271  N ND1  . HIS A 1 21 ? 10.612  6.490   1.579   1.00 19.87 ? 61  HIS A ND1  1 
ATOM   272  C CD2  . HIS A 1 21 ? 9.244   6.429   -0.128  1.00 15.05 ? 61  HIS A CD2  1 
ATOM   273  C CE1  . HIS A 1 21 ? 11.038  7.389   0.700   1.00 16.92 ? 61  HIS A CE1  1 
ATOM   274  N NE2  . HIS A 1 21 ? 10.220  7.375   -0.335  1.00 14.16 ? 61  HIS A NE2  1 
ATOM   275  H H    . HIS A 1 21 ? 8.498   6.492   3.700   1.00 13.99 ? 61  HIS A H    1 
ATOM   276  H HA   . HIS A 1 21 ? 6.844   5.548   1.789   1.00 14.47 ? 61  HIS A HA   1 
ATOM   277  H HB2  . HIS A 1 21 ? 9.347   4.478   2.531   1.00 16.79 ? 61  HIS A HB2  1 
ATOM   278  H HB3  . HIS A 1 21 ? 8.533   4.101   1.222   1.00 16.79 ? 61  HIS A HB3  1 
ATOM   279  H HD1  . HIS A 1 21 ? 10.982  6.321   2.337   1.00 23.84 ? 61  HIS A HD1  1 
ATOM   280  H HD2  . HIS A 1 21 ? 8.543   6.220   -0.703  1.00 18.06 ? 61  HIS A HD2  1 
ATOM   281  H HE1  . HIS A 1 21 ? 11.781  7.939   0.799   1.00 20.30 ? 61  HIS A HE1  1 
ATOM   282  H HE2  . HIS A 1 21 ? 10.296  7.868   -1.036  1.00 16.99 ? 61  HIS A HE2  1 
ATOM   283  N N    . LYS A 1 22 ? 6.667   4.393   4.608   1.00 10.76 ? 62  LYS A N    1 
ATOM   284  C CA   . LYS A 1 22 ? 6.209   3.312   5.477   1.00 12.15 ? 62  LYS A CA   1 
ATOM   285  C C    . LYS A 1 22 ? 4.970   3.749   6.237   1.00 11.45 ? 62  LYS A C    1 
ATOM   286  O O    . LYS A 1 22 ? 4.590   4.917   6.225   1.00 12.79 ? 62  LYS A O    1 
ATOM   287  C CB   . LYS A 1 22 ? 7.320   2.889   6.442   1.00 11.79 ? 62  LYS A CB   1 
ATOM   288  C CG   . LYS A 1 22 ? 8.570   2.371   5.716   1.00 12.46 ? 62  LYS A CG   1 
ATOM   289  C CD   . LYS A 1 22 ? 9.592   1.824   6.685   1.00 16.20 ? 62  LYS A CD   1 
ATOM   290  C CE   . LYS A 1 22 ? 10.827  1.324   5.961   1.00 22.95 ? 62  LYS A CE   1 
ATOM   291  N NZ   . LYS A 1 22 ? 11.820  0.740   6.880   1.00 30.26 ? 62  LYS A NZ   1 
ATOM   292  H H    . LYS A 1 22 ? 6.785   5.146   5.006   1.00 12.91 ? 62  LYS A H    1 
ATOM   293  H HA   . LYS A 1 22 ? 5.974   2.545   4.933   1.00 14.58 ? 62  LYS A HA   1 
ATOM   294  H HB2  . LYS A 1 22 ? 7.580   3.653   6.980   1.00 14.15 ? 62  LYS A HB2  1 
ATOM   295  H HB3  . LYS A 1 22 ? 6.989   2.178   7.013   1.00 14.15 ? 62  LYS A HB3  1 
ATOM   296  H HG2  . LYS A 1 22 ? 8.315   1.659   5.109   1.00 14.95 ? 62  LYS A HG2  1 
ATOM   297  H HG3  . LYS A 1 22 ? 8.979   3.100   5.224   1.00 14.95 ? 62  LYS A HG3  1 
ATOM   298  H HD2  . LYS A 1 22 ? 9.862   2.526   7.298   1.00 19.45 ? 62  LYS A HD2  1 
ATOM   299  H HD3  . LYS A 1 22 ? 9.205   1.081   7.174   1.00 19.45 ? 62  LYS A HD3  1 
ATOM   300  H HE2  . LYS A 1 22 ? 10.567  0.639   5.325   1.00 27.53 ? 62  LYS A HE2  1 
ATOM   301  H HE3  . LYS A 1 22 ? 11.246  2.067   5.497   1.00 27.53 ? 62  LYS A HE3  1 
ATOM   302  H HZ1  . LYS A 1 22 ? 12.529  0.459   6.423   1.00 36.32 ? 62  LYS A HZ1  1 
ATOM   303  H HZ2  . LYS A 1 22 ? 12.081  1.351   7.472   1.00 36.32 ? 62  LYS A HZ2  1 
ATOM   304  H HZ3  . LYS A 1 22 ? 11.463  0.051   7.314   1.00 36.32 ? 62  LYS A HZ3  1 
ATOM   305  N N    . PHE A 1 23 ? 4.328   2.781   6.879   1.00 9.74  ? 63  PHE A N    1 
ATOM   306  C CA   . PHE A 1 23 ? 3.158   3.050   7.706   1.00 12.45 ? 63  PHE A CA   1 
ATOM   307  C C    . PHE A 1 23 ? 2.941   1.903   8.678   1.00 11.06 ? 63  PHE A C    1 
ATOM   308  O O    . PHE A 1 23 ? 3.649   0.897   8.639   1.00 11.46 ? 63  PHE A O    1 
ATOM   309  C CB   . PHE A 1 23 ? 1.916   3.280   6.823   1.00 11.49 ? 63  PHE A CB   1 
ATOM   310  C CG   . PHE A 1 23 ? 1.549   2.111   5.932   1.00 10.98 ? 63  PHE A CG   1 
ATOM   311  C CD1  . PHE A 1 23 ? 2.228   1.880   4.752   1.00 10.78 ? 63  PHE A CD1  1 
ATOM   312  C CD2  . PHE A 1 23 ? 0.509   1.253   6.268   1.00 11.30 ? 63  PHE A CD2  1 
ATOM   313  C CE1  . PHE A 1 23 ? 1.881   0.815   3.928   1.00 11.51 ? 63  PHE A CE1  1 
ATOM   314  C CE2  . PHE A 1 23 ? 0.159   0.193   5.421   1.00 12.08 ? 63  PHE A CE2  1 
ATOM   315  C CZ   . PHE A 1 23 ? 0.845   -0.010  4.264   1.00 10.01 ? 63  PHE A CZ   1 
ATOM   316  H H    . PHE A 1 23 ? 4.552   1.952   6.851   1.00 11.68 ? 63  PHE A H    1 
ATOM   317  H HA   . PHE A 1 23 ? 3.313   3.857   8.222   1.00 14.93 ? 63  PHE A HA   1 
ATOM   318  H HB2  . PHE A 1 23 ? 1.157   3.461   7.399   1.00 13.79 ? 63  PHE A HB2  1 
ATOM   319  H HB3  . PHE A 1 23 ? 2.081   4.045   6.251   1.00 13.79 ? 63  PHE A HB3  1 
ATOM   320  H HD1  . PHE A 1 23 ? 2.927   2.442   4.507   1.00 12.94 ? 63  PHE A HD1  1 
ATOM   321  H HD2  . PHE A 1 23 ? 0.029   1.395   7.052   1.00 13.56 ? 63  PHE A HD2  1 
ATOM   322  H HE1  . PHE A 1 23 ? 2.347   0.674   3.135   1.00 13.82 ? 63  PHE A HE1  1 
ATOM   323  H HE2  . PHE A 1 23 ? -0.538  -0.378  5.655   1.00 14.50 ? 63  PHE A HE2  1 
ATOM   324  H HZ   . PHE A 1 23 ? 0.623   -0.725  3.711   1.00 12.01 ? 63  PHE A HZ   1 
ATOM   325  N N    . TYR A 1 24 ? 1.968   2.066   9.562   1.00 10.44 ? 64  TYR A N    1 
ATOM   326  C CA   . TYR A 1 24 ? 1.624   1.052   10.533  1.00 11.02 ? 64  TYR A CA   1 
ATOM   327  C C    . TYR A 1 24 ? 0.168   0.634   10.377  1.00 11.57 ? 64  TYR A C    1 
ATOM   328  O O    . TYR A 1 24 ? -0.714  1.464   10.170  1.00 11.51 ? 64  TYR A O    1 
ATOM   329  C CB   . TYR A 1 24 ? 1.858   1.564   11.959  1.00 9.38  ? 64  TYR A CB   1 
ATOM   330  C CG   . TYR A 1 24 ? 3.317   1.777   12.295  1.00 10.43 ? 64  TYR A CG   1 
ATOM   331  C CD1  . TYR A 1 24 ? 3.894   3.034   12.173  1.00 13.55 ? 64  TYR A CD1  1 
ATOM   332  C CD2  . TYR A 1 24 ? 4.113   0.729   12.737  1.00 13.26 ? 64  TYR A CD2  1 
ATOM   333  C CE1  . TYR A 1 24 ? 5.237   3.246   12.489  1.00 13.03 ? 64  TYR A CE1  1 
ATOM   334  C CE2  . TYR A 1 24 ? 5.448   0.931   13.059  1.00 14.30 ? 64  TYR A CE2  1 
ATOM   335  C CZ   . TYR A 1 24 ? 6.004   2.191   12.924  1.00 12.59 ? 64  TYR A CZ   1 
ATOM   336  O OH   . TYR A 1 24 ? 7.339   2.368   13.241  1.00 18.12 ? 64  TYR A OH   1 
ATOM   337  H H    . TYR A 1 24 ? 1.482   2.774   9.617   1.00 12.53 ? 64  TYR A H    1 
ATOM   338  H HA   . TYR A 1 24 ? 2.182   0.271   10.393  1.00 13.22 ? 64  TYR A HA   1 
ATOM   339  H HB2  . TYR A 1 24 ? 1.401   2.413   12.067  1.00 11.26 ? 64  TYR A HB2  1 
ATOM   340  H HB3  . TYR A 1 24 ? 1.500   0.917   12.587  1.00 11.26 ? 64  TYR A HB3  1 
ATOM   341  H HD1  . TYR A 1 24 ? 3.376   3.748   11.879  1.00 16.26 ? 64  TYR A HD1  1 
ATOM   342  H HD2  . TYR A 1 24 ? 3.743   -0.119  12.830  1.00 15.92 ? 64  TYR A HD2  1 
ATOM   343  H HE1  . TYR A 1 24 ? 5.611   4.093   12.400  1.00 15.64 ? 64  TYR A HE1  1 
ATOM   344  H HE2  . TYR A 1 24 ? 5.971   0.220   13.351  1.00 17.16 ? 64  TYR A HE2  1 
ATOM   345  H HH   . TYR A 1 24 ? 7.675   1.640   13.490  1.00 21.74 ? 64  TYR A HH   1 
ATOM   346  N N    . ILE A 1 25 ? -0.077  -0.660  10.495  1.00 12.34 ? 65  ILE A N    1 
ATOM   347  C CA   . ILE A 1 25 ? -1.436  -1.173  10.526  1.00 11.71 ? 65  ILE A CA   1 
ATOM   348  C C    . ILE A 1 25 ? -1.705  -1.693  11.924  1.00 12.85 ? 65  ILE A C    1 
ATOM   349  O O    . ILE A 1 25 ? -0.934  -2.511  12.448  1.00 13.65 ? 65  ILE A O    1 
ATOM   350  C CB   . ILE A 1 25 ? -1.660  -2.308  9.499   1.00 11.87 ? 65  ILE A CB   1 
ATOM   351  C CG1  . ILE A 1 25 ? -1.260  -1.848  8.095   1.00 14.82 ? 65  ILE A CG1  1 
ATOM   352  C CG2  . ILE A 1 25 ? -3.116  -2.739  9.533   1.00 14.06 ? 65  ILE A CG2  1 
ATOM   353  C CD1  . ILE A 1 25 ? -1.356  -2.943  7.027   1.00 17.44 ? 65  ILE A CD1  1 
ATOM   354  H H    . ILE A 1 25 ? 0.529   -1.267  10.559  1.00 14.81 ? 65  ILE A H    1 
ATOM   355  H HA   . ILE A 1 25 ? -2.060  -0.455  10.336  1.00 14.05 ? 65  ILE A HA   1 
ATOM   356  H HB   . ILE A 1 25 ? -1.107  -3.064  9.748   1.00 14.25 ? 65  ILE A HB   1 
ATOM   357  H HG12 . ILE A 1 25 ? -1.844  -1.122  7.827   1.00 17.79 ? 65  ILE A HG12 1 
ATOM   358  H HG13 . ILE A 1 25 ? -0.341  -1.538  8.118   1.00 17.79 ? 65  ILE A HG13 1 
ATOM   359  H HG21 . ILE A 1 25 ? -3.249  -3.450  8.887   1.00 16.87 ? 65  ILE A HG21 1 
ATOM   360  H HG22 . ILE A 1 25 ? -3.331  -3.056  10.424  1.00 16.87 ? 65  ILE A HG22 1 
ATOM   361  H HG23 . ILE A 1 25 ? -3.675  -1.979  9.309   1.00 16.87 ? 65  ILE A HG23 1 
ATOM   362  H HD11 . ILE A 1 25 ? -1.088  -2.573  6.172   1.00 20.93 ? 65  ILE A HD11 1 
ATOM   363  H HD12 . ILE A 1 25 ? -0.769  -3.674  7.271   1.00 20.93 ? 65  ILE A HD12 1 
ATOM   364  H HD13 . ILE A 1 25 ? -2.273  -3.257  6.979   1.00 20.93 ? 65  ILE A HD13 1 
ATOM   365  N N    . CYS A 1 26 ? -2.776  -1.190  12.532  1.00 11.96 ? 66  CYS A N    1 
ATOM   366  C CA   . CYS A 1 26 ? -3.183  -1.611  13.866  1.00 13.41 ? 66  CYS A CA   1 
ATOM   367  C C    . CYS A 1 26 ? -4.364  -2.571  13.782  1.00 15.44 ? 66  CYS A C    1 
ATOM   368  O O    . CYS A 1 26 ? -5.328  -2.331  13.054  1.00 17.22 ? 66  CYS A O    1 
ATOM   369  C CB   . CYS A 1 26 ? -3.544  -0.403  14.735  1.00 14.61 ? 66  CYS A CB   1 
ATOM   370  S SG   . CYS A 1 26 ? -2.092  0.597   15.211  1.00 15.31 ? 66  CYS A SG   1 
ATOM   371  H H    . CYS A 1 26 ? -3.290  -0.594  12.185  1.00 14.35 ? 66  CYS A H    1 
ATOM   372  H HA   . CYS A 1 26 ? -2.446  -2.077  14.291  1.00 16.09 ? 66  CYS A HA   1 
ATOM   373  H HB2  . CYS A 1 26 ? -4.152  0.169   14.241  1.00 17.53 ? 66  CYS A HB2  1 
ATOM   374  H HB3  . CYS A 1 26 ? -3.971  -0.716  15.547  1.00 17.53 ? 66  CYS A HB3  1 
ATOM   375  N N    . SER A 1 27 ? -4.253  -3.665  14.526  1.00 16.91 ? 67  SER A N    1 
ATOM   376  C CA   . SER A 1 27 ? -5.330  -4.632  14.671  1.00 20.96 ? 67  SER A CA   1 
ATOM   377  C C    . SER A 1 27 ? -5.356  -5.070  16.138  1.00 16.34 ? 67  SER A C    1 
ATOM   378  O O    . SER A 1 27 ? -4.352  -5.578  16.658  1.00 20.82 ? 67  SER A O    1 
ATOM   379  C CB   . SER A 1 27 ? -5.081  -5.820  13.743  1.00 24.64 ? 67  SER A CB   1 
ATOM   380  O OG   . SER A 1 27 ? -6.128  -6.767  13.860  1.00 32.29 ? 67  SER A OG   1 
ATOM   381  H H    . SER A 1 27 ? -3.545  -3.872  14.968  1.00 20.29 ? 67  SER A H    1 
ATOM   382  H HA   . SER A 1 27 ? -6.181  -4.223  14.444  1.00 25.15 ? 67  SER A HA   1 
ATOM   383  H HB2  . SER A 1 27 ? -5.040  -5.504  12.826  1.00 29.56 ? 67  SER A HB2  1 
ATOM   384  H HB3  . SER A 1 27 ? -4.243  -6.243  13.986  1.00 29.56 ? 67  SER A HB3  1 
ATOM   385  H HG   . SER A 1 27 ? -6.860  -6.412  13.652  1.00 38.74 ? 67  SER A HG   1 
ATOM   386  N N    . ASN A 1 28 ? -6.499  -4.859  16.789  1.00 20.43 ? 68  ASN A N    1 
ATOM   387  C CA   . ASN A 1 28 ? -6.637  -5.103  18.225  1.00 21.73 ? 68  ASN A CA   1 
ATOM   388  C C    . ASN A 1 28 ? -5.498  -4.447  19.004  1.00 20.74 ? 68  ASN A C    1 
ATOM   389  O O    . ASN A 1 28 ? -4.894  -5.061  19.891  1.00 23.99 ? 68  ASN A O    1 
ATOM   390  C CB   . ASN A 1 28 ? -6.718  -6.604  18.530  1.00 26.31 ? 68  ASN A CB   1 
ATOM   391  C CG   . ASN A 1 28 ? -8.005  -7.229  18.026  1.00 29.15 ? 68  ASN A CG   1 
ATOM   392  O OD1  . ASN A 1 28 ? -9.040  -6.581  17.998  1.00 32.98 ? 68  ASN A OD1  1 
ATOM   393  N ND2  . ASN A 1 28 ? -7.946  -8.491  17.624  1.00 34.22 ? 68  ASN A ND2  1 
ATOM   394  H H    . ASN A 1 28 ? -7.218  -4.571  16.416  1.00 24.51 ? 68  ASN A H    1 
ATOM   395  H HA   . ASN A 1 28 ? -7.466  -4.700  18.526  1.00 26.08 ? 68  ASN A HA   1 
ATOM   396  H HB2  . ASN A 1 28 ? -5.976  -7.056  18.100  1.00 31.57 ? 68  ASN A HB2  1 
ATOM   397  H HB3  . ASN A 1 28 ? -6.676  -6.734  19.491  1.00 31.57 ? 68  ASN A HB3  1 
ATOM   398  H HD21 . ASN A 1 28 ? -8.653  -8.882  17.331  1.00 41.06 ? 68  ASN A HD21 1 
ATOM   399  H HD22 . ASN A 1 28 ? -7.200  -8.918  17.656  1.00 41.06 ? 68  ASN A HD22 1 
ATOM   400  N N    . TRP A 1 29 ? -5.208  -3.196  18.647  1.00 16.62 ? 69  TRP A N    1 
ATOM   401  C CA   . TRP A 1 29 ? -4.196  -2.377  19.326  1.00 15.60 ? 69  TRP A CA   1 
ATOM   402  C C    . TRP A 1 29 ? -2.746  -2.849  19.155  1.00 22.57 ? 69  TRP A C    1 
ATOM   403  O O    . TRP A 1 29 ? -1.841  -2.292  19.793  1.00 24.47 ? 69  TRP A O    1 
ATOM   404  C CB   . TRP A 1 29 ? -4.519  -2.210  20.825  1.00 17.32 ? 69  TRP A CB   1 
ATOM   405  C CG   . TRP A 1 29 ? -5.859  -1.529  21.108  1.00 14.79 ? 69  TRP A CG   1 
ATOM   406  C CD1  . TRP A 1 29 ? -7.045  -2.137  21.424  1.00 18.88 ? 69  TRP A CD1  1 
ATOM   407  C CD2  . TRP A 1 29 ? -6.127  -0.123  21.087  1.00 17.60 ? 69  TRP A CD2  1 
ATOM   408  N NE1  . TRP A 1 29 ? -8.025  -1.197  21.603  1.00 17.89 ? 69  TRP A NE1  1 
ATOM   409  C CE2  . TRP A 1 29 ? -7.493  0.048   21.404  1.00 19.33 ? 69  TRP A CE2  1 
ATOM   410  C CE3  . TRP A 1 29 ? -5.347  1.011   20.837  1.00 16.13 ? 69  TRP A CE3  1 
ATOM   411  C CZ2  . TRP A 1 29 ? -8.089  1.302   21.471  1.00 17.41 ? 69  TRP A CZ2  1 
ATOM   412  C CZ3  . TRP A 1 29 ? -5.943  2.256   20.902  1.00 17.59 ? 69  TRP A CZ3  1 
ATOM   413  C CH2  . TRP A 1 29 ? -7.301  2.391   21.216  1.00 19.98 ? 69  TRP A CH2  1 
ATOM   414  H H    . TRP A 1 29 ? -5.593  -2.787  17.996  1.00 19.95 ? 69  TRP A H    1 
ATOM   415  H HA   . TRP A 1 29 ? -4.239  -1.489  18.938  1.00 18.71 ? 69  TRP A HA   1 
ATOM   416  H HB2  . TRP A 1 29 ? -4.542  -3.088  21.238  1.00 20.78 ? 69  TRP A HB2  1 
ATOM   417  H HB3  . TRP A 1 29 ? -3.824  -1.673  21.236  1.00 20.78 ? 69  TRP A HB3  1 
ATOM   418  H HD1  . TRP A 1 29 ? -7.166  -3.055  21.507  1.00 22.65 ? 69  TRP A HD1  1 
ATOM   419  H HE1  . TRP A 1 29 ? -8.843  -1.363  21.808  1.00 21.46 ? 69  TRP A HE1  1 
ATOM   420  H HE3  . TRP A 1 29 ? -4.445  0.928   20.625  1.00 19.36 ? 69  TRP A HE3  1 
ATOM   421  H HZ2  . TRP A 1 29 ? -8.990  1.398   21.679  1.00 20.89 ? 69  TRP A HZ2  1 
ATOM   422  H HZ3  . TRP A 1 29 ? -5.434  3.016   20.737  1.00 21.10 ? 69  TRP A HZ3  1 
ATOM   423  H HH2  . TRP A 1 29 ? -7.675  3.241   21.257  1.00 23.98 ? 69  TRP A HH2  1 
ATOM   424  N N    . GLU A 1 30 ? -2.523  -3.853  18.304  1.00 18.78 ? 70  GLU A N    1 
ATOM   425  C CA   . GLU A 1 30 ? -1.178  -4.323  17.980  1.00 19.65 ? 70  GLU A CA   1 
ATOM   426  C C    . GLU A 1 30 ? -0.804  -3.806  16.595  1.00 15.03 ? 70  GLU A C    1 
ATOM   427  O O    . GLU A 1 30 ? -1.626  -3.841  15.672  1.00 18.71 ? 70  GLU A O    1 
ATOM   428  C CB   . GLU A 1 30 ? -1.119  -5.851  17.984  1.00 28.43 ? 70  GLU A CB   1 
ATOM   429  H H    . GLU A 1 30 ? -3.146  -4.284  17.895  1.00 22.54 ? 70  GLU A H    1 
ATOM   430  H HA   . GLU A 1 30 ? -0.543  -3.979  18.628  1.00 23.58 ? 70  GLU A HA   1 
ATOM   431  N N    . ALA A 1 31 ? 0.442   -3.365  16.438  1.00 17.00 ? 71  ALA A N    1 
ATOM   432  C CA   . ALA A 1 31 ? 0.884   -2.742  15.192  1.00 15.08 ? 71  ALA A CA   1 
ATOM   433  C C    . ALA A 1 31 ? 1.794   -3.634  14.354  1.00 15.92 ? 71  ALA A C    1 
ATOM   434  O O    . ALA A 1 31 ? 2.635   -4.368  14.881  1.00 19.54 ? 71  ALA A O    1 
ATOM   435  C CB   . ALA A 1 31 ? 1.589   -1.434  15.486  1.00 14.89 ? 71  ALA A CB   1 
ATOM   436  H H    . ALA A 1 31 ? 1.053   -3.416  17.040  1.00 20.40 ? 71  ALA A H    1 
ATOM   437  H HA   . ALA A 1 31 ? 0.101   -2.538  14.656  1.00 18.10 ? 71  ALA A HA   1 
ATOM   438  H HB1  . ALA A 1 31 ? 1.874   -1.035  14.649  1.00 17.87 ? 71  ALA A HB1  1 
ATOM   439  H HB2  . ALA A 1 31 ? 0.973   -0.840  15.943  1.00 17.87 ? 71  ALA A HB2  1 
ATOM   440  H HB3  . ALA A 1 31 ? 2.358   -1.610  16.049  1.00 17.87 ? 71  ALA A HB3  1 
ATOM   441  N N    . VAL A 1 32 ? 1.649   -3.515  13.041  1.00 14.84 ? 72  VAL A N    1 
ATOM   442  C CA   . VAL A 1 32 ? 2.559   -4.110  12.074  1.00 14.01 ? 72  VAL A CA   1 
ATOM   443  C C    . VAL A 1 32 ? 3.104   -3.002  11.183  1.00 14.04 ? 72  VAL A C    1 
ATOM   444  O O    . VAL A 1 32 ? 2.348   -2.199  10.665  1.00 17.10 ? 72  VAL A O    1 
ATOM   445  C CB   . VAL A 1 32 ? 1.815   -5.137  11.218  1.00 15.56 ? 72  VAL A CB   1 
ATOM   446  C CG1  . VAL A 1 32 ? 2.624   -5.557  9.975   1.00 26.44 ? 72  VAL A CG1  1 
ATOM   447  C CG2  . VAL A 1 32 ? 1.442   -6.336  12.092  1.00 20.27 ? 72  VAL A CG2  1 
ATOM   448  H H    . VAL A 1 32 ? 1.005   -3.077  12.674  1.00 17.81 ? 72  VAL A H    1 
ATOM   449  H HA   . VAL A 1 32 ? 3.295   -4.547  12.530  1.00 16.81 ? 72  VAL A HA   1 
ATOM   450  H HB   . VAL A 1 32 ? 0.989   -4.736  10.906  1.00 18.68 ? 72  VAL A HB   1 
ATOM   451  H HG11 . VAL A 1 32 ? 3.468   -5.080  9.972   1.00 31.73 ? 72  VAL A HG11 1 
ATOM   452  H HG12 . VAL A 1 32 ? 2.784   -6.514  10.011  1.00 31.73 ? 72  VAL A HG12 1 
ATOM   453  H HG13 . VAL A 1 32 ? 2.116   -5.336  9.178   1.00 31.73 ? 72  VAL A HG13 1 
ATOM   454  H HG21 . VAL A 1 32 ? 1.760   -6.178  12.996  1.00 24.32 ? 72  VAL A HG21 1 
ATOM   455  H HG22 . VAL A 1 32 ? 0.478   -6.437  12.094  1.00 24.32 ? 72  VAL A HG22 1 
ATOM   456  H HG23 . VAL A 1 32 ? 1.858   -7.132  11.728  1.00 24.32 ? 72  VAL A HG23 1 
ATOM   457  N N    . HIS A 1 33 ? 4.420   -2.970  11.018  1.00 13.11 ? 73  HIS A N    1 
ATOM   458  C CA   . HIS A 1 33 ? 5.100   -1.968  10.205  1.00 12.78 ? 73  HIS A CA   1 
ATOM   459  C C    . HIS A 1 33 ? 5.133   -2.435  8.749   1.00 15.97 ? 73  HIS A C    1 
ATOM   460  O O    . HIS A 1 33 ? 5.549   -3.563  8.460   1.00 17.05 ? 73  HIS A O    1 
ATOM   461  C CB   . HIS A 1 33 ? 6.530   -1.819  10.730  1.00 11.24 ? 73  HIS A CB   1 
ATOM   462  C CG   . HIS A 1 33 ? 7.165   -0.513  10.414  1.00 12.68 ? 73  HIS A CG   1 
ATOM   463  N ND1  . HIS A 1 33 ? 8.481   -0.245  10.724  1.00 16.87 ? 73  HIS A ND1  1 
ATOM   464  C CD2  . HIS A 1 33 ? 6.683   0.608   9.831   1.00 14.15 ? 73  HIS A CD2  1 
ATOM   465  C CE1  . HIS A 1 33 ? 8.781   0.981   10.351  1.00 17.28 ? 73  HIS A CE1  1 
ATOM   466  N NE2  . HIS A 1 33 ? 7.706   1.523   9.803   1.00 13.98 ? 73  HIS A NE2  1 
ATOM   467  H H    . HIS A 1 33 ? 4.958   -3.536  11.378  1.00 15.74 ? 73  HIS A H    1 
ATOM   468  H HA   . HIS A 1 33 ? 4.641   -1.115  10.262  1.00 15.34 ? 73  HIS A HA   1 
ATOM   469  H HB2  . HIS A 1 33 ? 6.517   -1.914  11.696  1.00 13.49 ? 73  HIS A HB2  1 
ATOM   470  H HB3  . HIS A 1 33 ? 7.080   -2.516  10.340  1.00 13.49 ? 73  HIS A HB3  1 
ATOM   471  H HD1  . HIS A 1 33 ? 9.022   -0.793  11.109  1.00 20.24 ? 73  HIS A HD1  1 
ATOM   472  H HD2  . HIS A 1 33 ? 5.818   0.737   9.513   1.00 16.98 ? 73  HIS A HD2  1 
ATOM   473  H HE1  . HIS A 1 33 ? 9.609   1.393   10.449  1.00 20.73 ? 73  HIS A HE1  1 
ATOM   474  H HE2  . HIS A 1 33 ? 7.657   2.318   9.478   1.00 16.78 ? 73  HIS A HE2  1 
ATOM   475  N N    . LYS A 1 34 ? 4.695   -1.573  7.834   1.00 12.25 ? 74  LYS A N    1 
ATOM   476  C CA   . LYS A 1 34 ? 4.569   -1.919  6.413   1.00 15.06 ? 74  LYS A CA   1 
ATOM   477  C C    . LYS A 1 34 ? 5.293   -0.933  5.506   1.00 11.48 ? 74  LYS A C    1 
ATOM   478  O O    . LYS A 1 34 ? 5.522   0.220   5.873   1.00 11.47 ? 74  LYS A O    1 
ATOM   479  C CB   . LYS A 1 34 ? 3.100   -1.929  6.000   1.00 11.33 ? 74  LYS A CB   1 
ATOM   480  C CG   . LYS A 1 34 ? 2.266   -3.052  6.608   1.00 16.08 ? 74  LYS A CG   1 
ATOM   481  C CD   . LYS A 1 34 ? 2.807   -4.395  6.187   1.00 25.36 ? 74  LYS A CD   1 
ATOM   482  C CE   . LYS A 1 34 ? 1.732   -5.448  6.224   1.00 44.66 ? 74  LYS A CE   1 
ATOM   483  N NZ   . LYS A 1 34 ? 2.286   -6.797  5.927   1.00 40.37 ? 74  LYS A NZ   1 
ATOM   484  H H    . LYS A 1 34 ? 4.460   -0.765  8.012   1.00 14.70 ? 74  LYS A H    1 
ATOM   485  H HA   . LYS A 1 34 ? 4.937   -2.803  6.262   1.00 18.07 ? 74  LYS A HA   1 
ATOM   486  H HB2  . LYS A 1 34 ? 2.698   -1.088  6.269   1.00 13.60 ? 74  LYS A HB2  1 
ATOM   487  H HB3  . LYS A 1 34 ? 3.052   -2.018  5.035   1.00 13.60 ? 74  LYS A HB3  1 
ATOM   488  H HG2  . LYS A 1 34 ? 2.303   -2.995  7.575   1.00 19.30 ? 74  LYS A HG2  1 
ATOM   489  H HG3  . LYS A 1 34 ? 1.350   -2.979  6.297   1.00 19.30 ? 74  LYS A HG3  1 
ATOM   490  H HD2  . LYS A 1 34 ? 3.146   -4.336  5.280   1.00 30.43 ? 74  LYS A HD2  1 
ATOM   491  H HD3  . LYS A 1 34 ? 3.516   -4.661  6.795   1.00 30.43 ? 74  LYS A HD3  1 
ATOM   492  H HE2  . LYS A 1 34 ? 1.334   -5.470  7.108   1.00 53.59 ? 74  LYS A HE2  1 
ATOM   493  H HE3  . LYS A 1 34 ? 1.058   -5.241  5.557   1.00 53.59 ? 74  LYS A HE3  1 
ATOM   494  H HZ1  . LYS A 1 34 ? 2.906   -7.010  6.529   1.00 48.44 ? 74  LYS A HZ1  1 
ATOM   495  H HZ2  . LYS A 1 34 ? 1.636   -7.404  5.953   1.00 48.44 ? 74  LYS A HZ2  1 
ATOM   496  H HZ3  . LYS A 1 34 ? 2.655   -6.802  5.117   1.00 48.44 ? 74  LYS A HZ3  1 
ATOM   497  N N    . ASP A 1 35 ? 5.638   -1.409  4.306   1.00 12.05 ? 75  ASP A N    1 
ATOM   498  C CA   . ASP A 1 35 ? 6.235   -0.588  3.246   1.00 13.01 ? 75  ASP A CA   1 
ATOM   499  C C    . ASP A 1 35 ? 5.226   -0.275  2.161   1.00 12.15 ? 75  ASP A C    1 
ATOM   500  O O    . ASP A 1 35 ? 4.449   -1.134  1.769   1.00 15.86 ? 75  ASP A O    1 
ATOM   501  C CB   . ASP A 1 35 ? 7.378   -1.346  2.576   1.00 15.42 ? 75  ASP A CB   1 
ATOM   502  C CG   . ASP A 1 35 ? 8.499   -1.666  3.532   1.00 24.51 ? 75  ASP A CG   1 
ATOM   503  O OD1  . ASP A 1 35 ? 9.123   -0.721  4.035   1.00 21.06 ? 75  ASP A OD1  1 
ATOM   504  O OD2  . ASP A 1 35 ? 8.769   -2.864  3.758   1.00 37.66 ? 75  ASP A OD2  1 
ATOM   505  H H    . ASP A 1 35 ? 5.532   -2.230  4.076   1.00 14.46 ? 75  ASP A H    1 
ATOM   506  H HA   . ASP A 1 35 ? 6.575   0.242   3.616   1.00 15.61 ? 75  ASP A HA   1 
ATOM   507  H HB2  . ASP A 1 35 ? 7.038   -2.182  2.221   1.00 18.50 ? 75  ASP A HB2  1 
ATOM   508  H HB3  . ASP A 1 35 ? 7.741   -0.802  1.859   1.00 18.50 ? 75  ASP A HB3  1 
ATOM   509  N N    . CYS A 1 36 ? 5.256   0.953   1.654   1.00 10.36 ? 76  CYS A N    1 
ATOM   510  C CA   . CYS A 1 36 ? 4.537   1.271   0.431   1.00 11.25 ? 76  CYS A CA   1 
ATOM   511  C C    . CYS A 1 36 ? 5.300   0.695   -0.751  1.00 10.98 ? 76  CYS A C    1 
ATOM   512  O O    . CYS A 1 36 ? 6.526   0.595   -0.712  1.00 13.96 ? 76  CYS A O    1 
ATOM   513  C CB   . CYS A 1 36 ? 4.407   2.777   0.243   1.00 9.32  ? 76  CYS A CB   1 
ATOM   514  S SG   . CYS A 1 36 ? 3.152   3.542   1.308   1.00 14.63 ? 76  CYS A SG   1 
ATOM   515  H H    . CYS A 1 36 ? 5.683   1.615   1.998   1.00 12.44 ? 76  CYS A H    1 
ATOM   516  H HA   . CYS A 1 36 ? 3.651   0.878   0.456   1.00 13.50 ? 76  CYS A HA   1 
ATOM   517  H HB2  . CYS A 1 36 ? 5.260   3.192   0.445   1.00 11.18 ? 76  CYS A HB2  1 
ATOM   518  H HB3  . CYS A 1 36 ? 4.164   2.957   -0.679  1.00 11.18 ? 76  CYS A HB3  1 
ATOM   519  N N    . PRO A 1 37 ? 4.590   0.380   -1.844  1.00 9.67  ? 77  PRO A N    1 
ATOM   520  C CA   . PRO A 1 37 ? 5.225   -0.245  -3.013  1.00 9.59  ? 77  PRO A CA   1 
ATOM   521  C C    . PRO A 1 37 ? 5.818   0.773   -3.991  1.00 12.17 ? 77  PRO A C    1 
ATOM   522  O O    . PRO A 1 37 ? 5.399   1.925   -4.021  1.00 11.75 ? 77  PRO A O    1 
ATOM   523  C CB   . PRO A 1 37 ? 4.055   -0.953  -3.686  1.00 11.94 ? 77  PRO A CB   1 
ATOM   524  C CG   . PRO A 1 37 ? 2.892   -0.069  -3.364  1.00 12.61 ? 77  PRO A CG   1 
ATOM   525  C CD   . PRO A 1 37 ? 3.123   0.406   -1.969  1.00 10.21 ? 77  PRO A CD   1 
ATOM   526  H HA   . PRO A 1 37 ? 5.898   -0.890  -2.746  1.00 11.51 ? 77  PRO A HA   1 
ATOM   527  H HB2  . PRO A 1 37 ? 4.201   -1.002  -4.643  1.00 14.33 ? 77  PRO A HB2  1 
ATOM   528  H HB3  . PRO A 1 37 ? 3.937   -1.837  -3.304  1.00 14.33 ? 77  PRO A HB3  1 
ATOM   529  H HG2  . PRO A 1 37 ? 2.871   0.679   -3.981  1.00 15.14 ? 77  PRO A HG2  1 
ATOM   530  H HG3  . PRO A 1 37 ? 2.070   -0.581  -3.418  1.00 15.14 ? 77  PRO A HG3  1 
ATOM   531  H HD2  . PRO A 1 37 ? 2.790   1.310   -1.860  1.00 12.25 ? 77  PRO A HD2  1 
ATOM   532  H HD3  . PRO A 1 37 ? 2.718   -0.203  -1.332  1.00 12.25 ? 77  PRO A HD3  1 
ATOM   533  N N    . GLY A 1 38 ? 6.750   0.334   -4.827  1.00 13.51 ? 78  GLY A N    1 
ATOM   534  C CA   . GLY A 1 38 ? 7.373   1.242   -5.783  1.00 14.44 ? 78  GLY A CA   1 
ATOM   535  C C    . GLY A 1 38 ? 8.018   2.408   -5.065  1.00 14.01 ? 78  GLY A C    1 
ATOM   536  O O    . GLY A 1 38 ? 8.680   2.219   -4.045  1.00 16.53 ? 78  GLY A O    1 
ATOM   537  H H    . GLY A 1 38 ? 7.038   -0.475  -4.863  1.00 16.21 ? 78  GLY A H    1 
ATOM   538  H HA2  . GLY A 1 38 ? 8.053   0.770   -6.289  1.00 17.33 ? 78  GLY A HA2  1 
ATOM   539  H HA3  . GLY A 1 38 ? 6.705   1.582   -6.397  1.00 17.33 ? 78  GLY A HA3  1 
ATOM   540  N N    A ASN A 1 39 ? 7.833   3.608   -5.597  0.60 15.96 ? 79  ASN A N    1 
ATOM   541  N N    B ASN A 1 39 ? 7.766   3.563   -5.623  0.40 15.96 ? 79  ASN A N    1 
ATOM   542  C CA   A ASN A 1 39 ? 8.318   4.806   -4.919  0.60 20.66 ? 79  ASN A CA   1 
ATOM   543  C CA   B ASN A 1 39 ? 8.243   4.780   -5.003  0.40 20.55 ? 79  ASN A CA   1 
ATOM   544  C C    A ASN A 1 39 ? 7.177   5.563   -4.264  0.60 23.89 ? 79  ASN A C    1 
ATOM   545  C C    B ASN A 1 39 ? 7.160   5.550   -4.255  0.40 23.73 ? 79  ASN A C    1 
ATOM   546  O O    A ASN A 1 39 ? 7.310   6.754   -3.963  0.60 20.84 ? 79  ASN A O    1 
ATOM   547  O O    B ASN A 1 39 ? 7.296   6.736   -4.020  0.40 20.91 ? 79  ASN A O    1 
ATOM   548  C CB   A ASN A 1 39 ? 9.044   5.736   -5.899  0.60 20.81 ? 79  ASN A CB   1 
ATOM   549  C CB   B ASN A 1 39 ? 9.015   5.721   -5.996  0.40 20.81 ? 79  ASN A CB   1 
ATOM   550  C CG   A ASN A 1 39 ? 10.368  5.171   -6.371  0.60 14.52 ? 79  ASN A CG   1 
ATOM   551  C CG   B ASN A 1 39 ? 8.140   6.308   -7.153  0.40 24.92 ? 79  ASN A CG   1 
ATOM   552  O OD1  A ASN A 1 39 ? 10.947  4.278   -5.740  0.60 22.16 ? 79  ASN A OD1  1 
ATOM   553  O OD1  B ASN A 1 39 ? 7.184   5.707   -7.650  0.40 26.13 ? 79  ASN A OD1  1 
ATOM   554  N ND2  A ASN A 1 39 ? 10.870  5.706   -7.486  0.60 15.44 ? 79  ASN A ND2  1 
ATOM   555  N ND2  B ASN A 1 39 ? 8.498   7.524   -7.583  0.40 24.09 ? 79  ASN A ND2  1 
ATOM   556  H H    A ASN A 1 39 ? 7.435   3.758   -6.344  0.60 19.16 ? 79  ASN A H    1 
ATOM   557  H H    B ASN A 1 39 ? 7.327   3.676   -6.354  0.40 19.15 ? 79  ASN A H    1 
ATOM   558  H HA   A ASN A 1 39 ? 8.945   4.548   -4.226  0.60 24.79 ? 79  ASN A HA   1 
ATOM   559  H HA   B ASN A 1 39 ? 8.892   4.516   -4.331  0.40 24.66 ? 79  ASN A HA   1 
ATOM   560  H HB2  A ASN A 1 39 ? 8.482   5.874   -6.678  0.60 24.97 ? 79  ASN A HB2  1 
ATOM   561  H HB2  B ASN A 1 39 ? 9.379   6.468   -5.496  0.40 24.97 ? 79  ASN A HB2  1 
ATOM   562  H HB3  A ASN A 1 39 ? 9.219   6.584   -5.461  0.60 24.97 ? 79  ASN A HB3  1 
ATOM   563  H HB3  B ASN A 1 39 ? 9.737   5.217   -6.402  0.40 24.97 ? 79  ASN A HB3  1 
ATOM   564  H HD21 A ASN A 1 39 ? 11.620  5.424   -7.799  0.60 18.53 ? 79  ASN A HD21 1 
ATOM   565  H HD21 B ASN A 1 39 ? 8.058   7.902   -8.217  0.40 28.91 ? 79  ASN A HD21 1 
ATOM   566  H HD22 A ASN A 1 39 ? 10.444  6.334   -7.891  0.60 18.53 ? 79  ASN A HD22 1 
ATOM   567  H HD22 B ASN A 1 39 ? 9.168   7.927   -7.224  0.40 28.91 ? 79  ASN A HD22 1 
ATOM   568  N N    . THR A 1 40 ? 6.046   4.896   -4.059  1.00 13.08 ? 80  THR A N    1 
ATOM   569  C CA   . THR A 1 40 ? 4.912   5.588   -3.465  1.00 12.14 ? 80  THR A CA   1 
ATOM   570  C C    . THR A 1 40 ? 5.174   5.944   -2.015  1.00 11.76 ? 80  THR A C    1 
ATOM   571  O O    . THR A 1 40 ? 6.063   5.388   -1.368  1.00 12.62 ? 80  THR A O    1 
ATOM   572  C CB   . THR A 1 40 ? 3.568   4.805   -3.586  1.00 11.32 ? 80  THR A CB   1 
ATOM   573  O OG1  . THR A 1 40 ? 3.624   3.587   -2.834  1.00 10.79 ? 80  THR A OG1  1 
ATOM   574  C CG2  . THR A 1 40 ? 3.265   4.498   -5.041  1.00 11.10 ? 80  THR A CG2  1 
ATOM   575  H H    . THR A 1 40 ? 5.917   4.067   -4.253  1.00 15.69 ? 80  THR A H    1 
ATOM   576  H HA   . THR A 1 40 ? 4.793   6.424   -3.943  1.00 14.57 ? 80  THR A HA   1 
ATOM   577  H HB   . THR A 1 40 ? 2.849   5.357   -3.240  1.00 13.58 ? 80  THR A HB   1 
ATOM   578  H HG1  . THR A 1 40 ? 4.244   3.100   -3.122  1.00 12.95 ? 80  THR A HG1  1 
ATOM   579  H HG21 . THR A 1 40 ? 2.429   4.011   -5.111  1.00 13.31 ? 80  THR A HG21 1 
ATOM   580  H HG22 . THR A 1 40 ? 3.192   5.323   -5.547  1.00 13.31 ? 80  THR A HG22 1 
ATOM   581  H HG23 . THR A 1 40 ? 3.976   3.958   -5.421  1.00 13.31 ? 80  THR A HG23 1 
ATOM   582  N N    . ARG A 1 41 ? 4.358   6.876   -1.518  1.00 13.24 ? 81  ARG A N    1 
ATOM   583  C CA   . ARG A 1 41 ? 4.496   7.424   -0.176  1.00 12.51 ? 81  ARG A CA   1 
ATOM   584  C C    . ARG A 1 41 ? 3.153   7.376   0.539   1.00 11.11 ? 81  ARG A C    1 
ATOM   585  O O    . ARG A 1 41 ? 2.101   7.442   -0.092  1.00 12.95 ? 81  ARG A O    1 
ATOM   586  C CB   . ARG A 1 41 ? 5.003   8.870   -0.250  1.00 14.72 ? 81  ARG A CB   1 
ATOM   587  C CG   . ARG A 1 41 ? 6.492   8.986   -0.546  1.00 15.88 ? 81  ARG A CG   1 
ATOM   588  C CD   . ARG A 1 41 ? 6.956   10.438  -0.653  1.00 21.61 ? 81  ARG A CD   1 
ATOM   589  N NE   . ARG A 1 41 ? 8.392   10.516  -0.939  1.00 19.82 ? 81  ARG A NE   1 
ATOM   590  C CZ   . ARG A 1 41 ? 9.208   11.468  -0.489  1.00 26.72 ? 81  ARG A CZ   1 
ATOM   591  N NH1  . ARG A 1 41 ? 8.749   12.448  0.284   1.00 27.68 ? 81  ARG A NH1  1 
ATOM   592  N NH2  . ARG A 1 41 ? 10.493  11.430  -0.804  1.00 30.35 ? 81  ARG A NH2  1 
ATOM   593  H H    . ARG A 1 41 ? 3.699   7.212   -1.956  1.00 15.88 ? 81  ARG A H    1 
ATOM   594  H HA   . ARG A 1 41 ? 5.134   6.896   0.328   1.00 15.01 ? 81  ARG A HA   1 
ATOM   595  H HB2  . ARG A 1 41 ? 4.524   9.335   -0.955  1.00 17.66 ? 81  ARG A HB2  1 
ATOM   596  H HB3  . ARG A 1 41 ? 4.836   9.304   0.601   1.00 17.66 ? 81  ARG A HB3  1 
ATOM   597  H HG2  . ARG A 1 41 ? 6.991   8.563   0.170   1.00 19.06 ? 81  ARG A HG2  1 
ATOM   598  H HG3  . ARG A 1 41 ? 6.682   8.547   -1.389  1.00 19.06 ? 81  ARG A HG3  1 
ATOM   599  H HD2  . ARG A 1 41 ? 6.478   10.876  -1.374  1.00 25.93 ? 81  ARG A HD2  1 
ATOM   600  H HD3  . ARG A 1 41 ? 6.788   10.892  0.188   1.00 25.93 ? 81  ARG A HD3  1 
ATOM   601  H HE   . ARG A 1 41 ? 8.733   9.901   -1.434  1.00 23.78 ? 81  ARG A HE   1 
ATOM   602  H HH11 . ARG A 1 41 ? 7.916   12.475  0.495   1.00 33.22 ? 81  ARG A HH11 1 
ATOM   603  H HH12 . ARG A 1 41 ? 9.285   13.057  0.569   1.00 33.22 ? 81  ARG A HH12 1 
ATOM   604  H HH21 . ARG A 1 41 ? 10.795  10.799  -1.303  1.00 36.42 ? 81  ARG A HH21 1 
ATOM   605  H HH22 . ARG A 1 41 ? 11.024  12.044  -0.517  1.00 36.42 ? 81  ARG A HH22 1 
ATOM   606  N N    . TRP A 1 42 ? 3.194   7.271   1.867   1.00 11.22 ? 82  TRP A N    1 
ATOM   607  C CA   . TRP A 1 42 ? 1.981   7.133   2.654   1.00 8.63  ? 82  TRP A CA   1 
ATOM   608  C C    . TRP A 1 42 ? 1.200   8.421   2.607   1.00 12.75 ? 82  TRP A C    1 
ATOM   609  O O    . TRP A 1 42 ? 1.767   9.502   2.775   1.00 15.15 ? 82  TRP A O    1 
ATOM   610  C CB   . TRP A 1 42 ? 2.303   6.800   4.105   1.00 13.35 ? 82  TRP A CB   1 
ATOM   611  C CG   . TRP A 1 42 ? 1.070   6.618   4.889   1.00 11.71 ? 82  TRP A CG   1 
ATOM   612  C CD1  . TRP A 1 42 ? 0.599   7.423   5.875   1.00 14.56 ? 82  TRP A CD1  1 
ATOM   613  C CD2  . TRP A 1 42 ? 0.097   5.583   4.713   1.00 10.46 ? 82  TRP A CD2  1 
ATOM   614  N NE1  . TRP A 1 42 ? -0.604  6.948   6.343   1.00 13.89 ? 82  TRP A NE1  1 
ATOM   615  C CE2  . TRP A 1 42 ? -0.928  5.811   5.650   1.00 13.74 ? 82  TRP A CE2  1 
ATOM   616  C CE3  . TRP A 1 42 ? 0.006   4.476   3.867   1.00 13.71 ? 82  TRP A CE3  1 
ATOM   617  C CZ2  . TRP A 1 42 ? -2.029  4.983   5.755   1.00 15.31 ? 82  TRP A CZ2  1 
ATOM   618  C CZ3  . TRP A 1 42 ? -1.080  3.654   3.980   1.00 12.67 ? 82  TRP A CZ3  1 
ATOM   619  C CH2  . TRP A 1 42 ? -2.084  3.905   4.922   1.00 14.13 ? 82  TRP A CH2  1 
ATOM   620  H H    . TRP A 1 42 ? 3.916   7.278   2.333   1.00 13.46 ? 82  TRP A H    1 
ATOM   621  H HA   . TRP A 1 42 ? 1.431   6.423   2.287   1.00 10.36 ? 82  TRP A HA   1 
ATOM   622  H HB2  . TRP A 1 42 ? 2.813   5.976   4.140   1.00 16.02 ? 82  TRP A HB2  1 
ATOM   623  H HB3  . TRP A 1 42 ? 2.810   7.528   4.497   1.00 16.02 ? 82  TRP A HB3  1 
ATOM   624  H HD1  . TRP A 1 42 ? 1.026   8.189   6.186   1.00 17.47 ? 82  TRP A HD1  1 
ATOM   625  H HE1  . TRP A 1 42 ? -1.070  7.300   6.974   1.00 16.67 ? 82  TRP A HE1  1 
ATOM   626  H HE3  . TRP A 1 42 ? 0.672   4.298   3.243   1.00 16.45 ? 82  TRP A HE3  1 
ATOM   627  H HZ2  . TRP A 1 42 ? -2.698  5.145   6.381   1.00 18.37 ? 82  TRP A HZ2  1 
ATOM   628  H HZ3  . TRP A 1 42 ? -1.152  2.913   3.422   1.00 15.20 ? 82  TRP A HZ3  1 
ATOM   629  H HH2  . TRP A 1 42 ? -2.814  3.330   4.971   1.00 16.96 ? 82  TRP A HH2  1 
ATOM   630  N N    . ASN A 1 43 ? -0.093  8.293   2.346   1.00 12.32 ? 83  ASN A N    1 
ATOM   631  C CA   . ASN A 1 43 ? -1.026  9.412   2.253   1.00 14.78 ? 83  ASN A CA   1 
ATOM   632  C C    . ASN A 1 43 ? -2.020  9.272   3.405   1.00 15.41 ? 83  ASN A C    1 
ATOM   633  O O    . ASN A 1 43 ? -2.943  8.457   3.353   1.00 14.69 ? 83  ASN A O    1 
ATOM   634  C CB   . ASN A 1 43 ? -1.708  9.361   0.875   1.00 13.76 ? 83  ASN A CB   1 
ATOM   635  C CG   . ASN A 1 43 ? -2.813  10.402  0.696   1.00 25.68 ? 83  ASN A CG   1 
ATOM   636  O OD1  . ASN A 1 43 ? -3.272  11.030  1.644   1.00 19.72 ? 83  ASN A OD1  1 
ATOM   637  N ND2  . ASN A 1 43 ? -3.262  10.562  -0.539  1.00 24.14 ? 83  ASN A ND2  1 
ATOM   638  H H    . ASN A 1 43 ? -0.471  7.532   2.213   1.00 14.78 ? 83  ASN A H    1 
ATOM   639  H HA   . ASN A 1 43 ? -0.551  10.253  2.343   1.00 17.74 ? 83  ASN A HA   1 
ATOM   640  H HB2  . ASN A 1 43 ? -1.039  9.517   0.189   1.00 16.52 ? 83  ASN A HB2  1 
ATOM   641  H HB3  . ASN A 1 43 ? -2.103  8.484   0.754   1.00 16.52 ? 83  ASN A HB3  1 
ATOM   642  H HD21 . ASN A 1 43 ? -3.884  11.134  -0.701  1.00 28.97 ? 83  ASN A HD21 1 
ATOM   643  H HD22 . ASN A 1 43 ? -2.932  10.095  -1.181  1.00 28.97 ? 83  ASN A HD22 1 
ATOM   644  N N    . GLU A 1 44 ? -1.790  10.034  4.472   1.00 16.38 ? 84  GLU A N    1 
ATOM   645  C CA   . GLU A 1 44 ? -2.583  9.935   5.699   1.00 20.48 ? 84  GLU A CA   1 
ATOM   646  C C    . GLU A 1 44 ? -4.063  10.178  5.449   1.00 21.02 ? 84  GLU A C    1 
ATOM   647  O O    . GLU A 1 44 ? -4.929  9.501   6.007   1.00 27.34 ? 84  GLU A O    1 
ATOM   648  C CB   . GLU A 1 44 ? -2.099  10.989  6.699   1.00 25.53 ? 84  GLU A CB   1 
ATOM   649  C CG   . GLU A 1 44 ? -0.736  10.702  7.258   1.00 43.24 ? 84  GLU A CG   1 
ATOM   650  C CD   . GLU A 1 44 ? -0.372  11.601  8.432   1.00 41.33 ? 84  GLU A CD   1 
ATOM   651  O OE1  . GLU A 1 44 ? 0.608   12.366  8.300   1.00 38.15 ? 84  GLU A OE1  1 
ATOM   652  O OE2  . GLU A 1 44 ? -1.048  11.521  9.483   1.00 32.54 ? 84  GLU A OE2  1 
ATOM   653  H H    . GLU A 1 44 ? -1.169  10.628  4.513   1.00 19.65 ? 84  GLU A H    1 
ATOM   654  H HA   . GLU A 1 44 ? -2.472  9.056   6.093   1.00 24.57 ? 84  GLU A HA   1 
ATOM   655  H HB2  . GLU A 1 44 ? -2.063  11.850  6.254   1.00 30.63 ? 84  GLU A HB2  1 
ATOM   656  H HB3  . GLU A 1 44 ? -2.723  11.026  7.441   1.00 30.63 ? 84  GLU A HB3  1 
ATOM   657  H HG2  . GLU A 1 44 ? -0.709  9.782   7.566   1.00 51.88 ? 84  GLU A HG2  1 
ATOM   658  H HG3  . GLU A 1 44 ? -0.074  10.837  6.561   1.00 51.88 ? 84  GLU A HG3  1 
ATOM   659  N N    . ASP A 1 45 ? -4.339  11.173  4.619   1.00 20.24 ? 85  ASP A N    1 
ATOM   660  C CA   . ASP A 1 45 ? -5.709  11.616  4.423   1.00 22.25 ? 85  ASP A CA   1 
ATOM   661  C C    . ASP A 1 45 ? -6.535  10.506  3.795   1.00 30.71 ? 85  ASP A C    1 
ATOM   662  O O    . ASP A 1 45 ? -7.731  10.372  4.069   1.00 25.19 ? 85  ASP A O    1 
ATOM   663  C CB   . ASP A 1 45 ? -5.739  12.840  3.519   1.00 18.62 ? 85  ASP A CB   1 
ATOM   664  C CG   . ASP A 1 45 ? -5.306  14.116  4.231   1.00 27.41 ? 85  ASP A CG   1 
ATOM   665  O OD1  . ASP A 1 45 ? -5.184  14.094  5.470   1.00 22.59 ? 85  ASP A OD1  1 
ATOM   666  O OD2  . ASP A 1 45 ? -5.102  15.140  3.542   1.00 29.23 ? 85  ASP A OD2  1 
ATOM   667  H H    . ASP A 1 45 ? -3.755  11.606  4.161   1.00 24.29 ? 85  ASP A H    1 
ATOM   668  H HA   . ASP A 1 45 ? -6.103  11.850  5.277   1.00 26.70 ? 85  ASP A HA   1 
ATOM   669  H HB2  . ASP A 1 45 ? -5.137  12.695  2.773   1.00 22.35 ? 85  ASP A HB2  1 
ATOM   670  H HB3  . ASP A 1 45 ? -6.644  12.970  3.195   1.00 22.35 ? 85  ASP A HB3  1 
ATOM   671  N N    . GLU A 1 46 ? -5.887  9.702   2.959   1.00 21.41 ? 86  GLU A N    1 
ATOM   672  C CA   . GLU A 1 46 ? -6.587  8.666   2.208   1.00 17.64 ? 86  GLU A CA   1 
ATOM   673  C C    . GLU A 1 46 ? -6.288  7.257   2.658   1.00 23.50 ? 86  GLU A C    1 
ATOM   674  O O    . GLU A 1 46 ? -6.820  6.299   2.091   1.00 21.14 ? 86  GLU A O    1 
ATOM   675  C CB   . GLU A 1 46 ? -6.291  8.849   0.738   1.00 19.52 ? 86  GLU A CB   1 
ATOM   676  C CG   . GLU A 1 46 ? -6.726  10.225  0.313   1.00 24.06 ? 86  GLU A CG   1 
ATOM   677  C CD   . GLU A 1 46 ? -6.814  10.392  -1.172  1.00 23.67 ? 86  GLU A CD   1 
ATOM   678  O OE1  . GLU A 1 46 ? -7.553  9.615   -1.813  1.00 24.48 ? 86  GLU A OE1  1 
ATOM   679  O OE2  . GLU A 1 46 ? -6.152  11.314  -1.694  1.00 29.05 ? 86  GLU A OE2  1 
ATOM   680  H H    . GLU A 1 46 ? -5.041  9.735   2.808   1.00 25.69 ? 86  GLU A H    1 
ATOM   681  H HA   . GLU A 1 46 ? -7.540  8.803   2.326   1.00 21.17 ? 86  GLU A HA   1 
ATOM   682  H HB2  . GLU A 1 46 ? -5.338  8.763   0.582   1.00 23.42 ? 86  GLU A HB2  1 
ATOM   683  H HB3  . GLU A 1 46 ? -6.784  8.194   0.220   1.00 23.42 ? 86  GLU A HB3  1 
ATOM   684  H HG2  . GLU A 1 46 ? -7.603  10.405  0.686   1.00 28.87 ? 86  GLU A HG2  1 
ATOM   685  H HG3  . GLU A 1 46 ? -6.087  10.873  0.648   1.00 28.87 ? 86  GLU A HG3  1 
ATOM   686  N N    . GLU A 1 47 ? -5.466  7.138   3.696   1.00 17.29 ? 87  GLU A N    1 
ATOM   687  C CA   . GLU A 1 47 ? -5.142  5.846   4.267   1.00 15.38 ? 87  GLU A CA   1 
ATOM   688  C C    . GLU A 1 47 ? -4.733  4.904   3.159   1.00 15.63 ? 87  GLU A C    1 
ATOM   689  O O    . GLU A 1 47 ? -5.201  3.773   3.060   1.00 16.82 ? 87  GLU A O    1 
ATOM   690  C CB   . GLU A 1 47 ? -6.314  5.314   5.094   1.00 22.63 ? 87  GLU A CB   1 
ATOM   691  C CG   . GLU A 1 47 ? -6.503  6.140   6.355   1.00 31.35 ? 87  GLU A CG   1 
ATOM   692  C CD   . GLU A 1 47 ? -7.453  5.532   7.366   1.00 46.84 ? 87  GLU A CD   1 
ATOM   693  O OE1  . GLU A 1 47 ? -8.138  4.545   7.037   1.00 46.35 ? 87  GLU A OE1  1 
ATOM   694  O OE2  . GLU A 1 47 ? -7.502  6.055   8.503   1.00 49.08 ? 87  GLU A OE2  1 
ATOM   695  H H    . GLU A 1 47 ? -5.081  7.800   4.088   1.00 20.75 ? 87  GLU A H    1 
ATOM   696  H HA   . GLU A 1 47 ? -4.383  5.949   4.863   1.00 18.46 ? 87  GLU A HA   1 
ATOM   697  H HB2  . GLU A 1 47 ? -7.129  5.366   4.570   1.00 27.16 ? 87  GLU A HB2  1 
ATOM   698  H HB3  . GLU A 1 47 ? -6.136  4.396   5.353   1.00 27.16 ? 87  GLU A HB3  1 
ATOM   699  H HG2  . GLU A 1 47 ? -5.641  6.247   6.788   1.00 37.62 ? 87  GLU A HG2  1 
ATOM   700  H HG3  . GLU A 1 47 ? -6.854  7.009   6.107   1.00 37.62 ? 87  GLU A HG3  1 
ATOM   701  N N    . THR A 1 48 ? -3.840  5.400   2.310   1.00 12.81 ? 88  THR A N    1 
ATOM   702  C CA   . THR A 1 48 ? -3.268  4.568   1.260   1.00 10.24 ? 88  THR A CA   1 
ATOM   703  C C    . THR A 1 48 ? -1.873  5.055   0.857   1.00 11.88 ? 88  THR A C    1 
ATOM   704  O O    . THR A 1 48 ? -1.396  6.097   1.323   1.00 12.84 ? 88  THR A O    1 
ATOM   705  C CB   . THR A 1 48 ? -4.193  4.488   0.041   1.00 10.91 ? 88  THR A CB   1 
ATOM   706  O OG1  . THR A 1 48 ? -3.768  3.399   -0.785  1.00 11.35 ? 88  THR A OG1  1 
ATOM   707  C CG2  . THR A 1 48 ? -4.141  5.772   -0.780  1.00 13.27 ? 88  THR A CG2  1 
ATOM   708  H H    . THR A 1 48 ? -3.551  6.210   2.320   1.00 15.38 ? 88  THR A H    1 
ATOM   709  H HA   . THR A 1 48 ? -3.170  3.667   1.607   1.00 12.28 ? 88  THR A HA   1 
ATOM   710  H HB   . THR A 1 48 ? -5.107  4.342   0.332   1.00 13.09 ? 88  THR A HB   1 
ATOM   711  H HG1  . THR A 1 48 ? -4.265  3.340   -1.460  1.00 13.61 ? 88  THR A HG1  1 
ATOM   712  H HG21 . THR A 1 48 ? -4.732  5.700   -1.545  1.00 15.92 ? 88  THR A HG21 1 
ATOM   713  H HG22 . THR A 1 48 ? -4.420  6.526   -0.236  1.00 15.92 ? 88  THR A HG22 1 
ATOM   714  H HG23 . THR A 1 48 ? -3.237  5.928   -1.094  1.00 15.92 ? 88  THR A HG23 1 
ATOM   715  N N    . CYS A 1 49 ? -1.218  4.286   0.000   1.00 10.57 ? 89  CYS A N    1 
ATOM   716  C CA   . CYS A 1 49 ? 0.046   4.687   -0.578  1.00 12.67 ? 89  CYS A CA   1 
ATOM   717  C C    . CYS A 1 49 ? -0.227  5.354   -1.913  1.00 12.80 ? 89  CYS A C    1 
ATOM   718  O O    . CYS A 1 49 ? -1.013  4.854   -2.706  1.00 13.23 ? 89  CYS A O    1 
ATOM   719  C CB   . CYS A 1 49 ? 0.941   3.464   -0.780  1.00 11.49 ? 89  CYS A CB   1 
ATOM   720  S SG   . CYS A 1 49 ? 1.395   2.607   0.738   1.00 13.44 ? 89  CYS A SG   1 
ATOM   721  H H    . CYS A 1 49 ? -1.493  3.515   -0.265  1.00 12.69 ? 89  CYS A H    1 
ATOM   722  H HA   . CYS A 1 49 ? 0.495   5.317   0.007   1.00 15.21 ? 89  CYS A HA   1 
ATOM   723  H HB2  . CYS A 1 49 ? 0.475   2.830   -1.347  1.00 13.79 ? 89  CYS A HB2  1 
ATOM   724  H HB3  . CYS A 1 49 ? 1.761   3.748   -1.214  1.00 13.79 ? 89  CYS A HB3  1 
ATOM   725  N N    . THR A 1 50 ? 0.431   6.479   -2.148  1.00 11.96 ? 90  THR A N    1 
ATOM   726  C CA   . THR A 1 50 ? 0.149   7.348   -3.286  1.00 12.29 ? 90  THR A CA   1 
ATOM   727  C C    . THR A 1 50 ? 1.437   7.715   -4.006  1.00 15.21 ? 90  THR A C    1 
ATOM   728  O O    . THR A 1 50 ? 2.458   8.060   -3.371  1.00 13.23 ? 90  THR A O    1 
ATOM   729  C CB   . THR A 1 50 ? -0.540  8.648   -2.807  1.00 16.46 ? 90  THR A CB   1 
ATOM   730  O OG1  . THR A 1 50 ? -1.833  8.340   -2.292  1.00 17.57 ? 90  THR A OG1  1 
ATOM   731  C CG2  . THR A 1 50 ? -0.667  9.666   -3.924  1.00 20.39 ? 90  THR A CG2  1 
ATOM   732  O OXT  . THR A 1 50 ? 1.487   7.698   -5.243  1.00 16.35 ? 90  THR A OXT  1 
ATOM   733  H H    . THR A 1 50 ? 1.066   6.772   -1.648  1.00 14.35 ? 90  THR A H    1 
ATOM   734  H HA   . THR A 1 50 ? -0.439  6.893   -3.909  1.00 14.75 ? 90  THR A HA   1 
ATOM   735  H HB   . THR A 1 50 ? -0.006  9.046   -2.101  1.00 19.75 ? 90  THR A HB   1 
ATOM   736  H HG1  . THR A 1 50 ? -2.213  9.043   -2.030  1.00 21.09 ? 90  THR A HG1  1 
ATOM   737  H HG21 . THR A 1 50 ? -1.102  10.468  -3.594  1.00 24.46 ? 90  THR A HG21 1 
ATOM   738  H HG22 . THR A 1 50 ? 0.212   9.899   -4.261  1.00 24.46 ? 90  THR A HG22 1 
ATOM   739  H HG23 . THR A 1 50 ? -1.195  9.297   -4.650  1.00 24.46 ? 90  THR A HG23 1 
ATOM   740  N N    . THR B 1 3  ? -11.003 3.206   -12.404 1.00 37.21 ? 43  THR B N    1 
ATOM   741  C CA   . THR B 1 3  ? -10.708 1.924   -13.084 1.00 34.02 ? 43  THR B CA   1 
ATOM   742  C C    . THR B 1 3  ? -11.782 0.895   -12.782 1.00 31.18 ? 43  THR B C    1 
ATOM   743  O O    . THR B 1 3  ? -12.448 0.992   -11.710 1.00 28.54 ? 43  THR B O    1 
ATOM   744  C CB   . THR B 1 3  ? -9.329  1.337   -12.675 1.00 30.04 ? 43  THR B CB   1 
ATOM   745  O OG1  . THR B 1 3  ? -9.326  1.052   -11.261 1.00 50.54 ? 43  THR B OG1  1 
ATOM   746  C CG2  . THR B 1 3  ? -8.197  2.372   -13.065 1.00 30.91 ? 43  THR B CG2  1 
ATOM   747  H HA   . THR B 1 3  ? -10.697 2.071   -14.042 1.00 40.82 ? 43  THR B HA   1 
ATOM   748  H HB   . THR B 1 3  ? -9.173  0.516   -13.168 1.00 36.05 ? 43  THR B HB   1 
ATOM   749  H HG1  . THR B 1 3  ? -9.466  1.756   -10.825 1.00 60.65 ? 43  THR B HG1  1 
ATOM   750  H HG21 . THR B 1 3  ? -7.327  2.022   -12.817 1.00 37.09 ? 43  THR B HG21 1 
ATOM   751  H HG22 . THR B 1 3  ? -8.211  2.533   -14.022 1.00 37.09 ? 43  THR B HG22 1 
ATOM   752  H HG23 . THR B 1 3  ? -8.343  3.213   -12.602 1.00 37.09 ? 43  THR B HG23 1 
ATOM   753  N N    . LYS B 1 4  ? -11.983 0.006   -13.744 1.00 24.79 ? 44  LYS B N    1 
ATOM   754  C CA   . LYS B 1 4  ? -12.787 -1.197  -13.629 1.00 28.79 ? 44  LYS B CA   1 
ATOM   755  C C    . LYS B 1 4  ? -12.040 -2.371  -12.998 1.00 22.48 ? 44  LYS B C    1 
ATOM   756  O O    . LYS B 1 4  ? -12.639 -3.419  -12.821 1.00 21.26 ? 44  LYS B O    1 
ATOM   757  C CB   . LYS B 1 4  ? -13.280 -1.699  -14.965 1.00 23.38 ? 44  LYS B CB   1 
ATOM   758  C CG   . LYS B 1 4  ? -14.344 -0.714  -15.527 1.00 39.92 ? 44  LYS B CG   1 
ATOM   759  C CD   . LYS B 1 4  ? -15.037 -1.280  -16.748 1.00 36.97 ? 44  LYS B CD   1 
ATOM   760  H H    . LYS B 1 4  ? -11.637 0.088   -14.526 1.00 29.75 ? 44  LYS B H    1 
ATOM   761  H HA   . LYS B 1 4  ? -13.562 -1.005  -13.078 1.00 34.55 ? 44  LYS B HA   1 
ATOM   762  H HB2  . LYS B 1 4  ? -12.539 -1.745  -15.590 1.00 28.06 ? 44  LYS B HB2  1 
ATOM   763  H HB3  . LYS B 1 4  ? -13.691 -2.571  -14.855 1.00 28.06 ? 44  LYS B HB3  1 
ATOM   764  H HG2  . LYS B 1 4  ? -15.016 -0.547  -14.848 1.00 47.90 ? 44  LYS B HG2  1 
ATOM   765  H HG3  . LYS B 1 4  ? -13.910 0.116   -15.781 1.00 47.90 ? 44  LYS B HG3  1 
ATOM   766  N N    . PHE B 1 5  ? -10.733 -2.225  -12.700 1.00 22.02 ? 45  PHE B N    1 
ATOM   767  C CA   . PHE B 1 5  ? -10.016 -3.302  -11.951 1.00 18.76 ? 45  PHE B CA   1 
ATOM   768  C C    . PHE B 1 5  ? -10.758 -3.535  -10.700 1.00 14.37 ? 45  PHE B C    1 
ATOM   769  O O    . PHE B 1 5  ? -11.111 -2.615  -9.945  1.00 18.06 ? 45  PHE B O    1 
ATOM   770  C CB   . PHE B 1 5  ? -8.554  -2.862  -11.648 1.00 18.04 ? 45  PHE B CB   1 
ATOM   771  C CG   . PHE B 1 5  ? -7.767  -3.865  -10.815 1.00 12.47 ? 45  PHE B CG   1 
ATOM   772  C CD1  . PHE B 1 5  ? -7.244  -4.965  -11.448 1.00 15.36 ? 45  PHE B CD1  1 
ATOM   773  C CD2  . PHE B 1 5  ? -7.654  -3.728  -9.446  1.00 12.19 ? 45  PHE B CD2  1 
ATOM   774  C CE1  . PHE B 1 5  ? -6.646  -5.904  -10.779 1.00 20.60 ? 45  PHE B CE1  1 
ATOM   775  C CE2  . PHE B 1 5  ? -6.921  -4.673  -8.733  1.00 14.35 ? 45  PHE B CE2  1 
ATOM   776  C CZ   . PHE B 1 5  ? -6.434  -5.789  -9.478  1.00 13.64 ? 45  PHE B CZ   1 
ATOM   777  H H    . PHE B 1 5  ? -10.249 -1.544  -12.908 1.00 26.42 ? 45  PHE B H    1 
ATOM   778  H HA   . PHE B 1 5  ? -10.003 -4.121  -12.471 1.00 22.52 ? 45  PHE B HA   1 
ATOM   779  H HB2  . PHE B 1 5  ? -8.083  -2.741  -12.488 1.00 21.65 ? 45  PHE B HB2  1 
ATOM   780  H HB3  . PHE B 1 5  ? -8.574  -2.024  -11.160 1.00 21.65 ? 45  PHE B HB3  1 
ATOM   781  H HD1  . PHE B 1 5  ? -7.376  -5.070  -12.362 1.00 18.43 ? 45  PHE B HD1  1 
ATOM   782  H HD2  . PHE B 1 5  ? -7.989  -2.973  -9.019  1.00 14.63 ? 45  PHE B HD2  1 
ATOM   783  H HE1  . PHE B 1 5  ? -6.277  -6.624  -11.238 1.00 24.71 ? 45  PHE B HE1  1 
ATOM   784  H HE2  . PHE B 1 5  ? -6.814  -4.616  -7.812  1.00 17.22 ? 45  PHE B HE2  1 
ATOM   785  H HZ   . PHE B 1 5  ? -5.969  -6.461  -9.034  1.00 16.36 ? 45  PHE B HZ   1 
ATOM   786  N N    . GLU B 1 6  ? -11.006 -4.822  -10.346 1.00 14.26 ? 46  GLU B N    1 
ATOM   787  C CA   . GLU B 1 6  ? -11.674 -5.204  -9.109  1.00 13.90 ? 46  GLU B CA   1 
ATOM   788  C C    . GLU B 1 6  ? -10.664 -5.607  -8.045  1.00 13.18 ? 46  GLU B C    1 
ATOM   789  O O    . GLU B 1 6  ? -9.923  -6.581  -8.221  1.00 15.44 ? 46  GLU B O    1 
ATOM   790  C CB   . GLU B 1 6  ? -12.626 -6.370  -9.369  1.00 21.37 ? 46  GLU B CB   1 
ATOM   791  C CG   . GLU B 1 6  ? -13.821 -5.984  -10.212 1.00 23.52 ? 46  GLU B CG   1 
ATOM   792  C CD   . GLU B 1 6  ? -14.964 -5.406  -9.394  1.00 31.38 ? 46  GLU B CD   1 
ATOM   793  O OE1  . GLU B 1 6  ? -14.860 -5.368  -8.145  1.00 28.60 ? 46  GLU B OE1  1 
ATOM   794  O OE2  . GLU B 1 6  ? -15.969 -4.983  -10.007 1.00 33.59 ? 46  GLU B OE2  1 
ATOM   795  H H    . GLU B 1 6  ? -10.784 -5.497  -10.831 1.00 17.11 ? 46  GLU B H    1 
ATOM   796  H HA   . GLU B 1 6  ? -12.191 -4.454  -8.775  1.00 16.68 ? 46  GLU B HA   1 
ATOM   797  H HB2  . GLU B 1 6  ? -12.144 -7.071  -9.836  1.00 25.65 ? 46  GLU B HB2  1 
ATOM   798  H HB3  . GLU B 1 6  ? -12.954 -6.703  -8.520  1.00 25.65 ? 46  GLU B HB3  1 
ATOM   799  H HG2  . GLU B 1 6  ? -13.547 -5.314  -10.858 1.00 28.22 ? 46  GLU B HG2  1 
ATOM   800  H HG3  . GLU B 1 6  ? -14.150 -6.772  -10.671 1.00 28.22 ? 46  GLU B HG3  1 
ATOM   801  N N    . CYS B 1 7  ? -10.617 -4.832  -6.965  1.00 14.89 ? 47  CYS B N    1 
ATOM   802  C CA   . CYS B 1 7  ? -9.774  -5.158  -5.823  1.00 12.33 ? 47  CYS B CA   1 
ATOM   803  C C    . CYS B 1 7  ? -10.100 -6.559  -5.293  1.00 14.74 ? 47  CYS B C    1 
ATOM   804  O O    . CYS B 1 7  ? -11.262 -6.848  -4.992  1.00 16.20 ? 47  CYS B O    1 
ATOM   805  C CB   . CYS B 1 7  ? -9.982  -4.137  -4.707  1.00 11.87 ? 47  CYS B CB   1 
ATOM   806  S SG   . CYS B 1 7  ? -9.276  -2.519  -5.082  1.00 13.98 ? 47  CYS B SG   1 
ATOM   807  H H    . CYS B 1 7  ? -11.068 -4.107  -6.870  1.00 17.87 ? 47  CYS B H    1 
ATOM   808  H HA   . CYS B 1 7  ? -8.842  -5.138  -6.091  1.00 14.79 ? 47  CYS B HA   1 
ATOM   809  H HB2  . CYS B 1 7  ? -10.934 -4.020  -4.561  1.00 14.24 ? 47  CYS B HB2  1 
ATOM   810  H HB3  . CYS B 1 7  ? -9.561  -4.466  -3.898  1.00 14.24 ? 47  CYS B HB3  1 
ATOM   811  N N    . PRO B 1 8  ? -9.086  -7.439  -5.205  1.00 15.41 ? 48  PRO B N    1 
ATOM   812  C CA   . PRO B 1 8  ? -9.353  -8.773  -4.636  1.00 16.78 ? 48  PRO B CA   1 
ATOM   813  C C    . PRO B 1 8  ? -9.539  -8.774  -3.115  1.00 15.40 ? 48  PRO B C    1 
ATOM   814  O O    . PRO B 1 8  ? -10.121 -9.707  -2.563  1.00 17.69 ? 48  PRO B O    1 
ATOM   815  C CB   . PRO B 1 8  ? -8.109  -9.575  -5.028  1.00 18.44 ? 48  PRO B CB   1 
ATOM   816  C CG   . PRO B 1 8  ? -7.497  -8.830  -6.182  1.00 21.21 ? 48  PRO B CG   1 
ATOM   817  C CD   . PRO B 1 8  ? -7.789  -7.383  -5.900  1.00 15.70 ? 48  PRO B CD   1 
ATOM   818  H HA   . PRO B 1 8  ? -10.134 -9.167  -5.055  1.00 20.14 ? 48  PRO B HA   1 
ATOM   819  H HB2  . PRO B 1 8  ? -7.495  -9.610  -4.279  1.00 22.13 ? 48  PRO B HB2  1 
ATOM   820  H HB3  . PRO B 1 8  ? -8.370  -10.470 -5.298  1.00 22.13 ? 48  PRO B HB3  1 
ATOM   821  H HG2  . PRO B 1 8  ? -6.540  -8.990  -6.205  1.00 25.45 ? 48  PRO B HG2  1 
ATOM   822  H HG3  . PRO B 1 8  ? -7.914  -9.110  -7.011  1.00 25.45 ? 48  PRO B HG3  1 
ATOM   823  H HD2  . PRO B 1 8  ? -7.110  -7.005  -5.319  1.00 18.84 ? 48  PRO B HD2  1 
ATOM   824  H HD3  . PRO B 1 8  ? -7.870  -6.885  -6.728  1.00 18.84 ? 48  PRO B HD3  1 
ATOM   825  N N    A SER B 1 9  ? -9.028  -7.729  -2.463  0.58 14.26 ? 49  SER B N    1 
ATOM   826  N N    B SER B 1 9  ? -9.028  -7.746  -2.443  0.42 14.24 ? 49  SER B N    1 
ATOM   827  C CA   A SER B 1 9  ? -9.095  -7.558  -1.021  0.58 14.32 ? 49  SER B CA   1 
ATOM   828  C CA   B SER B 1 9  ? -9.213  -7.593  -1.010  0.42 14.39 ? 49  SER B CA   1 
ATOM   829  C C    A SER B 1 9  ? -9.366  -6.089  -0.726  0.58 11.97 ? 49  SER B C    1 
ATOM   830  C C    B SER B 1 9  ? -9.330  -6.106  -0.708  0.42 11.97 ? 49  SER B C    1 
ATOM   831  O O    A SER B 1 9  ? -9.206  -5.235  -1.596  0.58 13.28 ? 49  SER B O    1 
ATOM   832  O O    B SER B 1 9  ? -9.026  -5.265  -1.553  0.42 13.08 ? 49  SER B O    1 
ATOM   833  C CB   A SER B 1 9  ? -7.765  -7.959  -0.379  0.58 16.84 ? 49  SER B CB   1 
ATOM   834  C CB   B SER B 1 9  ? -8.049  -8.224  -0.235  0.42 17.12 ? 49  SER B CB   1 
ATOM   835  O OG   A SER B 1 9  ? -7.435  -9.306  -0.657  0.58 19.62 ? 49  SER B OG   1 
ATOM   836  O OG   B SER B 1 9  ? -6.892  -7.418  -0.290  0.42 14.29 ? 49  SER B OG   1 
ATOM   837  H H    A SER B 1 9  ? -8.623  -7.081  -2.857  0.58 17.11 ? 49  SER B H    1 
ATOM   838  H H    B SER B 1 9  ? -8.566  -7.116  -2.802  0.42 17.09 ? 49  SER B H    1 
ATOM   839  H HA   A SER B 1 9  ? -9.809  -8.099  -0.649  0.58 17.19 ? 49  SER B HA   1 
ATOM   840  H HA   B SER B 1 9  ? -10.035 -8.029  -0.740  0.42 17.27 ? 49  SER B HA   1 
ATOM   841  H HB2  A SER B 1 9  ? -7.064  -7.387  -0.728  0.58 20.21 ? 49  SER B HB2  1 
ATOM   842  H HB2  B SER B 1 9  ? -8.313  -8.331  0.692   0.42 20.55 ? 49  SER B HB2  1 
ATOM   843  H HB3  A SER B 1 9  ? -7.834  -7.846  0.582   0.58 20.21 ? 49  SER B HB3  1 
ATOM   844  H HB3  B SER B 1 9  ? -7.847  -9.090  -0.623  0.42 20.55 ? 49  SER B HB3  1 
ATOM   845  H HG   A SER B 1 9  ? -8.032  -9.815  -0.359  0.58 23.55 ? 49  SER B HG   1 
ATOM   846  H HG   B SER B 1 9  ? -6.650  -7.317  -1.088  0.42 17.14 ? 49  SER B HG   1 
ATOM   847  N N    . ARG B 1 10 ? -9.778  -5.787  0.501   1.00 10.52 ? 50  ARG B N    1 
ATOM   848  C CA   . ARG B 1 10 ? -10.037 -4.425  0.900   1.00 9.48  ? 50  ARG B CA   1 
ATOM   849  C C    . ARG B 1 10 ? -8.814  -3.517  0.778   1.00 10.18 ? 50  ARG B C    1 
ATOM   850  O O    . ARG B 1 10 ? -8.912  -2.370  0.316   1.00 10.70 ? 50  ARG B O    1 
ATOM   851  C CB   . ARG B 1 10 ? -10.532 -4.427  2.342   1.00 13.30 ? 50  ARG B CB   1 
ATOM   852  C CG   . ARG B 1 10 ? -10.956 -3.088  2.854   1.00 12.41 ? 50  ARG B CG   1 
ATOM   853  C CD   . ARG B 1 10 ? -11.566 -3.221  4.228   1.00 16.43 ? 50  ARG B CD   1 
ATOM   854  N NE   . ARG B 1 10 ? -12.241 -1.992  4.604   1.00 19.10 ? 50  ARG B NE   1 
ATOM   855  C CZ   . ARG B 1 10 ? -12.962 -1.841  5.707   1.00 29.13 ? 50  ARG B CZ   1 
ATOM   856  N NH1  . ARG B 1 10 ? -13.098 -2.851  6.561   1.00 25.97 ? 50  ARG B NH1  1 
ATOM   857  N NH2  . ARG B 1 10 ? -13.541 -0.675  5.944   1.00 36.54 ? 50  ARG B NH2  1 
ATOM   858  H H    . ARG B 1 10 ? -9.927  -6.363  1.122   1.00 12.63 ? 50  ARG B H    1 
ATOM   859  H HA   . ARG B 1 10 ? -10.740 -4.059  0.340   1.00 11.37 ? 50  ARG B HA   1 
ATOM   860  H HB2  . ARG B 1 10 ? -11.296 -5.023  2.408   1.00 15.96 ? 50  ARG B HB2  1 
ATOM   861  H HB3  . ARG B 1 10 ? -9.818  -4.749  2.915   1.00 15.96 ? 50  ARG B HB3  1 
ATOM   862  H HG2  . ARG B 1 10 ? -10.183 -2.505  2.915   1.00 14.89 ? 50  ARG B HG2  1 
ATOM   863  H HG3  . ARG B 1 10 ? -11.621 -2.709  2.258   1.00 14.89 ? 50  ARG B HG3  1 
ATOM   864  H HD2  . ARG B 1 10 ? -12.215 -3.940  4.225   1.00 19.72 ? 50  ARG B HD2  1 
ATOM   865  H HD3  . ARG B 1 10 ? -10.866 -3.398  4.876   1.00 19.72 ? 50  ARG B HD3  1 
ATOM   866  H HE   . ARG B 1 10 ? -12.169 -1.317  4.077   1.00 22.92 ? 50  ARG B HE   1 
ATOM   867  H HH11 . ARG B 1 10 ? -12.720 -3.606  6.398   1.00 31.16 ? 50  ARG B HH11 1 
ATOM   868  H HH12 . ARG B 1 10 ? -13.565 -2.750  7.276   1.00 31.16 ? 50  ARG B HH12 1 
ATOM   869  H HH21 . ARG B 1 10 ? -13.446 -0.027  5.386   1.00 43.85 ? 50  ARG B HH21 1 
ATOM   870  H HH22 . ARG B 1 10 ? -14.008 -0.564  6.657   1.00 43.85 ? 50  ARG B HH22 1 
ATOM   871  N N    . PHE B 1 11 ? -7.669  -4.019  1.216   1.00 13.20 ? 51  PHE B N    1 
ATOM   872  C CA   . PHE B 1 11 ? -6.409  -3.297  1.143   1.00 13.36 ? 51  PHE B CA   1 
ATOM   873  C C    . PHE B 1 11 ? -5.365  -4.206  0.518   1.00 10.33 ? 51  PHE B C    1 
ATOM   874  O O    . PHE B 1 11 ? -5.304  -5.396  0.826   1.00 13.33 ? 51  PHE B O    1 
ATOM   875  C CB   . PHE B 1 11 ? -5.915  -2.893  2.538   1.00 12.70 ? 51  PHE B CB   1 
ATOM   876  C CG   . PHE B 1 11 ? -4.701  -2.011  2.501   1.00 15.44 ? 51  PHE B CG   1 
ATOM   877  C CD1  . PHE B 1 11 ? -4.837  -0.646  2.345   1.00 17.34 ? 51  PHE B CD1  1 
ATOM   878  C CD2  . PHE B 1 11 ? -3.427  -2.545  2.568   1.00 15.27 ? 51  PHE B CD2  1 
ATOM   879  C CE1  . PHE B 1 11 ? -3.727  0.172   2.285   1.00 20.26 ? 51  PHE B CE1  1 
ATOM   880  C CE2  . PHE B 1 11 ? -2.313  -1.734  2.507   1.00 13.83 ? 51  PHE B CE2  1 
ATOM   881  C CZ   . PHE B 1 11 ? -2.459  -0.375  2.356   1.00 17.67 ? 51  PHE B CZ   1 
ATOM   882  H H    . PHE B 1 11 ? -7.595  -4.799  1.570   1.00 15.84 ? 51  PHE B H    1 
ATOM   883  H HA   . PHE B 1 11 ? -6.509  -2.502  0.596   1.00 16.04 ? 51  PHE B HA   1 
ATOM   884  H HB2  . PHE B 1 11 ? -6.621  -2.410  2.994   1.00 15.24 ? 51  PHE B HB2  1 
ATOM   885  H HB3  . PHE B 1 11 ? -5.687  -3.695  3.035   1.00 15.24 ? 51  PHE B HB3  1 
ATOM   886  H HD1  . PHE B 1 11 ? -5.686  -0.272  2.288   1.00 20.81 ? 51  PHE B HD1  1 
ATOM   887  H HD2  . PHE B 1 11 ? -3.320  -3.464  2.662   1.00 18.33 ? 51  PHE B HD2  1 
ATOM   888  H HE1  . PHE B 1 11 ? -3.831  1.091   2.186   1.00 24.32 ? 51  PHE B HE1  1 
ATOM   889  H HE2  . PHE B 1 11 ? -1.462  -2.107  2.561   1.00 16.60 ? 51  PHE B HE2  1 
ATOM   890  H HZ   . PHE B 1 11 ? -1.710  0.175   2.323   1.00 21.20 ? 51  PHE B HZ   1 
ATOM   891  N N    . GLY B 1 12 ? -4.518  -3.666  -0.341  1.00 8.72  ? 52  GLY B N    1 
ATOM   892  C CA   . GLY B 1 12 ? -3.398  -4.444  -0.846  1.00 9.83  ? 52  GLY B CA   1 
ATOM   893  C C    . GLY B 1 12 ? -2.808  -3.920  -2.129  1.00 10.80 ? 52  GLY B C    1 
ATOM   894  O O    . GLY B 1 12 ? -3.299  -2.936  -2.691  1.00 10.16 ? 52  GLY B O    1 
ATOM   895  H H    . GLY B 1 12 ? -4.565  -2.863  -0.644  1.00 10.46 ? 52  GLY B H    1 
ATOM   896  H HA2  . GLY B 1 12 ? -2.697  -4.461  -0.177  1.00 11.80 ? 52  GLY B HA2  1 
ATOM   897  H HA3  . GLY B 1 12 ? -3.690  -5.357  -1.000  1.00 11.80 ? 52  GLY B HA3  1 
ATOM   898  N N    . TYR B 1 13 ? -1.751  -4.596  -2.594  1.00 10.16 ? 53  TYR B N    1 
ATOM   899  C CA   . TYR B 1 13 ? -1.053  -4.244  -3.820  1.00 8.79  ? 53  TYR B CA   1 
ATOM   900  C C    . TYR B 1 13 ? -1.157  -5.439  -4.761  1.00 12.51 ? 53  TYR B C    1 
ATOM   901  O O    . TYR B 1 13 ? -0.839  -6.574  -4.378  1.00 12.36 ? 53  TYR B O    1 
ATOM   902  C CB   . TYR B 1 13 ? 0.426   -3.908  -3.574  1.00 9.41  ? 53  TYR B CB   1 
ATOM   903  C CG   . TYR B 1 13 ? 0.716   -3.165  -2.296  1.00 11.10 ? 53  TYR B CG   1 
ATOM   904  C CD1  . TYR B 1 13 ? -0.127  -2.169  -1.840  1.00 11.30 ? 53  TYR B CD1  1 
ATOM   905  C CD2  . TYR B 1 13 ? 1.831   -3.472  -1.531  1.00 12.37 ? 53  TYR B CD2  1 
ATOM   906  C CE1  . TYR B 1 13 ? 0.129   -1.489  -0.661  1.00 11.67 ? 53  TYR B CE1  1 
ATOM   907  C CE2  . TYR B 1 13 ? 2.091   -2.782  -0.340  1.00 13.61 ? 53  TYR B CE2  1 
ATOM   908  C CZ   . TYR B 1 13 ? 1.221   -1.798  0.081   1.00 16.02 ? 53  TYR B CZ   1 
ATOM   909  O OH   . TYR B 1 13 ? 1.456   -1.097  1.249   1.00 18.50 ? 53  TYR B OH   1 
ATOM   910  H H    . TYR B 1 13 ? -1.415  -5.281  -2.198  1.00 12.19 ? 53  TYR B H    1 
ATOM   911  H HA   . TYR B 1 13 ? -1.483  -3.480  -4.235  1.00 10.55 ? 53  TYR B HA   1 
ATOM   912  H HB2  . TYR B 1 13 ? 0.929   -4.737  -3.549  1.00 11.29 ? 53  TYR B HB2  1 
ATOM   913  H HB3  . TYR B 1 13 ? 0.743   -3.359  -4.308  1.00 11.29 ? 53  TYR B HB3  1 
ATOM   914  H HD1  . TYR B 1 13 ? -0.883  -1.951  -2.336  1.00 13.56 ? 53  TYR B HD1  1 
ATOM   915  H HD2  . TYR B 1 13 ? 2.414   -4.139  -1.813  1.00 14.84 ? 53  TYR B HD2  1 
ATOM   916  H HE1  . TYR B 1 13 ? -0.451  -0.822  -0.375  1.00 14.00 ? 53  TYR B HE1  1 
ATOM   917  H HE2  . TYR B 1 13 ? 2.841   -2.991  0.169   1.00 16.33 ? 53  TYR B HE2  1 
ATOM   918  H HH   . TYR B 1 13 ? 2.157   -1.378  1.617   1.00 22.20 ? 53  TYR B HH   1 
ATOM   919  N N    . PHE B 1 14 ? -1.594  -5.179  -5.988  1.00 9.84  ? 54  PHE B N    1 
ATOM   920  C CA   . PHE B 1 14 ? -1.926  -6.230  -6.961  1.00 10.31 ? 54  PHE B CA   1 
ATOM   921  C C    . PHE B 1 14 ? -1.358  -5.948  -8.337  1.00 9.23  ? 54  PHE B C    1 
ATOM   922  O O    . PHE B 1 14 ? -1.235  -4.802  -8.760  1.00 10.38 ? 54  PHE B O    1 
ATOM   923  C CB   . PHE B 1 14 ? -3.444  -6.393  -7.044  1.00 10.35 ? 54  PHE B CB   1 
ATOM   924  C CG   . PHE B 1 14 ? -4.067  -6.674  -5.713  1.00 11.01 ? 54  PHE B CG   1 
ATOM   925  C CD1  . PHE B 1 14 ? -4.059  -7.953  -5.197  1.00 15.26 ? 54  PHE B CD1  1 
ATOM   926  C CD2  . PHE B 1 14 ? -4.587  -5.651  -4.942  1.00 12.15 ? 54  PHE B CD2  1 
ATOM   927  C CE1  . PHE B 1 14 ? -4.596  -8.214  -3.955  1.00 17.30 ? 54  PHE B CE1  1 
ATOM   928  C CE2  . PHE B 1 14 ? -5.133  -5.913  -3.703  1.00 13.03 ? 54  PHE B CE2  1 
ATOM   929  C CZ   . PHE B 1 14 ? -5.131  -7.195  -3.215  1.00 13.93 ? 54  PHE B CZ   1 
ATOM   930  H H    . PHE B 1 14 ? -1.711  -4.384  -6.293  1.00 11.81 ? 54  PHE B H    1 
ATOM   931  H HA   . PHE B 1 14 ? -1.553  -7.071  -6.653  1.00 12.37 ? 54  PHE B HA   1 
ATOM   932  H HB2  . PHE B 1 14 ? -3.832  -5.574  -7.390  1.00 12.42 ? 54  PHE B HB2  1 
ATOM   933  H HB3  . PHE B 1 14 ? -3.651  -7.134  -7.634  1.00 12.42 ? 54  PHE B HB3  1 
ATOM   934  H HD1  . PHE B 1 14 ? -3.697  -8.649  -5.697  1.00 18.31 ? 54  PHE B HD1  1 
ATOM   935  H HD2  . PHE B 1 14 ? -4.590  -4.781  -5.271  1.00 14.58 ? 54  PHE B HD2  1 
ATOM   936  H HE1  . PHE B 1 14 ? -4.601  -9.082  -3.624  1.00 20.77 ? 54  PHE B HE1  1 
ATOM   937  H HE2  . PHE B 1 14 ? -5.494  -5.222  -3.197  1.00 15.64 ? 54  PHE B HE2  1 
ATOM   938  H HZ   . PHE B 1 14 ? -5.498  -7.374  -2.379  1.00 16.71 ? 54  PHE B HZ   1 
ATOM   939  N N    . ALA B 1 15 ? -0.999  -7.019  -9.029  1.00 11.48 ? 55  ALA B N    1 
ATOM   940  C CA   . ALA B 1 15 ? -0.505  -6.915  -10.386 1.00 10.70 ? 55  ALA B CA   1 
ATOM   941  C C    . ALA B 1 15 ? -1.555  -6.331  -11.315 1.00 10.79 ? 55  ALA B C    1 
ATOM   942  O O    . ALA B 1 15 ? -2.758  -6.516  -11.118 1.00 12.55 ? 55  ALA B O    1 
ATOM   943  C CB   . ALA B 1 15 ? -0.097  -8.295  -10.881 1.00 13.18 ? 55  ALA B CB   1 
ATOM   944  H H    . ALA B 1 15 ? -1.033  -7.824  -8.729  1.00 13.78 ? 55  ALA B H    1 
ATOM   945  H HA   . ALA B 1 15 ? 0.275   -6.339  -10.403 1.00 12.84 ? 55  ALA B HA   1 
ATOM   946  H HB1  . ALA B 1 15 ? 0.232   -8.220  -11.789 1.00 15.82 ? 55  ALA B HB1  1 
ATOM   947  H HB2  . ALA B 1 15 ? 0.600   -8.644  -10.303 1.00 15.82 ? 55  ALA B HB2  1 
ATOM   948  H HB3  . ALA B 1 15 ? -0.870  -8.880  -10.856 1.00 15.82 ? 55  ALA B HB3  1 
ATOM   949  N N    . ASP B 1 16 ? -1.088  -5.635  -12.342 1.00 13.10 ? 56  ASP B N    1 
ATOM   950  C CA   . ASP B 1 16 ? -1.913  -5.263  -13.475 1.00 12.47 ? 56  ASP B CA   1 
ATOM   951  C C    . ASP B 1 16 ? -1.768  -6.364  -14.521 1.00 10.56 ? 56  ASP B C    1 
ATOM   952  O O    . ASP B 1 16 ? -0.713  -6.487  -15.151 1.00 14.06 ? 56  ASP B O    1 
ATOM   953  C CB   . ASP B 1 16 ? -1.448  -3.921  -14.043 1.00 12.05 ? 56  ASP B CB   1 
ATOM   954  C CG   . ASP B 1 16 ? -2.269  -3.465  -15.254 1.00 10.84 ? 56  ASP B CG   1 
ATOM   955  O OD1  . ASP B 1 16 ? -3.081  -4.270  -15.762 1.00 14.80 ? 56  ASP B OD1  1 
ATOM   956  O OD2  . ASP B 1 16 ? -2.096  -2.291  -15.685 1.00 11.99 ? 56  ASP B OD2  1 
ATOM   957  H H    . ASP B 1 16 ? -0.275  -5.363  -12.405 1.00 15.72 ? 56  ASP B H    1 
ATOM   958  H HA   . ASP B 1 16 ? -2.843  -5.193  -13.208 1.00 14.97 ? 56  ASP B HA   1 
ATOM   959  H HB2  . ASP B 1 16 ? -1.528  -3.243  -13.355 1.00 14.46 ? 56  ASP B HB2  1 
ATOM   960  H HB3  . ASP B 1 16 ? -0.522  -4.002  -14.323 1.00 14.46 ? 56  ASP B HB3  1 
ATOM   961  N N    . PRO B 1 17 ? -2.830  -7.160  -14.733 1.00 13.69 ? 57  PRO B N    1 
ATOM   962  C CA   . PRO B 1 17 ? -2.684  -8.251  -15.706 1.00 13.64 ? 57  PRO B CA   1 
ATOM   963  C C    . PRO B 1 17 ? -2.449  -7.775  -17.134 1.00 15.06 ? 57  PRO B C    1 
ATOM   964  O O    . PRO B 1 17 ? -2.034  -8.577  -17.955 1.00 20.33 ? 57  PRO B O    1 
ATOM   965  C CB   . PRO B 1 17 ? -4.002  -9.023  -15.610 1.00 19.85 ? 57  PRO B CB   1 
ATOM   966  C CG   . PRO B 1 17 ? -4.899  -8.258  -14.730 1.00 25.14 ? 57  PRO B CG   1 
ATOM   967  C CD   . PRO B 1 17 ? -4.141  -7.156  -14.060 1.00 17.62 ? 57  PRO B CD   1 
ATOM   968  H HA   . PRO B 1 17 ? -1.956  -8.835  -15.443 1.00 16.36 ? 57  PRO B HA   1 
ATOM   969  H HB2  . PRO B 1 17 ? -4.390  -9.105  -16.496 1.00 23.82 ? 57  PRO B HB2  1 
ATOM   970  H HB3  . PRO B 1 17 ? -3.833  -9.901  -15.235 1.00 23.82 ? 57  PRO B HB3  1 
ATOM   971  H HG2  . PRO B 1 17 ? -5.617  -7.884  -15.265 1.00 30.17 ? 57  PRO B HG2  1 
ATOM   972  H HG3  . PRO B 1 17 ? -5.266  -8.858  -14.061 1.00 30.17 ? 57  PRO B HG3  1 
ATOM   973  H HD2  . PRO B 1 17 ? -4.588  -6.307  -14.200 1.00 21.15 ? 57  PRO B HD2  1 
ATOM   974  H HD3  . PRO B 1 17 ? -4.034  -7.348  -13.115 1.00 21.15 ? 57  PRO B HD3  1 
ATOM   975  N N    . LYS B 1 18 ? -2.687  -6.498  -17.419 1.00 13.87 ? 58  LYS B N    1 
ATOM   976  C CA   . LYS B 1 18 ? -2.510  -5.978  -18.775 1.00 11.79 ? 58  LYS B CA   1 
ATOM   977  C C    . LYS B 1 18 ? -1.119  -5.350  -19.019 1.00 12.21 ? 58  LYS B C    1 
ATOM   978  O O    . LYS B 1 18 ? -0.769  -5.036  -20.164 1.00 13.02 ? 58  LYS B O    1 
ATOM   979  C CB   . LYS B 1 18 ? -3.594  -4.935  -19.080 1.00 13.37 ? 58  LYS B CB   1 
ATOM   980  C CG   . LYS B 1 18 ? -5.018  -5.480  -19.139 1.00 16.77 ? 58  LYS B CG   1 
ATOM   981  C CD   . LYS B 1 18 ? -6.029  -4.392  -19.527 1.00 21.20 ? 58  LYS B CD   1 
ATOM   982  H H    . LYS B 1 18 ? -2.951  -5.912  -16.848 1.00 16.65 ? 58  LYS B H    1 
ATOM   983  H HA   . LYS B 1 18 ? -2.618  -6.709  -19.404 1.00 14.14 ? 58  LYS B HA   1 
ATOM   984  H HB2  . LYS B 1 18 ? -3.570  -4.254  -18.389 1.00 16.05 ? 58  LYS B HB2  1 
ATOM   985  H HB3  . LYS B 1 18 ? -3.400  -4.532  -19.941 1.00 16.05 ? 58  LYS B HB3  1 
ATOM   986  H HG2  . LYS B 1 18 ? -5.062  -6.186  -19.802 1.00 20.12 ? 58  LYS B HG2  1 
ATOM   987  H HG3  . LYS B 1 18 ? -5.264  -5.825  -18.265 1.00 20.12 ? 58  LYS B HG3  1 
ATOM   988  H HD2  . LYS B 1 18 ? -6.033  -3.706  -18.842 1.00 25.44 ? 58  LYS B HD2  1 
ATOM   989  H HD3  . LYS B 1 18 ? -5.768  -4.009  -20.379 1.00 25.44 ? 58  LYS B HD3  1 
ATOM   990  N N    . ASP B 1 19 ? -0.318  -5.165  -17.968 1.00 12.25 ? 59  ASP B N    1 
ATOM   991  C CA   . ASP B 1 19 ? 0.943   -4.429  -18.097 1.00 8.20  ? 59  ASP B CA   1 
ATOM   992  C C    . ASP B 1 19 ? 1.864   -4.743  -16.915 1.00 10.90 ? 59  ASP B C    1 
ATOM   993  O O    . ASP B 1 19 ? 1.554   -4.367  -15.766 1.00 11.13 ? 59  ASP B O    1 
ATOM   994  C CB   . ASP B 1 19 ? 0.645   -2.926  -18.166 1.00 11.23 ? 59  ASP B CB   1 
ATOM   995  C CG   . ASP B 1 19 ? 1.862   -2.084  -18.500 1.00 10.01 ? 59  ASP B CG   1 
ATOM   996  O OD1  . ASP B 1 19 ? 3.015   -2.530  -18.275 1.00 11.18 ? 59  ASP B OD1  1 
ATOM   997  O OD2  . ASP B 1 19 ? 1.678   -0.941  -18.995 1.00 12.26 ? 59  ASP B OD2  1 
ATOM   998  H H    . ASP B 1 19 ? -0.480  -5.455  -17.174 1.00 14.70 ? 59  ASP B H    1 
ATOM   999  H HA   . ASP B 1 19 ? 1.391   -4.693  -18.916 1.00 9.84  ? 59  ASP B HA   1 
ATOM   1000 H HB2  . ASP B 1 19 ? -0.023  -2.770  -18.852 1.00 13.47 ? 59  ASP B HB2  1 
ATOM   1001 H HB3  . ASP B 1 19 ? 0.308   -2.634  -17.305 1.00 13.47 ? 59  ASP B HB3  1 
ATOM   1002 N N    . PRO B 1 20 ? 2.995   -5.432  -17.171 1.00 12.28 ? 60  PRO B N    1 
ATOM   1003 C CA   . PRO B 1 20 ? 3.894   -5.784  -16.064 1.00 13.87 ? 60  PRO B CA   1 
ATOM   1004 C C    . PRO B 1 20 ? 4.630   -4.588  -15.461 1.00 13.51 ? 60  PRO B C    1 
ATOM   1005 O O    . PRO B 1 20 ? 5.259   -4.743  -14.411 1.00 12.53 ? 60  PRO B O    1 
ATOM   1006 C CB   . PRO B 1 20 ? 4.888   -6.736  -16.727 1.00 13.12 ? 60  PRO B CB   1 
ATOM   1007 C CG   . PRO B 1 20 ? 4.940   -6.269  -18.170 1.00 13.21 ? 60  PRO B CG   1 
ATOM   1008 C CD   . PRO B 1 20 ? 3.559   -5.807  -18.485 1.00 11.56 ? 60  PRO B CD   1 
ATOM   1009 H HA   . PRO B 1 20 ? 3.409   -6.254  -15.368 1.00 16.64 ? 60  PRO B HA   1 
ATOM   1010 H HB2  . PRO B 1 20 ? 5.757   -6.652  -16.304 1.00 15.74 ? 60  PRO B HB2  1 
ATOM   1011 H HB3  . PRO B 1 20 ? 4.560   -7.647  -16.669 1.00 15.74 ? 60  PRO B HB3  1 
ATOM   1012 H HG2  . PRO B 1 20 ? 5.573   -5.538  -18.254 1.00 15.85 ? 60  PRO B HG2  1 
ATOM   1013 H HG3  . PRO B 1 20 ? 5.193   -7.009  -18.744 1.00 15.85 ? 60  PRO B HG3  1 
ATOM   1014 H HD2  . PRO B 1 20 ? 3.589   -5.035  -19.071 1.00 13.87 ? 60  PRO B HD2  1 
ATOM   1015 H HD3  . PRO B 1 20 ? 3.045   -6.530  -18.877 1.00 13.87 ? 60  PRO B HD3  1 
ATOM   1016 N N    . HIS B 1 21 ? 4.569   -3.433  -16.120 1.00 10.94 ? 61  HIS B N    1 
ATOM   1017 C CA   . HIS B 1 21 ? 5.170   -2.198  -15.627 1.00 9.16  ? 61  HIS B CA   1 
ATOM   1018 C C    . HIS B 1 21 ? 4.238   -1.403  -14.706 1.00 11.58 ? 61  HIS B C    1 
ATOM   1019 O O    . HIS B 1 21 ? 4.607   -0.308  -14.264 1.00 14.42 ? 61  HIS B O    1 
ATOM   1020 C CB   . HIS B 1 21 ? 5.548   -1.275  -16.788 1.00 12.66 ? 61  HIS B CB   1 
ATOM   1021 C CG   . HIS B 1 21 ? 6.450   -1.909  -17.797 1.00 13.61 ? 61  HIS B CG   1 
ATOM   1022 N ND1  . HIS B 1 21 ? 7.821   -1.846  -17.711 1.00 20.55 ? 61  HIS B ND1  1 
ATOM   1023 C CD2  . HIS B 1 21 ? 6.171   -2.599  -18.929 1.00 14.13 ? 61  HIS B CD2  1 
ATOM   1024 C CE1  . HIS B 1 21 ? 8.357   -2.489  -18.737 1.00 28.54 ? 61  HIS B CE1  1 
ATOM   1025 N NE2  . HIS B 1 21 ? 7.377   -2.961  -19.485 1.00 17.54 ? 61  HIS B NE2  1 
ATOM   1026 H H    . HIS B 1 21 ? 4.172   -3.339  -16.877 1.00 13.12 ? 61  HIS B H    1 
ATOM   1027 H HA   . HIS B 1 21 ? 5.977   -2.411  -15.132 1.00 10.99 ? 61  HIS B HA   1 
ATOM   1028 H HB2  . HIS B 1 21 ? 4.738   -1.001  -17.246 1.00 15.19 ? 61  HIS B HB2  1 
ATOM   1029 H HB3  . HIS B 1 21 ? 6.003   -0.496  -16.432 1.00 15.19 ? 61  HIS B HB3  1 
ATOM   1030 H HD1  . HIS B 1 21 ? 8.262   -1.460  -17.082 1.00 24.66 ? 61  HIS B HD1  1 
ATOM   1031 H HD2  . HIS B 1 21 ? 5.326   -2.809  -19.256 1.00 16.96 ? 61  HIS B HD2  1 
ATOM   1032 H HE1  . HIS B 1 21 ? 9.266   -2.592  -18.901 1.00 34.25 ? 61  HIS B HE1  1 
ATOM   1033 H HE2  . HIS B 1 21 ? 7.477   -3.407  -20.213 1.00 21.05 ? 61  HIS B HE2  1 
ATOM   1034 N N    . LYS B 1 22 ? 3.030   -1.906  -14.472 1.00 10.15 ? 62  LYS B N    1 
ATOM   1035 C CA   . LYS B 1 22 ? 2.069   -1.201  -13.625 1.00 9.93  ? 62  LYS B CA   1 
ATOM   1036 C C    . LYS B 1 22 ? 1.526   -2.112  -12.540 1.00 11.57 ? 62  LYS B C    1 
ATOM   1037 O O    . LYS B 1 22 ? 1.775   -3.319  -12.537 1.00 11.67 ? 62  LYS B O    1 
ATOM   1038 C CB   . LYS B 1 22 ? 0.932   -0.637  -14.480 1.00 9.74  ? 62  LYS B CB   1 
ATOM   1039 C CG   . LYS B 1 22 ? 1.402   0.352   -15.548 1.00 10.73 ? 62  LYS B CG   1 
ATOM   1040 C CD   . LYS B 1 22 ? 0.243   0.905   -16.349 1.00 12.23 ? 62  LYS B CD   1 
ATOM   1041 C CE   . LYS B 1 22 ? 0.713   1.906   -17.380 1.00 17.28 ? 62  LYS B CE   1 
ATOM   1042 N NZ   . LYS B 1 22 ? -0.418  2.548   -18.084 1.00 25.52 ? 62  LYS B NZ   1 
ATOM   1043 H H    . LYS B 1 22 ? 2.742   -2.652  -14.789 1.00 12.18 ? 62  LYS B H    1 
ATOM   1044 H HA   . LYS B 1 22 ? 2.516   -0.456  -13.194 1.00 11.91 ? 62  LYS B HA   1 
ATOM   1045 H HB2  . LYS B 1 22 ? 0.484   -1.370  -14.931 1.00 11.69 ? 62  LYS B HB2  1 
ATOM   1046 H HB3  . LYS B 1 22 ? 0.305   -0.174  -13.901 1.00 11.69 ? 62  LYS B HB3  1 
ATOM   1047 H HG2  . LYS B 1 22 ? 1.856   1.095   -15.119 1.00 12.88 ? 62  LYS B HG2  1 
ATOM   1048 H HG3  . LYS B 1 22 ? 2.004   -0.100  -16.159 1.00 12.88 ? 62  LYS B HG3  1 
ATOM   1049 H HD2  . LYS B 1 22 ? -0.203  0.178   -16.811 1.00 14.67 ? 62  LYS B HD2  1 
ATOM   1050 H HD3  . LYS B 1 22 ? -0.376  1.352   -15.751 1.00 14.67 ? 62  LYS B HD3  1 
ATOM   1051 H HE2  . LYS B 1 22 ? 1.228   2.600   -16.939 1.00 20.74 ? 62  LYS B HE2  1 
ATOM   1052 H HE3  . LYS B 1 22 ? 1.260   1.451   -18.039 1.00 20.74 ? 62  LYS B HE3  1 
ATOM   1053 H HZ1  . LYS B 1 22 ? -0.112  3.130   -18.683 1.00 30.63 ? 62  LYS B HZ1  1 
ATOM   1054 H HZ2  . LYS B 1 22 ? -0.905  1.932   -18.502 1.00 30.63 ? 62  LYS B HZ2  1 
ATOM   1055 H HZ3  . LYS B 1 22 ? -0.934  2.978   -17.500 1.00 30.63 ? 62  LYS B HZ3  1 
ATOM   1056 N N    . PHE B 1 23 ? 0.788   -1.534  -11.606 1.00 8.59  ? 63  PHE B N    1 
ATOM   1057 C CA   . PHE B 1 23 ? 0.158   -2.300  -10.542 1.00 7.85  ? 63  PHE B CA   1 
ATOM   1058 C C    . PHE B 1 23 ? -0.999  -1.479  -9.987  1.00 9.46  ? 63  PHE B C    1 
ATOM   1059 O O    . PHE B 1 23 ? -1.194  -0.324  -10.403 1.00 9.94  ? 63  PHE B O    1 
ATOM   1060 C CB   . PHE B 1 23 ? 1.171   -2.685  -9.449  1.00 8.83  ? 63  PHE B CB   1 
ATOM   1061 C CG   . PHE B 1 23 ? 1.830   -1.510  -8.746  1.00 8.62  ? 63  PHE B CG   1 
ATOM   1062 C CD1  . PHE B 1 23 ? 2.900   -0.851  -9.318  1.00 10.47 ? 63  PHE B CD1  1 
ATOM   1063 C CD2  . PHE B 1 23 ? 1.386   -1.081  -7.509  1.00 9.22  ? 63  PHE B CD2  1 
ATOM   1064 C CE1  . PHE B 1 23 ? 3.521   0.212   -8.650  1.00 11.27 ? 63  PHE B CE1  1 
ATOM   1065 C CE2  . PHE B 1 23 ? 2.009   -0.019  -6.850  1.00 9.19  ? 63  PHE B CE2  1 
ATOM   1066 C CZ   . PHE B 1 23 ? 3.067   0.617   -7.430  1.00 9.46  ? 63  PHE B CZ   1 
ATOM   1067 H H    . PHE B 1 23 ? 0.634   -0.688  -11.566 1.00 10.31 ? 63  PHE B H    1 
ATOM   1068 H HA   . PHE B 1 23 ? -0.207  -3.118  -10.915 1.00 9.42  ? 63  PHE B HA   1 
ATOM   1069 H HB2  . PHE B 1 23 ? 0.712   -3.210  -8.774  1.00 10.59 ? 63  PHE B HB2  1 
ATOM   1070 H HB3  . PHE B 1 23 ? 1.874   -3.217  -9.853  1.00 10.59 ? 63  PHE B HB3  1 
ATOM   1071 H HD1  . PHE B 1 23 ? 3.221   -1.126  -10.146 1.00 12.57 ? 63  PHE B HD1  1 
ATOM   1072 H HD2  . PHE B 1 23 ? 0.671   -1.515  -7.103  1.00 11.06 ? 63  PHE B HD2  1 
ATOM   1073 H HE1  . PHE B 1 23 ? 4.239   0.651   -9.045  1.00 13.52 ? 63  PHE B HE1  1 
ATOM   1074 H HE2  . PHE B 1 23 ? 1.698   0.260   -6.019  1.00 11.03 ? 63  PHE B HE2  1 
ATOM   1075 H HZ   . PHE B 1 23 ? 3.475   1.331   -6.995  1.00 11.35 ? 63  PHE B HZ   1 
ATOM   1076 N N    . TYR B 1 24 ? -1.763  -2.073  -9.087  1.00 9.55  ? 64  TYR B N    1 
ATOM   1077 C CA   . TYR B 1 24 ? -2.879  -1.398  -8.436  1.00 10.08 ? 64  TYR B CA   1 
ATOM   1078 C C    . TYR B 1 24 ? -2.673  -1.384  -6.934  1.00 9.92  ? 64  TYR B C    1 
ATOM   1079 O O    . TYR B 1 24 ? -2.163  -2.356  -6.356  1.00 10.17 ? 64  TYR B O    1 
ATOM   1080 C CB   . TYR B 1 24 ? -4.207  -2.100  -8.770  1.00 9.71  ? 64  TYR B CB   1 
ATOM   1081 C CG   . TYR B 1 24 ? -4.634  -1.955  -10.194 1.00 8.59  ? 64  TYR B CG   1 
ATOM   1082 C CD1  . TYR B 1 24 ? -4.332  -2.927  -11.134 1.00 10.67 ? 64  TYR B CD1  1 
ATOM   1083 C CD2  . TYR B 1 24 ? -5.340  -0.841  -10.607 1.00 13.20 ? 64  TYR B CD2  1 
ATOM   1084 C CE1  . TYR B 1 24 ? -4.729  -2.775  -12.467 1.00 11.86 ? 64  TYR B CE1  1 
ATOM   1085 C CE2  . TYR B 1 24 ? -5.734  -0.692  -11.912 1.00 12.41 ? 64  TYR B CE2  1 
ATOM   1086 C CZ   . TYR B 1 24 ? -5.425  -1.658  -12.833 1.00 16.11 ? 64  TYR B CZ   1 
ATOM   1087 O OH   . TYR B 1 24 ? -5.836  -1.471  -14.137 1.00 15.59 ? 64  TYR B OH   1 
ATOM   1088 H H    . TYR B 1 24 ? -1.655  -2.886  -8.828  1.00 11.46 ? 64  TYR B H    1 
ATOM   1089 H HA   . TYR B 1 24 ? -2.928  -0.480  -8.749  1.00 12.10 ? 64  TYR B HA   1 
ATOM   1090 H HB2  . TYR B 1 24 ? -4.113  -3.047  -8.585  1.00 11.66 ? 64  TYR B HB2  1 
ATOM   1091 H HB3  . TYR B 1 24 ? -4.906  -1.725  -8.213  1.00 11.66 ? 64  TYR B HB3  1 
ATOM   1092 H HD1  . TYR B 1 24 ? -3.855  -3.684  -10.878 1.00 12.80 ? 64  TYR B HD1  1 
ATOM   1093 H HD2  . TYR B 1 24 ? -5.550  -0.179  -9.989  1.00 15.84 ? 64  TYR B HD2  1 
ATOM   1094 H HE1  . TYR B 1 24 ? -4.524  -3.429  -13.096 1.00 14.24 ? 64  TYR B HE1  1 
ATOM   1095 H HE2  . TYR B 1 24 ? -6.207  0.066   -12.173 1.00 14.89 ? 64  TYR B HE2  1 
ATOM   1096 H HH   . TYR B 1 24 ? -6.248  -0.743  -14.207 1.00 18.71 ? 64  TYR B HH   1 
ATOM   1097 N N    . ILE B 1 25 ? -3.046  -0.278  -6.300  1.00 7.43  ? 65  ILE B N    1 
ATOM   1098 C CA   . ILE B 1 25 ? -3.070  -0.169  -4.851  1.00 8.22  ? 65  ILE B CA   1 
ATOM   1099 C C    . ILE B 1 25 ? -4.528  -0.004  -4.442  1.00 10.79 ? 65  ILE B C    1 
ATOM   1100 O O    . ILE B 1 25 ? -5.203  0.921   -4.884  1.00 9.51  ? 65  ILE B O    1 
ATOM   1101 C CB   . ILE B 1 25 ? -2.246  1.028   -4.358  1.00 9.63  ? 65  ILE B CB   1 
ATOM   1102 C CG1  . ILE B 1 25 ? -0.791  0.891   -4.806  1.00 10.57 ? 65  ILE B CG1  1 
ATOM   1103 C CG2  . ILE B 1 25 ? -2.327  1.130   -2.831  1.00 11.26 ? 65  ILE B CG2  1 
ATOM   1104 C CD1  . ILE B 1 25 ? 0.105   2.033   -4.357  1.00 11.54 ? 65  ILE B CD1  1 
ATOM   1105 H H    . ILE B 1 25 ? -3.296  0.441   -6.701  1.00 8.91  ? 65  ILE B H    1 
ATOM   1106 H HA   . ILE B 1 25 ? -2.719  -0.980  -4.451  1.00 9.87  ? 65  ILE B HA   1 
ATOM   1107 H HB   . ILE B 1 25 ? -2.615  1.838   -4.743  1.00 11.56 ? 65  ILE B HB   1 
ATOM   1108 H HG12 . ILE B 1 25 ? -0.428  0.069   -4.441  1.00 12.68 ? 65  ILE B HG12 1 
ATOM   1109 H HG13 . ILE B 1 25 ? -0.766  0.859   -5.776  1.00 12.68 ? 65  ILE B HG13 1 
ATOM   1110 H HG21 . ILE B 1 25 ? -1.801  1.891   -2.537  1.00 13.52 ? 65  ILE B HG21 1 
ATOM   1111 H HG22 . ILE B 1 25 ? -3.254  1.249   -2.571  1.00 13.52 ? 65  ILE B HG22 1 
ATOM   1112 H HG23 . ILE B 1 25 ? -1.976  0.315   -2.441  1.00 13.52 ? 65  ILE B HG23 1 
ATOM   1113 H HD11 . ILE B 1 25 ? 1.006   1.872   -4.680  1.00 13.85 ? 65  ILE B HD11 1 
ATOM   1114 H HD12 . ILE B 1 25 ? -0.235  2.864   -4.724  1.00 13.85 ? 65  ILE B HD12 1 
ATOM   1115 H HD13 . ILE B 1 25 ? 0.103   2.073   -3.389  1.00 13.85 ? 65  ILE B HD13 1 
ATOM   1116 N N    . CYS B 1 26 ? -5.021  -0.940  -3.649  1.00 10.80 ? 66  CYS B N    1 
ATOM   1117 C CA   . CYS B 1 26 ? -6.383  -0.891  -3.153  1.00 7.72  ? 66  CYS B CA   1 
ATOM   1118 C C    . CYS B 1 26 ? -6.438  -0.437  -1.705  1.00 11.27 ? 66  CYS B C    1 
ATOM   1119 O O    . CYS B 1 26 ? -5.650  -0.897  -0.867  1.00 9.28  ? 66  CYS B O    1 
ATOM   1120 C CB   . CYS B 1 26 ? -6.994  -2.281  -3.230  1.00 10.20 ? 66  CYS B CB   1 
ATOM   1121 S SG   . CYS B 1 26 ? -7.235  -2.856  -4.906  1.00 13.09 ? 66  CYS B SG   1 
ATOM   1122 H H    . CYS B 1 26 ? -4.578  -1.625  -3.378  1.00 12.97 ? 66  CYS B H    1 
ATOM   1123 H HA   . CYS B 1 26 ? -6.911  -0.283  -3.694  1.00 9.26  ? 66  CYS B HA   1 
ATOM   1124 H HB2  . CYS B 1 26 ? -6.406  -2.909  -2.782  1.00 12.24 ? 66  CYS B HB2  1 
ATOM   1125 H HB3  . CYS B 1 26 ? -7.860  -2.269  -2.793  1.00 12.24 ? 66  CYS B HB3  1 
ATOM   1126 N N    A SER B 1 27 ? -7.383  0.451   -1.409  0.62 11.65 ? 67  SER B N    1 
ATOM   1127 N N    B SER B 1 27 ? -7.366  0.468   -1.413  0.38 11.67 ? 67  SER B N    1 
ATOM   1128 C CA   A SER B 1 27 ? -7.707  0.833   -0.042  0.62 9.84  ? 67  SER B CA   1 
ATOM   1129 C CA   B SER B 1 27 ? -7.705  0.827   -0.043  0.38 9.95  ? 67  SER B CA   1 
ATOM   1130 C C    A SER B 1 27 ? -9.215  0.962   0.025   0.62 12.83 ? 67  SER B C    1 
ATOM   1131 C C    B SER B 1 27 ? -9.214  0.980   0.036   0.38 12.85 ? 67  SER B C    1 
ATOM   1132 O O    A SER B 1 27 ? -9.828  1.579   -0.849  0.62 12.72 ? 67  SER B O    1 
ATOM   1133 O O    B SER B 1 27 ? -9.823  1.638   -0.809  0.38 12.86 ? 67  SER B O    1 
ATOM   1134 C CB   A SER B 1 27 ? -7.040  2.155   0.341   0.62 15.69 ? 67  SER B CB   1 
ATOM   1135 C CB   B SER B 1 27 ? -7.005  2.114   0.394   0.38 15.71 ? 67  SER B CB   1 
ATOM   1136 O OG   A SER B 1 27 ? -7.289  2.471   1.704   0.62 19.17 ? 67  SER B OG   1 
ATOM   1137 O OG   B SER B 1 27 ? -7.297  3.192   -0.473  0.38 17.28 ? 67  SER B OG   1 
ATOM   1138 H H    A SER B 1 27 ? -7.861  0.855   -2.000  0.62 13.98 ? 67  SER B H    1 
ATOM   1139 H H    B SER B 1 27 ? -7.822  0.896   -2.004  0.38 14.00 ? 67  SER B H    1 
ATOM   1140 H HA   A SER B 1 27 ? -7.420  0.142   0.575   0.62 11.80 ? 67  SER B HA   1 
ATOM   1141 H HA   B SER B 1 27 ? -7.437  0.112   0.555   0.38 11.94 ? 67  SER B HA   1 
ATOM   1142 H HB2  A SER B 1 27 ? -6.083  2.077   0.205   0.62 18.83 ? 67  SER B HB2  1 
ATOM   1143 H HB2  B SER B 1 27 ? -7.303  2.343   1.289   0.38 18.85 ? 67  SER B HB2  1 
ATOM   1144 H HB3  A SER B 1 27 ? -7.398  2.863   -0.217  0.62 18.83 ? 67  SER B HB3  1 
ATOM   1145 H HB3  B SER B 1 27 ? -6.047  1.964   0.395   0.38 18.85 ? 67  SER B HB3  1 
ATOM   1146 H HG   A SER B 1 27 ? -6.919  3.198   1.903   0.62 23.01 ? 67  SER B HG   1 
ATOM   1147 H HG   B SER B 1 27 ? -7.043  3.010   -1.252  0.38 20.73 ? 67  SER B HG   1 
ATOM   1148 N N    . ASN B 1 28 ? -9.801  0.366   1.057   1.00 11.83 ? 68  ASN B N    1 
ATOM   1149 C CA   . ASN B 1 28 ? -11.251 0.226   1.169   1.00 16.14 ? 68  ASN B CA   1 
ATOM   1150 C C    . ASN B 1 28 ? -11.934 -0.166  -0.141  1.00 12.92 ? 68  ASN B C    1 
ATOM   1151 O O    . ASN B 1 28 ? -12.950 0.425   -0.539  1.00 15.83 ? 68  ASN B O    1 
ATOM   1152 C CB   . ASN B 1 28 ? -11.904 1.473   1.757   1.00 16.71 ? 68  ASN B CB   1 
ATOM   1153 C CG   . ASN B 1 28 ? -13.272 1.164   2.386   1.00 28.02 ? 68  ASN B CG   1 
ATOM   1154 O OD1  . ASN B 1 28 ? -13.513 0.041   2.845   1.00 29.73 ? 68  ASN B OD1  1 
ATOM   1155 N ND2  . ASN B 1 28 ? -14.169 2.146   2.391   1.00 51.46 ? 68  ASN B ND2  1 
ATOM   1156 H H    . ASN B 1 28 ? -9.374  0.020   1.718   1.00 14.20 ? 68  ASN B H    1 
ATOM   1157 H HA   . ASN B 1 28 ? -11.424 -0.496  1.794   1.00 19.37 ? 68  ASN B HA   1 
ATOM   1158 H HB2  . ASN B 1 28 ? -11.330 1.838   2.448   1.00 20.05 ? 68  ASN B HB2  1 
ATOM   1159 H HB3  . ASN B 1 28 ? -12.037 2.125   1.052   1.00 20.05 ? 68  ASN B HB3  1 
ATOM   1160 H HD21 . ASN B 1 28 ? -13.971 2.911   2.053   1.00 61.75 ? 68  ASN B HD21 1 
ATOM   1161 H HD22 . ASN B 1 28 ? -14.947 2.015   2.734   1.00 61.75 ? 68  ASN B HD22 1 
ATOM   1162 N N    . TRP B 1 29 ? -11.347 -1.163  -0.808  1.00 10.96 ? 69  TRP B N    1 
ATOM   1163 C CA   . TRP B 1 29 ? -11.866 -1.764  -2.047  1.00 11.99 ? 69  TRP B CA   1 
ATOM   1164 C C    . TRP B 1 29 ? -11.817 -0.863  -3.275  1.00 14.04 ? 69  TRP B C    1 
ATOM   1165 O O    . TRP B 1 29 ? -12.395 -1.193  -4.297  1.00 16.47 ? 69  TRP B O    1 
ATOM   1166 C CB   . TRP B 1 29 ? -13.289 -2.305  -1.870  1.00 15.22 ? 69  TRP B CB   1 
ATOM   1167 C CG   . TRP B 1 29 ? -13.415 -3.347  -0.793  1.00 10.96 ? 69  TRP B CG   1 
ATOM   1168 C CD1  . TRP B 1 29 ? -13.788 -3.148  0.495   1.00 10.36 ? 69  TRP B CD1  1 
ATOM   1169 C CD2  . TRP B 1 29 ? -13.144 -4.758  -0.919  1.00 10.36 ? 69  TRP B CD2  1 
ATOM   1170 N NE1  . TRP B 1 29 ? -13.759 -4.336  1.191   1.00 10.46 ? 69  TRP B NE1  1 
ATOM   1171 C CE2  . TRP B 1 29 ? -13.378 -5.336  0.346   1.00 10.81 ? 69  TRP B CE2  1 
ATOM   1172 C CE3  . TRP B 1 29 ? -12.732 -5.580  -1.972  1.00 11.39 ? 69  TRP B CE3  1 
ATOM   1173 C CZ2  . TRP B 1 29 ? -13.227 -6.693  0.576   1.00 11.44 ? 69  TRP B CZ2  1 
ATOM   1174 C CZ3  . TRP B 1 29 ? -12.582 -6.930  -1.736  1.00 12.46 ? 69  TRP B CZ3  1 
ATOM   1175 C CH2  . TRP B 1 29 ? -12.831 -7.473  -0.473  1.00 13.46 ? 69  TRP B CH2  1 
ATOM   1176 H H    . TRP B 1 29 ? -10.611 -1.525  -0.550  1.00 13.15 ? 69  TRP B H    1 
ATOM   1177 H HA   . TRP B 1 29 ? -11.306 -2.530  -2.250  1.00 14.38 ? 69  TRP B HA   1 
ATOM   1178 H HB2  . TRP B 1 29 ? -13.876 -1.568  -1.639  1.00 18.27 ? 69  TRP B HB2  1 
ATOM   1179 H HB3  . TRP B 1 29 ? -13.577 -2.705  -2.705  1.00 18.27 ? 69  TRP B HB3  1 
ATOM   1180 H HD1  . TRP B 1 29 ? -14.007 -2.322  0.863   1.00 12.43 ? 69  TRP B HD1  1 
ATOM   1181 H HE1  . TRP B 1 29 ? -13.968 -4.435  2.020   1.00 12.55 ? 69  TRP B HE1  1 
ATOM   1182 H HE3  . TRP B 1 29 ? -12.573 -5.226  -2.817  1.00 13.67 ? 69  TRP B HE3  1 
ATOM   1183 H HZ2  . TRP B 1 29 ? -13.387 -7.060  1.415   1.00 13.73 ? 69  TRP B HZ2  1 
ATOM   1184 H HZ3  . TRP B 1 29 ? -12.309 -7.488  -2.428  1.00 14.95 ? 69  TRP B HZ3  1 
ATOM   1185 H HH2  . TRP B 1 29 ? -12.713 -8.386  -0.340  1.00 16.15 ? 69  TRP B HH2  1 
ATOM   1186 N N    A GLU B 1 30 ? -11.131 0.274   -3.165  0.56 11.89 ? 70  GLU B N    1 
ATOM   1187 N N    B GLU B 1 30 ? -11.122 0.264   -3.168  0.44 11.93 ? 70  GLU B N    1 
ATOM   1188 C CA   A GLU B 1 30 ? -10.999 1.203   -4.278  0.56 11.79 ? 70  GLU B CA   1 
ATOM   1189 C CA   B GLU B 1 30 ? -11.013 1.196   -4.275  0.44 11.83 ? 70  GLU B CA   1 
ATOM   1190 C C    A GLU B 1 30 ? -9.589  1.148   -4.828  0.56 11.53 ? 70  GLU B C    1 
ATOM   1191 C C    B GLU B 1 30 ? -9.596  1.156   -4.828  0.44 11.55 ? 70  GLU B C    1 
ATOM   1192 O O    A GLU B 1 30 ? -8.622  1.345   -4.095  0.56 12.75 ? 70  GLU B O    1 
ATOM   1193 O O    B GLU B 1 30 ? -8.631  1.368   -4.094  0.44 12.77 ? 70  GLU B O    1 
ATOM   1194 C CB   A GLU B 1 30 ? -11.344 2.625   -3.835  0.56 14.10 ? 70  GLU B CB   1 
ATOM   1195 C CB   B GLU B 1 30 ? -11.380 2.607   -3.815  0.44 14.18 ? 70  GLU B CB   1 
ATOM   1196 C CG   A GLU B 1 30 ? -12.769 2.753   -3.303  0.56 16.25 ? 70  GLU B CG   1 
ATOM   1197 C CG   B GLU B 1 30 ? -11.340 3.665   -4.907  0.44 13.82 ? 70  GLU B CG   1 
ATOM   1198 C CD   A GLU B 1 30 ? -13.835 2.600   -4.371  0.56 18.46 ? 70  GLU B CD   1 
ATOM   1199 C CD   B GLU B 1 30 ? -12.523 3.602   -5.858  0.44 14.48 ? 70  GLU B CD   1 
ATOM   1200 O OE1  A GLU B 1 30 ? -13.576 2.930   -5.547  0.56 23.63 ? 70  GLU B OE1  1 
ATOM   1201 O OE1  B GLU B 1 30 ? -13.477 2.838   -5.595  0.44 23.42 ? 70  GLU B OE1  1 
ATOM   1202 O OE2  A GLU B 1 30 ? -14.939 2.140   -4.015  0.56 16.10 ? 70  GLU B OE2  1 
ATOM   1203 O OE2  B GLU B 1 30 ? -12.505 4.335   -6.866  0.44 24.23 ? 70  GLU B OE2  1 
ATOM   1204 H H    A GLU B 1 30 ? -10.731 0.529   -2.448  0.56 14.27 ? 70  GLU B H    1 
ATOM   1205 H H    B GLU B 1 30 ? -10.703 0.512   -2.458  0.44 14.32 ? 70  GLU B H    1 
ATOM   1206 H HA   A GLU B 1 30 ? -11.612 0.947   -4.985  0.56 14.15 ? 70  GLU B HA   1 
ATOM   1207 H HA   B GLU B 1 30 ? -11.625 0.934   -4.981  0.44 14.19 ? 70  GLU B HA   1 
ATOM   1208 H HB2  A GLU B 1 30 ? -10.735 2.892   -3.128  0.56 16.92 ? 70  GLU B HB2  1 
ATOM   1209 H HB2  B GLU B 1 30 ? -12.281 2.590   -3.456  0.44 17.01 ? 70  GLU B HB2  1 
ATOM   1210 H HB3  A GLU B 1 30 ? -11.253 3.222   -4.594  0.56 16.92 ? 70  GLU B HB3  1 
ATOM   1211 H HB3  B GLU B 1 30 ? -10.758 2.877   -3.122  0.44 17.01 ? 70  GLU B HB3  1 
ATOM   1212 H HG2  A GLU B 1 30 ? -12.917 2.064   -2.636  0.56 19.50 ? 70  GLU B HG2  1 
ATOM   1213 H HG2  B GLU B 1 30 ? -11.338 4.543   -4.492  0.44 16.59 ? 70  GLU B HG2  1 
ATOM   1214 H HG3  A GLU B 1 30 ? -12.876 3.630   -2.901  0.56 19.50 ? 70  GLU B HG3  1 
ATOM   1215 H HG3  B GLU B 1 30 ? -10.532 3.546   -5.429  0.44 16.59 ? 70  GLU B HG3  1 
ATOM   1216 N N    . ALA B 1 31 ? -9.480  0.885   -6.125  1.00 10.60 ? 71  ALA B N    1 
ATOM   1217 C CA   . ALA B 1 31 ? -8.185  0.680   -6.752  1.00 10.02 ? 71  ALA B CA   1 
ATOM   1218 C C    . ALA B 1 31 ? -7.657  1.960   -7.374  1.00 12.01 ? 71  ALA B C    1 
ATOM   1219 O O    . ALA B 1 31 ? -8.404  2.709   -8.001  1.00 13.74 ? 71  ALA B O    1 
ATOM   1220 C CB   . ALA B 1 31 ? -8.292  -0.380  -7.819  1.00 13.49 ? 71  ALA B CB   1 
ATOM   1221 H H    . ALA B 1 31 ? -10.145 0.818   -6.666  1.00 12.72 ? 71  ALA B H    1 
ATOM   1222 H HA   . ALA B 1 31 ? -7.549  0.379   -6.085  1.00 12.02 ? 71  ALA B HA   1 
ATOM   1223 H HB1  . ALA B 1 31 ? -7.422  -0.506  -8.227  1.00 16.18 ? 71  ALA B HB1  1 
ATOM   1224 H HB2  . ALA B 1 31 ? -8.590  -1.208  -7.411  1.00 16.18 ? 71  ALA B HB2  1 
ATOM   1225 H HB3  . ALA B 1 31 ? -8.933  -0.091  -8.488  1.00 16.18 ? 71  ALA B HB3  1 
ATOM   1226 N N    . VAL B 1 32 ? -6.356  2.179   -7.235  1.00 10.15 ? 72  VAL B N    1 
ATOM   1227 C CA   . VAL B 1 32 ? -5.649  3.249   -7.922  1.00 9.79  ? 72  VAL B CA   1 
ATOM   1228 C C    . VAL B 1 32 ? -4.529  2.623   -8.722  1.00 10.95 ? 72  VAL B C    1 
ATOM   1229 O O    . VAL B 1 32 ? -3.744  1.827   -8.207  1.00 11.38 ? 72  VAL B O    1 
ATOM   1230 C CB   . VAL B 1 32 ? -5.075  4.276   -6.935  1.00 12.43 ? 72  VAL B CB   1 
ATOM   1231 C CG1  . VAL B 1 32 ? -4.350  5.385   -7.666  1.00 12.64 ? 72  VAL B CG1  1 
ATOM   1232 C CG2  . VAL B 1 32 ? -6.209  4.840   -6.078  1.00 14.31 ? 72  VAL B CG2  1 
ATOM   1233 H H    . VAL B 1 32 ? -5.845  1.704   -6.731  1.00 12.17 ? 72  VAL B H    1 
ATOM   1234 H HA   . VAL B 1 32 ? -6.252  3.704   -8.532  1.00 11.75 ? 72  VAL B HA   1 
ATOM   1235 H HB   . VAL B 1 32 ? -4.442  3.835   -6.347  1.00 14.91 ? 72  VAL B HB   1 
ATOM   1236 H HG11 . VAL B 1 32 ? -4.001  6.015   -7.017  1.00 15.17 ? 72  VAL B HG11 1 
ATOM   1237 H HG12 . VAL B 1 32 ? -3.622  5.001   -8.180  1.00 15.17 ? 72  VAL B HG12 1 
ATOM   1238 H HG13 . VAL B 1 32 ? -4.974  5.832   -8.259  1.00 15.17 ? 72  VAL B HG13 1 
ATOM   1239 H HG21 . VAL B 1 32 ? -5.842  5.488   -5.456  1.00 17.17 ? 72  VAL B HG21 1 
ATOM   1240 H HG22 . VAL B 1 32 ? -6.859  5.268   -6.656  1.00 17.17 ? 72  VAL B HG22 1 
ATOM   1241 H HG23 . VAL B 1 32 ? -6.627  4.113   -5.590  1.00 17.17 ? 72  VAL B HG23 1 
ATOM   1242 N N    . HIS B 1 33 ? -4.460  2.990   -9.991  1.00 10.20 ? 73  HIS B N    1 
ATOM   1243 C CA   . HIS B 1 33 ? -3.469  2.476   -10.923 1.00 11.59 ? 73  HIS B CA   1 
ATOM   1244 C C    . HIS B 1 33 ? -2.135  3.231   -10.747 1.00 11.43 ? 73  HIS B C    1 
ATOM   1245 O O    . HIS B 1 33 ? -2.126  4.469   -10.693 1.00 15.52 ? 73  HIS B O    1 
ATOM   1246 C CB   . HIS B 1 33 ? -4.016  2.667   -12.332 1.00 9.22  ? 73  HIS B CB   1 
ATOM   1247 C CG   . HIS B 1 33 ? -3.566  1.637   -13.317 1.00 11.20 ? 73  HIS B CG   1 
ATOM   1248 N ND1  . HIS B 1 33 ? -4.019  1.613   -14.619 1.00 16.57 ? 73  HIS B ND1  1 
ATOM   1249 C CD2  . HIS B 1 33 ? -2.738  0.575   -13.189 1.00 11.30 ? 73  HIS B CD2  1 
ATOM   1250 C CE1  . HIS B 1 33 ? -3.478  0.590   -15.254 1.00 16.94 ? 73  HIS B CE1  1 
ATOM   1251 N NE2  . HIS B 1 33 ? -2.696  -0.056  -14.408 1.00 14.80 ? 73  HIS B NE2  1 
ATOM   1252 H H    . HIS B 1 33 ? -4.998  3.559   -10.349 1.00 12.24 ? 73  HIS B H    1 
ATOM   1253 H HA   . HIS B 1 33 ? -3.322  1.530   -10.765 1.00 13.90 ? 73  HIS B HA   1 
ATOM   1254 H HB2  . HIS B 1 33 ? -4.985  2.636   -12.295 1.00 11.07 ? 73  HIS B HB2  1 
ATOM   1255 H HB3  . HIS B 1 33 ? -3.730  3.533   -12.660 1.00 11.07 ? 73  HIS B HB3  1 
ATOM   1256 H HD1  . HIS B 1 33 ? -4.566  2.179   -14.966 1.00 19.88 ? 73  HIS B HD1  1 
ATOM   1257 H HD2  . HIS B 1 33 ? -2.278  0.323   -12.421 1.00 13.56 ? 73  HIS B HD2  1 
ATOM   1258 H HE1  . HIS B 1 33 ? -3.620  0.363   -16.145 1.00 20.32 ? 73  HIS B HE1  1 
ATOM   1259 H HE2  . HIS B 1 33 ? -2.233  -0.757  -14.592 1.00 17.76 ? 73  HIS B HE2  1 
ATOM   1260 N N    . LYS B 1 34 ? -1.024  2.497   -10.652 1.00 10.68 ? 74  LYS B N    1 
ATOM   1261 C CA   . LYS B 1 34 ? 0.305   3.076   -10.456 1.00 9.40  ? 74  LYS B CA   1 
ATOM   1262 C C    . LYS B 1 34 ? 1.289   2.510   -11.456 1.00 9.92  ? 74  LYS B C    1 
ATOM   1263 O O    . LYS B 1 34 ? 1.100   1.396   -11.968 1.00 10.97 ? 74  LYS B O    1 
ATOM   1264 C CB   . LYS B 1 34 ? 0.835   2.781   -9.051  1.00 11.42 ? 74  LYS B CB   1 
ATOM   1265 C CG   . LYS B 1 34 ? -0.005  3.358   -7.912  1.00 13.37 ? 74  LYS B CG   1 
ATOM   1266 C CD   . LYS B 1 34 ? 0.140   4.851   -7.868  1.00 14.66 ? 74  LYS B CD   1 
ATOM   1267 C CE   . LYS B 1 34 ? -0.737  5.503   -6.830  1.00 24.23 ? 74  LYS B CE   1 
ATOM   1268 N NZ   . LYS B 1 34 ? -0.700  6.991   -7.008  1.00 26.13 ? 74  LYS B NZ   1 
ATOM   1269 H H    . LYS B 1 34 ? -1.016  1.639   -10.699 1.00 12.82 ? 74  LYS B H    1 
ATOM   1270 H HA   . LYS B 1 34 ? 0.262   4.038   -10.575 1.00 11.28 ? 74  LYS B HA   1 
ATOM   1271 H HB2  . LYS B 1 34 ? 0.870   1.819   -8.931  1.00 13.70 ? 74  LYS B HB2  1 
ATOM   1272 H HB3  . LYS B 1 34 ? 1.727   3.152   -8.974  1.00 13.70 ? 74  LYS B HB3  1 
ATOM   1273 H HG2  . LYS B 1 34 ? -0.939  3.143   -8.058  1.00 16.05 ? 74  LYS B HG2  1 
ATOM   1274 H HG3  . LYS B 1 34 ? 0.300   2.993   -7.068  1.00 16.05 ? 74  LYS B HG3  1 
ATOM   1275 H HD2  . LYS B 1 34 ? 1.061   5.072   -7.661  1.00 17.60 ? 74  LYS B HD2  1 
ATOM   1276 H HD3  . LYS B 1 34 ? -0.100  5.216   -8.733  1.00 17.60 ? 74  LYS B HD3  1 
ATOM   1277 H HE2  . LYS B 1 34 ? -1.653  5.200   -6.939  1.00 29.08 ? 74  LYS B HE2  1 
ATOM   1278 H HE3  . LYS B 1 34 ? -0.409  5.288   -5.944  1.00 29.08 ? 74  LYS B HE3  1 
ATOM   1279 H HZ1  . LYS B 1 34 ? -0.995  7.208   -7.820  1.00 31.35 ? 74  LYS B HZ1  1 
ATOM   1280 H HZ2  . LYS B 1 34 ? -1.217  7.383   -6.398  1.00 31.35 ? 74  LYS B HZ2  1 
ATOM   1281 H HZ3  . LYS B 1 34 ? 0.134   7.287   -6.915  1.00 31.35 ? 74  LYS B HZ3  1 
ATOM   1282 N N    . ASP B 1 35 ? 2.353   3.278   -11.701 1.00 12.21 ? 75  ASP B N    1 
ATOM   1283 C CA   . ASP B 1 35 ? 3.462   2.885   -12.564 1.00 12.22 ? 75  ASP B CA   1 
ATOM   1284 C C    . ASP B 1 35 ? 4.660   2.466   -11.737 1.00 10.87 ? 75  ASP B C    1 
ATOM   1285 O O    . ASP B 1 35 ? 5.030   3.145   -10.756 1.00 12.08 ? 75  ASP B O    1 
ATOM   1286 C CB   . ASP B 1 35 ? 3.929   4.086   -13.392 1.00 16.11 ? 75  ASP B CB   1 
ATOM   1287 C CG   . ASP B 1 35 ? 2.926   4.532   -14.425 1.00 23.26 ? 75  ASP B CG   1 
ATOM   1288 O OD1  . ASP B 1 35 ? 2.390   3.686   -15.153 1.00 22.03 ? 75  ASP B OD1  1 
ATOM   1289 O OD2  . ASP B 1 35 ? 2.693   5.758   -14.516 1.00 28.69 ? 75  ASP B OD2  1 
ATOM   1290 H H    . ASP B 1 35 ? 2.456   4.061   -11.362 1.00 14.65 ? 75  ASP B H    1 
ATOM   1291 H HA   . ASP B 1 35 ? 3.200   2.161   -13.154 1.00 14.66 ? 75  ASP B HA   1 
ATOM   1292 H HB2  . ASP B 1 35 ? 4.094   4.833   -12.795 1.00 19.33 ? 75  ASP B HB2  1 
ATOM   1293 H HB3  . ASP B 1 35 ? 4.747   3.847   -13.855 1.00 19.33 ? 75  ASP B HB3  1 
ATOM   1294 N N    . CYS B 1 36 ? 5.303   1.372   -12.141 1.00 11.63 ? 76  CYS B N    1 
ATOM   1295 C CA   . CYS B 1 36 ? 6.593   1.020   -11.560 1.00 11.85 ? 76  CYS B CA   1 
ATOM   1296 C C    . CYS B 1 36 ? 7.626   2.070   -11.965 1.00 12.50 ? 76  CYS B C    1 
ATOM   1297 O O    . CYS B 1 36 ? 7.562   2.598   -13.067 1.00 13.48 ? 76  CYS B O    1 
ATOM   1298 C CB   . CYS B 1 36 ? 7.044   -0.352  -12.054 1.00 11.16 ? 76  CYS B CB   1 
ATOM   1299 S SG   . CYS B 1 36 ? 6.177   -1.728  -11.285 1.00 13.91 ? 76  CYS B SG   1 
ATOM   1300 H H    . CYS B 1 36 ? 5.018   0.827   -12.741 1.00 13.95 ? 76  CYS B H    1 
ATOM   1301 H HA   . CYS B 1 36 ? 6.526   0.999   -10.592 1.00 14.22 ? 76  CYS B HA   1 
ATOM   1302 H HB2  . CYS B 1 36 ? 6.893   -0.404  -13.010 1.00 13.39 ? 76  CYS B HB2  1 
ATOM   1303 H HB3  . CYS B 1 36 ? 7.990   -0.456  -11.866 1.00 13.39 ? 76  CYS B HB3  1 
ATOM   1304 N N    . PRO B 1 37 ? 8.558   2.390   -11.068 1.00 12.31 ? 77  PRO B N    1 
ATOM   1305 C CA   . PRO B 1 37 ? 9.626   3.344   -11.421 1.00 13.42 ? 77  PRO B CA   1 
ATOM   1306 C C    . PRO B 1 37 ? 10.575  2.800   -12.475 1.00 13.90 ? 77  PRO B C    1 
ATOM   1307 O O    . PRO B 1 37 ? 10.904  1.607   -12.460 1.00 15.15 ? 77  PRO B O    1 
ATOM   1308 C CB   . PRO B 1 37 ? 10.388  3.533   -10.109 1.00 15.15 ? 77  PRO B CB   1 
ATOM   1309 C CG   . PRO B 1 37 ? 9.993   2.374   -9.241  1.00 24.23 ? 77  PRO B CG   1 
ATOM   1310 C CD   . PRO B 1 37 ? 8.628   1.963   -9.664  1.00 13.83 ? 77  PRO B CD   1 
ATOM   1311 H HA   . PRO B 1 37 ? 9.254   4.191   -11.713 1.00 16.10 ? 77  PRO B HA   1 
ATOM   1312 H HB2  . PRO B 1 37 ? 11.342  3.520   -10.283 1.00 18.18 ? 77  PRO B HB2  1 
ATOM   1313 H HB3  . PRO B 1 37 ? 10.127  4.372   -9.698  1.00 18.18 ? 77  PRO B HB3  1 
ATOM   1314 H HG2  . PRO B 1 37 ? 10.620  1.646   -9.370  1.00 29.07 ? 77  PRO B HG2  1 
ATOM   1315 H HG3  . PRO B 1 37 ? 9.989   2.654   -8.313  1.00 29.07 ? 77  PRO B HG3  1 
ATOM   1316 H HD2  . PRO B 1 37 ? 8.530   1.000   -9.599  1.00 16.59 ? 77  PRO B HD2  1 
ATOM   1317 H HD3  . PRO B 1 37 ? 7.958   2.424   -9.137  1.00 16.59 ? 77  PRO B HD3  1 
ATOM   1318 N N    . GLY B 1 38 ? 11.051  3.669   -13.359 1.00 14.39 ? 78  GLY B N    1 
ATOM   1319 C CA   . GLY B 1 38 ? 12.066  3.294   -14.319 1.00 15.49 ? 78  GLY B CA   1 
ATOM   1320 C C    . GLY B 1 38 ? 11.606  2.152   -15.178 1.00 15.83 ? 78  GLY B C    1 
ATOM   1321 O O    . GLY B 1 38 ? 10.499  2.179   -15.717 1.00 18.20 ? 78  GLY B O    1 
ATOM   1322 H H    . GLY B 1 38 ? 10.797  4.488   -13.421 1.00 17.27 ? 78  GLY B H    1 
ATOM   1323 H HA2  . GLY B 1 38 ? 12.270  4.050   -14.892 1.00 18.58 ? 78  GLY B HA2  1 
ATOM   1324 H HA3  . GLY B 1 38 ? 12.874  3.028   -13.854 1.00 18.58 ? 78  GLY B HA3  1 
ATOM   1325 N N    . ASN B 1 39 ? 12.466  1.150   -15.315 1.00 16.72 ? 79  ASN B N    1 
ATOM   1326 C CA   . ASN B 1 39 ? 12.151  -0.031  -16.099 1.00 17.71 ? 79  ASN B CA   1 
ATOM   1327 C C    . ASN B 1 39 ? 11.805  -1.234  -15.228 1.00 20.90 ? 79  ASN B C    1 
ATOM   1328 O O    . ASN B 1 39 ? 11.813  -2.376  -15.703 1.00 19.16 ? 79  ASN B O    1 
ATOM   1329 C CB   . ASN B 1 39 ? 13.340  -0.359  -17.005 1.00 22.84 ? 79  ASN B CB   1 
ATOM   1330 C CG   . ASN B 1 39 ? 13.691  0.794   -17.932 1.00 45.75 ? 79  ASN B CG   1 
ATOM   1331 O OD1  . ASN B 1 39 ? 12.812  1.385   -18.562 1.00 53.68 ? 79  ASN B OD1  1 
ATOM   1332 N ND2  . ASN B 1 39 ? 14.979  1.131   -18.007 1.00 71.61 ? 79  ASN B ND2  1 
ATOM   1333 H H    . ASN B 1 39 ? 13.248  1.132   -14.957 1.00 20.07 ? 79  ASN B H    1 
ATOM   1334 H HA   . ASN B 1 39 ? 11.387  0.159   -16.665 1.00 21.25 ? 79  ASN B HA   1 
ATOM   1335 H HB2  . ASN B 1 39 ? 14.115  -0.551  -16.454 1.00 27.40 ? 79  ASN B HB2  1 
ATOM   1336 H HB3  . ASN B 1 39 ? 13.121  -1.130  -17.551 1.00 27.40 ? 79  ASN B HB3  1 
ATOM   1337 H HD21 . ASN B 1 39 ? 15.226  1.776   -18.518 1.00 85.93 ? 79  ASN B HD21 1 
ATOM   1338 H HD22 . ASN B 1 39 ? 15.563  0.702   -17.544 1.00 85.93 ? 79  ASN B HD22 1 
ATOM   1339 N N    . THR B 1 40 ? 11.496  -0.994  -13.953 1.00 15.59 ? 80  THR B N    1 
ATOM   1340 C CA   . THR B 1 40 ? 11.159  -2.101  -13.050 1.00 13.73 ? 80  THR B CA   1 
ATOM   1341 C C    . THR B 1 40 ? 9.772   -2.666  -13.363 1.00 14.30 ? 80  THR B C    1 
ATOM   1342 O O    . THR B 1 40 ? 8.956   -2.029  -14.036 1.00 14.66 ? 80  THR B O    1 
ATOM   1343 C CB   . THR B 1 40 ? 11.248  -1.691  -11.561 1.00 13.47 ? 80  THR B CB   1 
ATOM   1344 O OG1  . THR B 1 40 ? 10.340  -0.624  -11.277 1.00 13.57 ? 80  THR B OG1  1 
ATOM   1345 C CG2  . THR B 1 40 ? 12.654  -1.245  -11.206 1.00 16.19 ? 80  THR B CG2  1 
ATOM   1346 H H    . THR B 1 40 ? 11.473  -0.214  -13.590 1.00 18.71 ? 80  THR B H    1 
ATOM   1347 H HA   . THR B 1 40 ? 11.801  -2.815  -13.192 1.00 16.48 ? 80  THR B HA   1 
ATOM   1348 H HB   . THR B 1 40 ? 11.025  -2.455  -11.006 1.00 16.17 ? 80  THR B HB   1 
ATOM   1349 H HG1  . THR B 1 40 ? 9.553   -0.865  -11.442 1.00 16.28 ? 80  THR B HG1  1 
ATOM   1350 H HG21 . THR B 1 40 ? 12.695  -0.991  -10.271 1.00 19.43 ? 80  THR B HG21 1 
ATOM   1351 H HG22 . THR B 1 40 ? 13.281  -1.968  -11.365 1.00 19.43 ? 80  THR B HG22 1 
ATOM   1352 H HG23 . THR B 1 40 ? 12.907  -0.483  -11.751 1.00 19.43 ? 80  THR B HG23 1 
ATOM   1353 N N    . ARG B 1 41 ? 9.513   -3.876  -12.878 1.00 11.66 ? 81  ARG B N    1 
ATOM   1354 C CA   . ARG B 1 41 ? 8.260   -4.560  -13.128 1.00 11.30 ? 81  ARG B CA   1 
ATOM   1355 C C    . ARG B 1 41 ? 7.689   -5.118  -11.833 1.00 8.73  ? 81  ARG B C    1 
ATOM   1356 O O    . ARG B 1 41 ? 8.430   -5.362  -10.864 1.00 11.03 ? 81  ARG B O    1 
ATOM   1357 C CB   . ARG B 1 41 ? 8.475   -5.710  -14.106 1.00 13.66 ? 81  ARG B CB   1 
ATOM   1358 C CG   . ARG B 1 41 ? 8.877   -5.242  -15.488 1.00 16.24 ? 81  ARG B CG   1 
ATOM   1359 C CD   . ARG B 1 41 ? 9.023   -6.385  -16.450 1.00 25.59 ? 81  ARG B CD   1 
ATOM   1360 N NE   . ARG B 1 41 ? 9.452   -5.858  -17.746 1.00 23.96 ? 81  ARG B NE   1 
ATOM   1361 C CZ   . ARG B 1 41 ? 9.168   -6.404  -18.922 1.00 27.99 ? 81  ARG B CZ   1 
ATOM   1362 N NH1  . ARG B 1 41 ? 8.433   -7.506  -18.997 1.00 24.57 ? 81  ARG B NH1  1 
ATOM   1363 N NH2  . ARG B 1 41 ? 9.625   -5.830  -20.026 1.00 22.32 ? 81  ARG B NH2  1 
ATOM   1364 H H    . ARG B 1 41 ? 10.062  -4.327  -12.392 1.00 13.99 ? 81  ARG B H    1 
ATOM   1365 H HA   . ARG B 1 41 ? 7.619   -3.941  -13.510 1.00 13.56 ? 81  ARG B HA   1 
ATOM   1366 H HB2  . ARG B 1 41 ? 9.180   -6.283  -13.767 1.00 16.40 ? 81  ARG B HB2  1 
ATOM   1367 H HB3  . ARG B 1 41 ? 7.650   -6.212  -14.188 1.00 16.40 ? 81  ARG B HB3  1 
ATOM   1368 H HG2  . ARG B 1 41 ? 8.196   -4.643  -15.832 1.00 19.49 ? 81  ARG B HG2  1 
ATOM   1369 H HG3  . ARG B 1 41 ? 9.730   -4.783  -15.434 1.00 19.49 ? 81  ARG B HG3  1 
ATOM   1370 H HD2  . ARG B 1 41 ? 9.695   -7.004  -16.126 1.00 30.71 ? 81  ARG B HD2  1 
ATOM   1371 H HD3  . ARG B 1 41 ? 8.169   -6.832  -16.562 1.00 30.71 ? 81  ARG B HD3  1 
ATOM   1372 H HE   . ARG B 1 41 ? 9.925   -5.140  -17.745 1.00 28.75 ? 81  ARG B HE   1 
ATOM   1373 H HH11 . ARG B 1 41 ? 8.139   -7.877  -18.278 1.00 29.49 ? 81  ARG B HH11 1 
ATOM   1374 H HH12 . ARG B 1 41 ? 8.252   -7.851  -19.763 1.00 29.49 ? 81  ARG B HH12 1 
ATOM   1375 H HH21 . ARG B 1 41 ? 10.099  -5.114  -19.973 1.00 26.78 ? 81  ARG B HH21 1 
ATOM   1376 H HH22 . ARG B 1 41 ? 9.444   -6.171  -20.794 1.00 26.78 ? 81  ARG B HH22 1 
ATOM   1377 N N    . TRP B 1 42 ? 6.379   -5.355  -11.822 1.00 9.33  ? 82  TRP B N    1 
ATOM   1378 C CA   . TRP B 1 42 ? 5.720   -5.802  -10.605 1.00 8.67  ? 82  TRP B CA   1 
ATOM   1379 C C    . TRP B 1 42 ? 6.281   -7.162  -10.210 1.00 11.60 ? 82  TRP B C    1 
ATOM   1380 O O    . TRP B 1 42 ? 6.423   -8.051  -11.050 1.00 14.58 ? 82  TRP B O    1 
ATOM   1381 C CB   . TRP B 1 42 ? 4.207   -5.860  -10.765 1.00 11.47 ? 82  TRP B CB   1 
ATOM   1382 C CG   . TRP B 1 42 ? 3.569   -6.156  -9.460  1.00 9.97  ? 82  TRP B CG   1 
ATOM   1383 C CD1  . TRP B 1 42 ? 2.922   -7.307  -9.087  1.00 14.94 ? 82  TRP B CD1  1 
ATOM   1384 C CD2  . TRP B 1 42 ? 3.579   -5.313  -8.302  1.00 8.25  ? 82  TRP B CD2  1 
ATOM   1385 N NE1  . TRP B 1 42 ? 2.501   -7.214  -7.784  1.00 13.91 ? 82  TRP B NE1  1 
ATOM   1386 C CE2  . TRP B 1 42 ? 2.893   -6.002  -7.277  1.00 11.65 ? 82  TRP B CE2  1 
ATOM   1387 C CE3  . TRP B 1 42 ? 4.085   -4.038  -8.036  1.00 9.75  ? 82  TRP B CE3  1 
ATOM   1388 C CZ2  . TRP B 1 42 ? 2.686   -5.447  -6.015  1.00 10.00 ? 82  TRP B CZ2  1 
ATOM   1389 C CZ3  . TRP B 1 42 ? 3.884   -3.497  -6.769  1.00 12.85 ? 82  TRP B CZ3  1 
ATOM   1390 C CH2  . TRP B 1 42 ? 3.192   -4.201  -5.783  1.00 11.58 ? 82  TRP B CH2  1 
ATOM   1391 H H    . TRP B 1 42 ? 5.857   -5.264  -12.499 1.00 11.20 ? 82  TRP B H    1 
ATOM   1392 H HA   . TRP B 1 42 ? 5.920   -5.177  -9.891  1.00 10.41 ? 82  TRP B HA   1 
ATOM   1393 H HB2  . TRP B 1 42 ? 3.881   -5.003  -11.081 1.00 13.77 ? 82  TRP B HB2  1 
ATOM   1394 H HB3  . TRP B 1 42 ? 3.974   -6.564  -11.389 1.00 13.77 ? 82  TRP B HB3  1 
ATOM   1395 H HD1  . TRP B 1 42 ? 2.778   -8.040  -9.641  1.00 17.93 ? 82  TRP B HD1  1 
ATOM   1396 H HE1  . TRP B 1 42 ? 2.063   -7.816  -7.355  1.00 16.69 ? 82  TRP B HE1  1 
ATOM   1397 H HE3  . TRP B 1 42 ? 4.538   -3.560  -8.691  1.00 11.70 ? 82  TRP B HE3  1 
ATOM   1398 H HZ2  . TRP B 1 42 ? 2.236   -5.915  -5.350  1.00 12.00 ? 82  TRP B HZ2  1 
ATOM   1399 H HZ3  . TRP B 1 42 ? 4.211   -2.648  -6.580  1.00 15.42 ? 82  TRP B HZ3  1 
ATOM   1400 H HH2  . TRP B 1 42 ? 3.077   -3.814  -4.945  1.00 13.90 ? 82  TRP B HH2  1 
ATOM   1401 N N    . ASN B 1 43 ? 6.611   -7.294  -8.930  1.00 11.97 ? 83  ASN B N    1 
ATOM   1402 C CA   . ASN B 1 43 ? 7.152   -8.531  -8.371  1.00 15.23 ? 83  ASN B CA   1 
ATOM   1403 C C    . ASN B 1 43 ? 6.179   -9.019  -7.301  1.00 12.62 ? 83  ASN B C    1 
ATOM   1404 O O    . ASN B 1 43 ? 6.096   -8.444  -6.217  1.00 12.74 ? 83  ASN B O    1 
ATOM   1405 C CB   . ASN B 1 43 ? 8.537   -8.266  -7.786  1.00 11.46 ? 83  ASN B CB   1 
ATOM   1406 C CG   . ASN B 1 43 ? 9.214   -9.520  -7.300  1.00 15.43 ? 83  ASN B CG   1 
ATOM   1407 O OD1  . ASN B 1 43 ? 8.569   -10.410 -6.746  1.00 17.65 ? 83  ASN B OD1  1 
ATOM   1408 N ND2  . ASN B 1 43 ? 10.527  -9.598  -7.498  1.00 19.88 ? 83  ASN B ND2  1 
ATOM   1409 H H    . ASN B 1 43 ? 6.530   -6.665  -8.349  1.00 14.37 ? 83  ASN B H    1 
ATOM   1410 H HA   . ASN B 1 43 ? 7.224   -9.206  -9.064  1.00 18.28 ? 83  ASN B HA   1 
ATOM   1411 H HB2  . ASN B 1 43 ? 9.098   -7.868  -8.470  1.00 13.75 ? 83  ASN B HB2  1 
ATOM   1412 H HB3  . ASN B 1 43 ? 8.451   -7.660  -7.033  1.00 13.75 ? 83  ASN B HB3  1 
ATOM   1413 H HD21 . ASN B 1 43 ? 10.960  -10.294 -7.238  1.00 23.86 ? 83  ASN B HD21 1 
ATOM   1414 H HD22 . ASN B 1 43 ? 10.942  -8.953  -7.885  1.00 23.86 ? 83  ASN B HD22 1 
ATOM   1415 N N    . GLU B 1 44 ? 5.413   -10.056 -7.624  1.00 15.13 ? 84  GLU B N    1 
ATOM   1416 C CA   . GLU B 1 44 ? 4.304   -10.488 -6.789  1.00 18.77 ? 84  GLU B CA   1 
ATOM   1417 C C    . GLU B 1 44 ? 4.789   -10.877 -5.405  1.00 14.91 ? 84  GLU B C    1 
ATOM   1418 O O    . GLU B 1 44 ? 4.215   -10.473 -4.392  1.00 18.55 ? 84  GLU B O    1 
ATOM   1419 C CB   . GLU B 1 44 ? 3.597   -11.676 -7.442  1.00 29.09 ? 84  GLU B CB   1 
ATOM   1420 C CG   . GLU B 1 44 ? 2.383   -12.168 -6.688  1.00 36.55 ? 84  GLU B CG   1 
ATOM   1421 C CD   . GLU B 1 44 ? 1.827   -13.447 -7.284  1.00 47.36 ? 84  GLU B CD   1 
ATOM   1422 O OE1  . GLU B 1 44 ? 2.314   -13.860 -8.359  1.00 44.96 ? 84  GLU B OE1  1 
ATOM   1423 O OE2  . GLU B 1 44 ? 0.911   -14.041 -6.671  1.00 61.97 ? 84  GLU B OE2  1 
ATOM   1424 H H    . GLU B 1 44 ? 5.519   -10.532 -8.333  1.00 18.16 ? 84  GLU B H    1 
ATOM   1425 H HA   . GLU B 1 44 ? 3.666   -9.762  -6.699  1.00 22.52 ? 84  GLU B HA   1 
ATOM   1426 H HB2  . GLU B 1 44 ? 3.307   -11.416 -8.331  1.00 34.91 ? 84  GLU B HB2  1 
ATOM   1427 H HB3  . GLU B 1 44 ? 4.224   -12.415 -7.506  1.00 34.91 ? 84  GLU B HB3  1 
ATOM   1428 H HG2  . GLU B 1 44 ? 2.630   -12.345 -5.768  1.00 43.86 ? 84  GLU B HG2  1 
ATOM   1429 H HG3  . GLU B 1 44 ? 1.690   -11.490 -6.725  1.00 43.86 ? 84  GLU B HG3  1 
ATOM   1430 N N    . ASP B 1 45 ? 5.871   -11.638 -5.352  1.00 17.67 ? 85  ASP B N    1 
ATOM   1431 C CA   . ASP B 1 45 ? 6.299   -12.147 -4.061  1.00 17.61 ? 85  ASP B CA   1 
ATOM   1432 C C    . ASP B 1 45 ? 6.972   -11.076 -3.209  1.00 16.81 ? 85  ASP B C    1 
ATOM   1433 O O    . ASP B 1 45 ? 7.012   -11.190 -1.985  1.00 21.23 ? 85  ASP B O    1 
ATOM   1434 C CB   . ASP B 1 45 ? 7.201   -13.364 -4.226  1.00 22.96 ? 85  ASP B CB   1 
ATOM   1435 C CG   . ASP B 1 45 ? 6.457   -14.570 -4.798  1.00 26.15 ? 85  ASP B CG   1 
ATOM   1436 O OD1  . ASP B 1 45 ? 5.207   -14.615 -4.711  1.00 32.91 ? 85  ASP B OD1  1 
ATOM   1437 O OD2  . ASP B 1 45 ? 7.133   -15.475 -5.322  1.00 41.07 ? 85  ASP B OD2  1 
ATOM   1438 H H    . ASP B 1 45 ? 6.360   -11.867 -6.022  1.00 21.20 ? 85  ASP B H    1 
ATOM   1439 H HA   . ASP B 1 45 ? 5.510   -12.440 -3.577  1.00 21.13 ? 85  ASP B HA   1 
ATOM   1440 H HB2  . ASP B 1 45 ? 7.925   -13.141 -4.833  1.00 27.55 ? 85  ASP B HB2  1 
ATOM   1441 H HB3  . ASP B 1 45 ? 7.558   -13.614 -3.360  1.00 27.55 ? 85  ASP B HB3  1 
ATOM   1442 N N    . GLU B 1 46 ? 7.488   -10.032 -3.843  1.00 12.78 ? 86  GLU B N    1 
ATOM   1443 C CA   . GLU B 1 46 ? 8.111   -8.939  -3.098  1.00 14.50 ? 86  GLU B CA   1 
ATOM   1444 C C    . GLU B 1 46 ? 7.125   -7.818  -2.748  1.00 16.37 ? 86  GLU B C    1 
ATOM   1445 O O    . GLU B 1 46 ? 7.436   -6.961  -1.921  1.00 16.59 ? 86  GLU B O    1 
ATOM   1446 C CB   . GLU B 1 46 ? 9.304   -8.370  -3.864  1.00 17.26 ? 86  GLU B CB   1 
ATOM   1447 C CG   . GLU B 1 46 ? 10.501  -9.293  -3.899  1.00 26.20 ? 86  GLU B CG   1 
ATOM   1448 C CD   . GLU B 1 46 ? 11.084  -9.535  -2.520  1.00 16.25 ? 86  GLU B CD   1 
ATOM   1449 O OE1  . GLU B 1 46 ? 11.572  -8.567  -1.871  1.00 24.29 ? 86  GLU B OE1  1 
ATOM   1450 O OE2  . GLU B 1 46 ? 11.013  -10.696 -2.070  1.00 40.90 ? 86  GLU B OE2  1 
ATOM   1451 H H    . GLU B 1 46 ? 7.492   -9.929  -4.698  1.00 15.33 ? 86  GLU B H    1 
ATOM   1452 H HA   . GLU B 1 46 ? 8.449   -9.296  -2.262  1.00 17.40 ? 86  GLU B HA   1 
ATOM   1453 H HB2  . GLU B 1 46 ? 9.035   -8.199  -4.780  1.00 20.71 ? 86  GLU B HB2  1 
ATOM   1454 H HB3  . GLU B 1 46 ? 9.581   -7.542  -3.442  1.00 20.71 ? 86  GLU B HB3  1 
ATOM   1455 H HG2  . GLU B 1 46 ? 10.231  -10.150 -4.266  1.00 31.44 ? 86  GLU B HG2  1 
ATOM   1456 H HG3  . GLU B 1 46 ? 11.191  -8.898  -4.453  1.00 31.44 ? 86  GLU B HG3  1 
ATOM   1457 N N    . GLU B 1 47 ? 5.951   -7.823  -3.380  1.00 13.47 ? 87  GLU B N    1 
ATOM   1458 C CA   . GLU B 1 47 ? 4.948   -6.767  -3.187  1.00 13.58 ? 87  GLU B CA   1 
ATOM   1459 C C    . GLU B 1 47 ? 5.499   -5.383  -3.529  1.00 11.87 ? 87  GLU B C    1 
ATOM   1460 O O    . GLU B 1 47 ? 5.159   -4.387  -2.884  1.00 13.77 ? 87  GLU B O    1 
ATOM   1461 C CB   . GLU B 1 47 ? 4.424   -6.775  -1.749  1.00 19.25 ? 87  GLU B CB   1 
ATOM   1462 C CG   . GLU B 1 47 ? 3.930   -8.134  -1.301  1.00 23.58 ? 87  GLU B CG   1 
ATOM   1463 C CD   . GLU B 1 47 ? 3.290   -8.122  0.085   1.00 27.83 ? 87  GLU B CD   1 
ATOM   1464 O OE1  . GLU B 1 47 ? 3.884   -7.568  1.030   1.00 32.95 ? 87  GLU B OE1  1 
ATOM   1465 O OE2  . GLU B 1 47 ? 2.184   -8.675  0.220   1.00 35.26 ? 87  GLU B OE2  1 
ATOM   1466 H H    . GLU B 1 47 ? 5.706   -8.434  -3.933  1.00 16.17 ? 87  GLU B H    1 
ATOM   1467 H HA   . GLU B 1 47 ? 4.198   -6.940  -3.776  1.00 16.29 ? 87  GLU B HA   1 
ATOM   1468 H HB2  . GLU B 1 47 ? 5.140   -6.506  -1.152  1.00 23.10 ? 87  GLU B HB2  1 
ATOM   1469 H HB3  . GLU B 1 47 ? 3.685   -6.151  -1.680  1.00 23.10 ? 87  GLU B HB3  1 
ATOM   1470 H HG2  . GLU B 1 47 ? 3.265   -8.450  -1.933  1.00 28.30 ? 87  GLU B HG2  1 
ATOM   1471 H HG3  . GLU B 1 47 ? 4.680   -8.749  -1.277  1.00 28.30 ? 87  GLU B HG3  1 
ATOM   1472 N N    . THR B 1 48 ? 6.349   -5.312  -4.549  1.00 12.07 ? 88  THR B N    1 
ATOM   1473 C CA   . THR B 1 48 ? 6.870   -4.035  -5.022  1.00 10.09 ? 88  THR B CA   1 
ATOM   1474 C C    . THR B 1 48 ? 7.396   -4.249  -6.432  1.00 12.21 ? 88  THR B C    1 
ATOM   1475 O O    . THR B 1 48 ? 7.240   -5.333  -6.991  1.00 11.55 ? 88  THR B O    1 
ATOM   1476 C CB   . THR B 1 48 ? 7.964   -3.471  -4.112  1.00 14.50 ? 88  THR B CB   1 
ATOM   1477 O OG1  . THR B 1 48 ? 8.247   -2.121  -4.491  1.00 14.02 ? 88  THR B OG1  1 
ATOM   1478 C CG2  . THR B 1 48 ? 9.243   -4.285  -4.227  1.00 15.19 ? 88  THR B CG2  1 
ATOM   1479 H H    . THR B 1 48 ? 6.641   -5.993  -4.987  1.00 14.49 ? 88  THR B H    1 
ATOM   1480 H HA   . THR B 1 48 ? 6.147   -3.390  -5.063  1.00 12.10 ? 88  THR B HA   1 
ATOM   1481 H HB   . THR B 1 48 ? 7.664   -3.495  -3.189  1.00 17.40 ? 88  THR B HB   1 
ATOM   1482 H HG1  . THR B 1 48 ? 8.847   -1.804  -3.996  1.00 16.83 ? 88  THR B HG1  1 
ATOM   1483 H HG21 . THR B 1 48 ? 9.925   -3.915  -3.644  1.00 18.23 ? 88  THR B HG21 1 
ATOM   1484 H HG22 . THR B 1 48 ? 9.075   -5.206  -3.970  1.00 18.23 ? 88  THR B HG22 1 
ATOM   1485 H HG23 . THR B 1 48 ? 9.566   -4.267  -5.141  1.00 18.23 ? 88  THR B HG23 1 
ATOM   1486 N N    . CYS B 1 49 ? 7.993   -3.220  -7.019  1.00 12.06 ? 89  CYS B N    1 
ATOM   1487 C CA   . CYS B 1 49 ? 8.582   -3.321  -8.352  1.00 12.68 ? 89  CYS B CA   1 
ATOM   1488 C C    . CYS B 1 49 ? 10.062  -3.605  -8.251  1.00 13.09 ? 89  CYS B C    1 
ATOM   1489 O O    . CYS B 1 49 ? 10.757  -2.978  -7.445  1.00 16.75 ? 89  CYS B O    1 
ATOM   1490 C CB   . CYS B 1 49 ? 8.376   -2.019  -9.125  1.00 13.49 ? 89  CYS B CB   1 
ATOM   1491 S SG   . CYS B 1 49 ? 6.624   -1.508  -9.261  1.00 14.85 ? 89  CYS B SG   1 
ATOM   1492 H H    . CYS B 1 49 ? 8.072   -2.442  -6.663  1.00 14.47 ? 89  CYS B H    1 
ATOM   1493 H HA   . CYS B 1 49 ? 8.159   -4.044  -8.842  1.00 15.22 ? 89  CYS B HA   1 
ATOM   1494 H HB2  . CYS B 1 49 ? 8.858   -1.308  -8.674  1.00 16.19 ? 89  CYS B HB2  1 
ATOM   1495 H HB3  . CYS B 1 49 ? 8.722   -2.132  -10.024 1.00 16.19 ? 89  CYS B HB3  1 
ATOM   1496 N N    . THR B 1 50 ? 10.554  -4.532  -9.068  1.00 11.65 ? 90  THR B N    1 
ATOM   1497 C CA   . THR B 1 50 ? 11.973  -4.864  -9.074  1.00 12.60 ? 90  THR B CA   1 
ATOM   1498 C C    . THR B 1 50 ? 12.489  -5.004  -10.496 1.00 15.64 ? 90  THR B C    1 
ATOM   1499 O O    . THR B 1 50 ? 13.713  -5.032  -10.685 1.00 19.88 ? 90  THR B O    1 
ATOM   1500 C CB   . THR B 1 50 ? 12.258  -6.184  -8.300  1.00 13.28 ? 90  THR B CB   1 
ATOM   1501 O OG1  . THR B 1 50 ? 11.657  -7.294  -8.971  1.00 16.73 ? 90  THR B OG1  1 
ATOM   1502 C CG2  . THR B 1 50 ? 11.708  -6.107  -6.898  1.00 15.19 ? 90  THR B CG2  1 
ATOM   1503 O OXT  . THR B 1 50 ? 11.731  -5.110  -11.467 1.00 13.82 ? 90  THR B OXT  1 
ATOM   1504 H H    . THR B 1 50 ? 10.085  -4.984  -9.630  1.00 13.98 ? 90  THR B H    1 
ATOM   1505 H HA   . THR B 1 50 ? 12.467  -4.149  -8.643  1.00 15.13 ? 90  THR B HA   1 
ATOM   1506 H HB   . THR B 1 50 ? 13.216  -6.323  -8.244  1.00 15.93 ? 90  THR B HB   1 
ATOM   1507 H HG1  . THR B 1 50 ? 11.970  -7.363  -9.747  1.00 20.07 ? 90  THR B HG1  1 
ATOM   1508 H HG21 . THR B 1 50 ? 11.891  -6.934  -6.425  1.00 18.23 ? 90  THR B HG21 1 
ATOM   1509 H HG22 . THR B 1 50 ? 12.123  -5.373  -6.420  1.00 18.23 ? 90  THR B HG22 1 
ATOM   1510 H HG23 . THR B 1 50 ? 10.749  -5.965  -6.925  1.00 18.23 ? 90  THR B HG23 1 
HETATM 1511 C C1   . EDO C 2 .  ? 9.285   -1.885  7.313   1.00 38.73 ? 101 EDO A C1   1 
HETATM 1512 O O1   . EDO C 2 .  ? 10.183  -1.333  8.260   1.00 39.72 ? 101 EDO A O1   1 
HETATM 1513 C C2   . EDO C 2 .  ? 10.196  -2.712  6.453   1.00 42.75 ? 101 EDO A C2   1 
HETATM 1514 O O2   . EDO C 2 .  ? 9.533   -3.943  6.276   1.00 48.35 ? 101 EDO A O2   1 
HETATM 1515 H H11  . EDO C 2 .  ? 8.796   -1.101  6.730   1.00 46.48 ? 101 EDO A H11  1 
HETATM 1516 H H12  . EDO C 2 .  ? 8.531   -2.507  7.800   1.00 46.48 ? 101 EDO A H12  1 
HETATM 1517 H HO1  . EDO C 2 .  ? 9.695   -0.772  8.877   1.00 47.66 ? 101 EDO A HO1  1 
HETATM 1518 H H21  . EDO C 2 .  ? 10.362  -2.224  5.490   1.00 51.30 ? 101 EDO A H21  1 
HETATM 1519 H H22  . EDO C 2 .  ? 11.158  -2.862  6.947   1.00 51.30 ? 101 EDO A H22  1 
HETATM 1520 H HO2  . EDO C 2 .  ? 10.075  -4.525  5.725   1.00 58.01 ? 101 EDO A HO2  1 
HETATM 1521 O O    . HOH D 3 .  ? -7.243  4.450   9.912   1.00 28.18 ? 201 HOH A O    1 
HETATM 1522 O O    . HOH D 3 .  ? 6.644   8.994   -4.380  1.00 34.82 ? 202 HOH A O    1 
HETATM 1523 O O    . HOH D 3 .  ? -8.521  2.593   5.661   1.00 35.63 ? 203 HOH A O    1 
HETATM 1524 O O    . HOH D 3 .  ? -7.138  8.109   -3.690  1.00 34.65 ? 204 HOH A O    1 
HETATM 1525 O O    . HOH D 3 .  ? 8.511   4.612   13.194  1.00 24.81 ? 205 HOH A O    1 
HETATM 1526 O O    . HOH D 3 .  ? -6.033  13.769  -1.020  1.00 38.23 ? 206 HOH A O    1 
HETATM 1527 O O    . HOH D 3 .  ? -2.120  9.247   8.942   1.00 39.32 ? 207 HOH A O    1 
HETATM 1528 O O    . HOH D 3 .  ? 13.447  3.810   7.000   1.00 32.91 ? 208 HOH A O    1 
HETATM 1529 O O    . HOH D 3 .  ? 10.700  8.921   -7.256  1.00 21.40 ? 209 HOH A O    1 
HETATM 1530 O O    . HOH D 3 .  ? 14.138  7.819   9.363   1.00 27.59 ? 210 HOH A O    1 
HETATM 1531 O O    . HOH D 3 .  ? 10.462  0.899   -2.617  1.00 41.69 ? 211 HOH A O    1 
HETATM 1532 O O    . HOH D 3 .  ? 7.694   13.144  10.056  1.00 38.26 ? 212 HOH A O    1 
HETATM 1533 O O    . HOH D 3 .  ? 0.947   6.679   18.041  1.00 36.69 ? 213 HOH A O    1 
HETATM 1534 O O    . HOH D 3 .  ? 2.790   -0.970  20.680  1.00 35.55 ? 214 HOH A O    1 
HETATM 1535 O O    . HOH D 3 .  ? 9.167   0.283   -0.521  1.00 37.79 ? 215 HOH A O    1 
HETATM 1536 O O    . HOH D 3 .  ? -6.857  9.368   7.866   1.00 30.03 ? 216 HOH A O    1 
HETATM 1537 O O    . HOH D 3 .  ? -3.235  4.899   -4.213  1.00 13.84 ? 217 HOH A O    1 
HETATM 1538 O O    . HOH D 3 .  ? 3.914   10.308  -3.619  1.00 28.93 ? 218 HOH A O    1 
HETATM 1539 O O    . HOH D 3 .  ? 11.133  3.618   25.090  1.00 31.16 ? 219 HOH A O    1 
HETATM 1540 O O    . HOH D 3 .  ? 4.301   10.242  3.310   1.00 18.71 ? 220 HOH A O    1 
HETATM 1541 O O    . HOH D 3 .  ? -3.419  17.137  4.215   1.00 46.43 ? 221 HOH A O    1 
HETATM 1542 O O    . HOH D 3 .  ? 4.693   7.570   6.699   1.00 11.92 ? 222 HOH A O    1 
HETATM 1543 O O    . HOH D 3 .  ? 7.352   -5.497  7.923   1.00 32.31 ? 223 HOH A O    1 
HETATM 1544 O O    . HOH D 3 .  ? 8.027   3.533   -1.452  1.00 18.43 ? 224 HOH A O    1 
HETATM 1545 O O    . HOH D 3 .  ? -5.098  11.167  -4.182  1.00 34.58 ? 225 HOH A O    1 
HETATM 1546 O O    . HOH D 3 .  ? -4.962  12.800  7.845   1.00 38.76 ? 226 HOH A O    1 
HETATM 1547 O O    . HOH D 3 .  ? 10.821  3.599   10.290  1.00 21.90 ? 227 HOH A O    1 
HETATM 1548 O O    . HOH D 3 .  ? 0.174   -0.543  20.359  1.00 21.63 ? 228 HOH A O    1 
HETATM 1549 O O    . HOH D 3 .  ? 1.505   8.162   13.147  1.00 23.23 ? 229 HOH A O    1 
HETATM 1550 O O    . HOH D 3 .  ? -8.375  -2.545  5.410   1.00 22.91 ? 230 HOH A O    1 
HETATM 1551 O O    . HOH D 3 .  ? -9.075  4.828   1.619   1.00 36.36 ? 231 HOH A O    1 
HETATM 1552 O O    . HOH D 3 .  ? 3.842   8.346   -6.472  1.00 21.25 ? 232 HOH A O    1 
HETATM 1553 O O    . HOH D 3 .  ? -3.409  7.427   -4.362  1.00 30.29 ? 233 HOH A O    1 
HETATM 1554 O O    . HOH D 3 .  ? 5.508   3.523   -7.859  1.00 25.14 ? 234 HOH A O    1 
HETATM 1555 O O    . HOH D 3 .  ? 13.183  6.091   -8.962  1.00 22.69 ? 235 HOH A O    1 
HETATM 1556 O O    . HOH D 3 .  ? 13.129  5.850   22.338  1.00 26.57 ? 236 HOH A O    1 
HETATM 1557 O O    . HOH D 3 .  ? 8.363   3.931   16.759  1.00 29.99 ? 237 HOH A O    1 
HETATM 1558 O O    . HOH D 3 .  ? 4.406   -1.581  18.012  1.00 35.49 ? 238 HOH A O    1 
HETATM 1559 O O    . HOH D 3 .  ? 12.208  3.910   2.794   1.00 26.13 ? 239 HOH A O    1 
HETATM 1560 O O    . HOH D 3 .  ? -9.526  8.080   -0.577  1.00 26.57 ? 240 HOH A O    1 
HETATM 1561 O O    . HOH D 3 .  ? 2.580   -0.518  25.001  1.00 40.62 ? 241 HOH A O    1 
HETATM 1562 O O    . HOH D 3 .  ? -4.461  -4.821  5.795   1.00 33.14 ? 242 HOH A O    1 
HETATM 1563 O O    . HOH D 3 .  ? 9.881   0.400   22.901  1.00 29.59 ? 243 HOH A O    1 
HETATM 1564 O O    . HOH D 3 .  ? -14.292 -1.958  17.819  1.00 48.68 ? 244 HOH A O    1 
HETATM 1565 O O    . HOH D 3 .  ? 10.062  6.763   19.370  1.00 24.06 ? 245 HOH A O    1 
HETATM 1566 O O    . HOH D 3 .  ? 10.414  14.454  1.390   1.00 47.68 ? 246 HOH A O    1 
HETATM 1567 O O    . HOH D 3 .  ? 4.417   6.111   -8.130  1.00 24.61 ? 247 HOH A O    1 
HETATM 1568 O O    . HOH D 3 .  ? 3.436   -5.461  17.396  1.00 41.46 ? 248 HOH A O    1 
HETATM 1569 O O    . HOH D 3 .  ? 6.968   10.462  7.396   1.00 25.12 ? 249 HOH A O    1 
HETATM 1570 O O    . HOH D 3 .  ? -2.769  7.396   8.165   1.00 21.29 ? 250 HOH A O    1 
HETATM 1571 O O    . HOH D 3 .  ? 2.083   -3.447  18.793  1.00 26.33 ? 251 HOH A O    1 
HETATM 1572 O O    . HOH D 3 .  ? -1.292  9.004   10.892  1.00 26.48 ? 252 HOH A O    1 
HETATM 1573 O O    . HOH D 3 .  ? -1.983  -5.210  12.438  1.00 23.95 ? 253 HOH A O    1 
HETATM 1574 O O    . HOH D 3 .  ? 3.667   5.857   18.751  1.00 20.24 ? 254 HOH A O    1 
HETATM 1575 O O    . HOH D 3 .  ? 5.539   -4.296  3.846   1.00 28.90 ? 255 HOH A O    1 
HETATM 1576 O O    . HOH D 3 .  ? -10.610 1.030   15.957  1.00 24.82 ? 256 HOH A O    1 
HETATM 1577 O O    . HOH D 3 .  ? 13.645  -0.041  4.672   1.00 34.94 ? 257 HOH A O    1 
HETATM 1578 O O    . HOH D 3 .  ? 6.211   -5.124  12.024  1.00 18.03 ? 258 HOH A O    1 
HETATM 1579 O O    . HOH D 3 .  ? -10.298 2.339   18.846  1.00 23.72 ? 259 HOH A O    1 
HETATM 1580 O O    A HOH D 3 .  ? 7.608   0.074   16.489  0.55 14.24 ? 260 HOH A O    1 
HETATM 1581 O O    B HOH D 3 .  ? 8.382   1.422   15.696  0.45 21.50 ? 260 HOH A O    1 
HETATM 1582 O O    . HOH D 3 .  ? 9.844   1.565   2.226   1.00 30.92 ? 261 HOH A O    1 
HETATM 1583 O O    . HOH D 3 .  ? -0.563  -4.246  21.696  1.00 43.07 ? 262 HOH A O    1 
HETATM 1584 O O    . HOH D 3 .  ? 11.621  12.097  10.797  1.00 37.45 ? 263 HOH A O    1 
HETATM 1585 O O    . HOH D 3 .  ? -8.688  -5.198  21.161  1.00 36.38 ? 264 HOH A O    1 
HETATM 1586 O O    . HOH D 3 .  ? -10.173 -3.318  22.561  1.00 29.05 ? 265 HOH A O    1 
HETATM 1587 O O    . HOH D 3 .  ? 0.589   12.123  4.150   1.00 35.12 ? 266 HOH A O    1 
HETATM 1588 O O    . HOH D 3 .  ? -2.777  5.602   22.169  1.00 38.27 ? 267 HOH A O    1 
HETATM 1589 O O    . HOH D 3 .  ? 1.795   11.164  -0.040  1.00 36.29 ? 268 HOH A O    1 
HETATM 1590 O O    . HOH D 3 .  ? -2.089  13.543  3.701   1.00 29.04 ? 269 HOH A O    1 
HETATM 1591 O O    A HOH D 3 .  ? 7.533   6.060   -8.135  0.26 23.85 ? 270 HOH A O    1 
HETATM 1592 O O    B HOH D 3 .  ? 11.662  3.516   -4.695  0.74 37.95 ? 270 HOH A O    1 
HETATM 1593 O O    . HOH D 3 .  ? 8.352   -2.303  -0.780  1.00 33.37 ? 271 HOH A O    1 
HETATM 1594 O O    . HOH D 3 .  ? -1.546  -7.131  14.422  1.00 32.97 ? 272 HOH A O    1 
HETATM 1595 O O    . HOH D 3 .  ? 10.843  4.119   -1.969  1.00 29.88 ? 273 HOH A O    1 
HETATM 1596 O O    . HOH D 3 .  ? 9.012   11.791  7.017   1.00 34.37 ? 274 HOH A O    1 
HETATM 1597 O O    . HOH D 3 .  ? 12.989  -2.999  5.198   1.00 33.91 ? 275 HOH A O    1 
HETATM 1598 O O    . HOH D 3 .  ? 12.066  0.625   -4.628  1.00 40.43 ? 276 HOH A O    1 
HETATM 1599 O O    . HOH D 3 .  ? 3.755   10.124  5.941   1.00 26.15 ? 277 HOH A O    1 
HETATM 1600 O O    . HOH D 3 .  ? -1.529  14.969  6.243   1.00 46.53 ? 278 HOH A O    1 
HETATM 1601 O O    . HOH D 3 .  ? 14.271  1.152   9.847   1.00 38.66 ? 279 HOH A O    1 
HETATM 1602 O O    . HOH D 3 .  ? -9.176  -0.373  9.723   1.00 34.19 ? 280 HOH A O    1 
HETATM 1603 O O    . HOH D 3 .  ? 8.455   -5.565  10.230  1.00 20.91 ? 281 HOH A O    1 
HETATM 1604 O O    . HOH D 3 .  ? -8.441  -5.208  5.515   1.00 27.60 ? 282 HOH A O    1 
HETATM 1605 O O    . HOH D 3 .  ? 13.078  4.655   9.346   1.00 36.66 ? 283 HOH A O    1 
HETATM 1606 O O    . HOH D 3 .  ? 6.112   -2.161  15.553  1.00 39.75 ? 284 HOH A O    1 
HETATM 1607 O O    . HOH D 3 .  ? 9.175   13.174  4.478   1.00 37.80 ? 285 HOH A O    1 
HETATM 1608 O O    . HOH D 3 .  ? 7.310   6.024   15.497  1.00 33.05 ? 286 HOH A O    1 
HETATM 1609 O O    . HOH D 3 .  ? -14.021 -0.217  19.559  1.00 38.46 ? 287 HOH A O    1 
HETATM 1610 O O    . HOH D 3 .  ? 4.954   12.556  2.537   1.00 36.82 ? 288 HOH A O    1 
HETATM 1611 O O    . HOH D 3 .  ? 0.484   8.370   17.356  1.00 37.14 ? 289 HOH A O    1 
HETATM 1612 O O    . HOH D 3 .  ? 13.484  1.342   -8.013  1.00 38.85 ? 290 HOH A O    1 
HETATM 1613 O O    . HOH D 3 .  ? -2.217  -6.197  10.052  1.00 36.89 ? 291 HOH A O    1 
HETATM 1614 O O    . HOH D 3 .  ? -0.360  7.519   14.831  1.00 37.87 ? 292 HOH A O    1 
HETATM 1615 O O    . HOH D 3 .  ? 6.621   13.873  4.652   1.00 38.14 ? 293 HOH A O    1 
HETATM 1616 O O    . HOH D 3 .  ? 9.152   8.497   15.849  1.00 40.11 ? 294 HOH A O    1 
HETATM 1617 O O    . HOH D 3 .  ? 5.253   7.196   16.889  1.00 34.30 ? 295 HOH A O    1 
HETATM 1618 O O    . HOH D 3 .  ? 6.584   9.200   17.253  1.00 36.63 ? 296 HOH A O    1 
HETATM 1619 O O    . HOH E 3 .  ? 3.151   -14.860 -4.138  1.00 41.09 ? 101 HOH B O    1 
HETATM 1620 O O    . HOH E 3 .  ? 10.699  0.587   -19.241 1.00 41.93 ? 102 HOH B O    1 
HETATM 1621 O O    . HOH E 3 .  ? -14.546 2.193   -0.828  1.00 34.75 ? 103 HOH B O    1 
HETATM 1622 O O    . HOH E 3 .  ? 11.359  -12.530 -3.650  1.00 31.39 ? 104 HOH B O    1 
HETATM 1623 O O    . HOH E 3 .  ? -11.381 -10.970 -0.853  1.00 43.22 ? 105 HOH B O    1 
HETATM 1624 O O    . HOH E 3 .  ? -7.779  3.921   -2.800  1.00 19.73 ? 106 HOH B O    1 
HETATM 1625 O O    . HOH E 3 .  ? -4.994  -9.545  -0.206  1.00 35.72 ? 107 HOH B O    1 
HETATM 1626 O O    . HOH E 3 .  ? -15.107 -3.837  -12.607 1.00 34.99 ? 108 HOH B O    1 
HETATM 1627 O O    . HOH E 3 .  ? 7.499   -9.314  -17.514 1.00 37.10 ? 109 HOH B O    1 
HETATM 1628 O O    . HOH E 3 .  ? -18.039 -5.218  -8.545  1.00 30.98 ? 110 HOH B O    1 
HETATM 1629 O O    . HOH E 3 .  ? -9.312  -8.594  -9.727  1.00 28.98 ? 111 HOH B O    1 
HETATM 1630 O O    . HOH E 3 .  ? 8.725   -0.081  -15.732 1.00 16.26 ? 112 HOH B O    1 
HETATM 1631 O O    . HOH E 3 .  ? 3.665   0.717   -19.274 1.00 19.14 ? 113 HOH B O    1 
HETATM 1632 O O    . HOH E 3 .  ? -0.417  0.119   -20.123 1.00 19.85 ? 114 HOH B O    1 
HETATM 1633 O O    . HOH E 3 .  ? -5.608  -3.447  -15.843 1.00 20.46 ? 115 HOH B O    1 
HETATM 1634 O O    . HOH E 3 .  ? 14.763  -4.140  -12.923 1.00 36.01 ? 116 HOH B O    1 
HETATM 1635 O O    . HOH E 3 .  ? 6.497   2.138   -15.433 1.00 27.07 ? 117 HOH B O    1 
HETATM 1636 O O    . HOH E 3 .  ? -8.253  5.633   -0.142  1.00 32.66 ? 118 HOH B O    1 
HETATM 1637 O O    . HOH E 3 .  ? -6.527  1.629   4.094   1.00 37.39 ? 119 HOH B O    1 
HETATM 1638 O O    . HOH E 3 .  ? -14.820 -0.422  -5.075  1.00 28.08 ? 120 HOH B O    1 
HETATM 1639 O O    . HOH E 3 .  ? 10.434  -1.233  -3.226  1.00 34.18 ? 121 HOH B O    1 
HETATM 1640 O O    . HOH E 3 .  ? 7.944   -3.864  -21.962 1.00 19.90 ? 122 HOH B O    1 
HETATM 1641 O O    . HOH E 3 .  ? -3.501  6.778   -10.994 1.00 29.88 ? 123 HOH B O    1 
HETATM 1642 O O    . HOH E 3 .  ? 12.346  -6.714  -13.566 1.00 28.86 ? 124 HOH B O    1 
HETATM 1643 O O    . HOH E 3 .  ? 5.634   -8.216  -13.645 1.00 18.86 ? 125 HOH B O    1 
HETATM 1644 O O    . HOH E 3 .  ? 1.638   -5.929  -13.306 1.00 10.93 ? 126 HOH B O    1 
HETATM 1645 O O    . HOH E 3 .  ? 12.730  -2.838  -5.566  1.00 34.79 ? 127 HOH B O    1 
HETATM 1646 O O    . HOH E 3 .  ? 1.110   -8.433  -15.743 1.00 29.18 ? 128 HOH B O    1 
HETATM 1647 O O    . HOH E 3 .  ? -1.686  -11.277 -17.674 1.00 33.96 ? 129 HOH B O    1 
HETATM 1648 O O    . HOH E 3 .  ? 8.577   -13.015 -0.667  1.00 29.60 ? 130 HOH B O    1 
HETATM 1649 O O    . HOH E 3 .  ? -0.826  -15.303 -8.383  1.00 41.49 ? 131 HOH B O    1 
HETATM 1650 O O    . HOH E 3 .  ? 3.335   7.558   -12.538 1.00 32.75 ? 132 HOH B O    1 
HETATM 1651 O O    . HOH E 3 .  ? -4.216  -8.752  -10.429 1.00 19.16 ? 133 HOH B O    1 
HETATM 1652 O O    . HOH E 3 .  ? -3.210  -1.413  -18.050 1.00 21.60 ? 134 HOH B O    1 
HETATM 1653 O O    . HOH E 3 .  ? -1.914  -3.484  -22.136 1.00 16.82 ? 135 HOH B O    1 
HETATM 1654 O O    . HOH E 3 .  ? -2.863  1.298   -18.405 1.00 35.71 ? 136 HOH B O    1 
HETATM 1655 O O    . HOH E 3 .  ? -12.642 -2.695  -6.610  1.00 17.93 ? 137 HOH B O    1 
HETATM 1656 O O    . HOH E 3 .  ? 6.840   5.241   -10.881 1.00 19.55 ? 138 HOH B O    1 
HETATM 1657 O O    . HOH E 3 .  ? 13.456  -8.692  -10.550 1.00 29.38 ? 139 HOH B O    1 
HETATM 1658 O O    . HOH E 3 .  ? 15.693  -4.835  -8.730  1.00 37.49 ? 140 HOH B O    1 
HETATM 1659 O O    . HOH E 3 .  ? 5.776   -2.991  -0.547  1.00 25.44 ? 141 HOH B O    1 
HETATM 1660 O O    . HOH E 3 .  ? 9.320   4.722   -15.965 1.00 30.16 ? 142 HOH B O    1 
HETATM 1661 O O    . HOH E 3 .  ? -5.258  3.212   -3.224  1.00 12.67 ? 143 HOH B O    1 
HETATM 1662 O O    . HOH E 3 .  ? -10.384 -6.996  -12.075 1.00 25.94 ? 144 HOH B O    1 
HETATM 1663 O O    . HOH E 3 .  ? -8.394  -0.364  3.431   1.00 18.78 ? 145 HOH B O    1 
HETATM 1664 O O    . HOH E 3 .  ? -0.772  -9.520  -7.666  1.00 22.72 ? 146 HOH B O    1 
HETATM 1665 O O    . HOH E 3 .  ? -16.250 3.291   0.801   1.00 40.20 ? 147 HOH B O    1 
HETATM 1666 O O    . HOH E 3 .  ? 10.255  -12.617 -6.009  1.00 27.09 ? 148 HOH B O    1 
HETATM 1667 O O    . HOH E 3 .  ? -11.816 0.679   -7.801  1.00 26.54 ? 149 HOH B O    1 
HETATM 1668 O O    . HOH E 3 .  ? -2.962  8.723   -6.543  1.00 26.50 ? 150 HOH B O    1 
HETATM 1669 O O    . HOH E 3 .  ? 4.257   2.223   -16.802 1.00 25.54 ? 151 HOH B O    1 
HETATM 1670 O O    . HOH E 3 .  ? -6.175  5.046   -11.087 1.00 18.22 ? 152 HOH B O    1 
HETATM 1671 O O    . HOH E 3 .  ? 1.035   4.415   -19.750 1.00 28.79 ? 153 HOH B O    1 
HETATM 1672 O O    . HOH E 3 .  ? -1.009  -6.742  -0.794  1.00 23.38 ? 154 HOH B O    1 
HETATM 1673 O O    . HOH E 3 .  ? 1.172   -8.803  -5.755  1.00 32.65 ? 155 HOH B O    1 
HETATM 1674 O O    . HOH E 3 .  ? 10.270  -0.228  -6.655  1.00 27.03 ? 156 HOH B O    1 
HETATM 1675 O O    . HOH E 3 .  ? 0.158   -8.281  -19.839 1.00 21.36 ? 157 HOH B O    1 
HETATM 1676 O O    . HOH E 3 .  ? -13.067 -8.852  -6.076  1.00 30.05 ? 158 HOH B O    1 
HETATM 1677 O O    . HOH E 3 .  ? 5.437   -11.023 -10.379 1.00 23.27 ? 159 HOH B O    1 
HETATM 1678 O O    . HOH E 3 .  ? -7.128  -10.626 1.943   1.00 38.27 ? 160 HOH B O    1 
HETATM 1679 O O    . HOH E 3 .  ? 7.238   -13.035 -7.562  1.00 20.96 ? 161 HOH B O    1 
HETATM 1680 O O    . HOH E 3 .  ? 2.465   5.996   -10.481 1.00 22.14 ? 162 HOH B O    1 
HETATM 1681 O O    . HOH E 3 .  ? -11.203 4.279   -0.661  1.00 37.98 ? 163 HOH B O    1 
HETATM 1682 O O    . HOH E 3 .  ? -10.369 -7.927  2.523   1.00 16.90 ? 164 HOH B O    1 
HETATM 1683 O O    . HOH E 3 .  ? 12.334  -12.056 -7.166  1.00 39.24 ? 165 HOH B O    1 
HETATM 1684 O O    . HOH E 3 .  ? -14.878 -2.303  9.044   1.00 36.00 ? 166 HOH B O    1 
HETATM 1685 O O    . HOH E 3 .  ? -5.228  -6.774  3.612   1.00 38.08 ? 167 HOH B O    1 
HETATM 1686 O O    . HOH E 3 .  ? 14.885  1.039   -13.358 1.00 28.41 ? 168 HOH B O    1 
HETATM 1687 O O    . HOH E 3 .  ? -7.606  -6.532  3.061   1.00 19.67 ? 169 HOH B O    1 
HETATM 1688 O O    . HOH E 3 .  ? 1.377   -5.902  2.107   1.00 40.99 ? 170 HOH B O    1 
HETATM 1689 O O    . HOH E 3 .  ? 0.399   7.844   -9.958  1.00 30.97 ? 171 HOH B O    1 
HETATM 1690 O O    . HOH E 3 .  ? -9.330  -3.817  -15.184 1.00 34.09 ? 172 HOH B O    1 
HETATM 1691 O O    . HOH E 3 .  ? 0.098   -11.557 -9.112  1.00 36.60 ? 173 HOH B O    1 
HETATM 1692 O O    . HOH E 3 .  ? -17.156 0.900   3.239   1.00 35.05 ? 174 HOH B O    1 
HETATM 1693 O O    . HOH E 3 .  ? 9.650   -8.936  -11.635 1.00 35.28 ? 175 HOH B O    1 
HETATM 1694 O O    . HOH E 3 .  ? -9.863  -1.909  7.453   1.00 31.27 ? 176 HOH B O    1 
HETATM 1695 O O    . HOH E 3 .  ? -11.203 -5.801  6.599   1.00 27.36 ? 177 HOH B O    1 
HETATM 1696 O O    . HOH E 3 .  ? 8.415   -11.737 -9.995  1.00 33.41 ? 178 HOH B O    1 
HETATM 1697 O O    . HOH E 3 .  ? 8.079   1.655   -18.223 1.00 25.95 ? 179 HOH B O    1 
HETATM 1698 O O    . HOH E 3 .  ? 6.012   -15.202 -8.652  1.00 30.64 ? 180 HOH B O    1 
HETATM 1699 O O    . HOH E 3 .  ? -3.355  2.722   -20.135 1.00 35.87 ? 181 HOH B O    1 
HETATM 1700 O O    . HOH E 3 .  ? 14.209  2.259   -10.856 1.00 26.79 ? 182 HOH B O    1 
HETATM 1701 O O    . HOH E 3 .  ? 13.867  4.753   -11.103 1.00 26.68 ? 183 HOH B O    1 
HETATM 1702 O O    . HOH E 3 .  ? 6.301   0.844   -20.054 1.00 27.36 ? 184 HOH B O    1 
HETATM 1703 O O    . HOH E 3 .  ? -1.947  5.134   -20.559 1.00 42.38 ? 185 HOH B O    1 
HETATM 1704 O O    . HOH E 3 .  ? 13.980  -8.443  -12.748 1.00 37.60 ? 186 HOH B O    1 
HETATM 1705 O O    . HOH E 3 .  ? 2.144   -9.207  -18.206 1.00 29.72 ? 187 HOH B O    1 
HETATM 1706 O O    . HOH E 3 .  ? 2.988   -10.096 -11.351 1.00 27.20 ? 188 HOH B O    1 
HETATM 1707 O O    . HOH E 3 .  ? -2.799  -1.515  -20.444 1.00 23.06 ? 189 HOH B O    1 
HETATM 1708 O O    . HOH E 3 .  ? 2.725   2.683   -20.728 1.00 39.35 ? 190 HOH B O    1 
HETATM 1709 O O    . HOH E 3 .  ? -17.055 -0.341  -0.698  1.00 34.01 ? 191 HOH B O    1 
HETATM 1710 O O    . HOH E 3 .  ? 2.886   -8.348  -13.409 1.00 17.60 ? 192 HOH B O    1 
HETATM 1711 O O    . HOH E 3 .  ? 15.735  -1.705  -13.395 1.00 32.98 ? 193 HOH B O    1 
HETATM 1712 O O    . HOH E 3 .  ? 7.056   -9.780  -15.023 1.00 33.22 ? 194 HOH B O    1 
HETATM 1713 O O    . HOH E 3 .  ? -7.321  -5.413  -15.431 1.00 29.47 ? 195 HOH B O    1 
HETATM 1714 O O    . HOH E 3 .  ? -0.429  -5.056  1.710   1.00 36.55 ? 196 HOH B O    1 
HETATM 1715 O O    . HOH E 3 .  ? 9.929   -9.394  -13.502 1.00 37.34 ? 197 HOH B O    1 
HETATM 1716 O O    . HOH E 3 .  ? -0.055  0.417   -22.921 1.00 26.85 ? 198 HOH B O    1 
HETATM 1717 O O    . HOH E 3 .  ? -8.155  -9.193  3.795   1.00 36.19 ? 199 HOH B O    1 
HETATM 1718 O O    . HOH E 3 .  ? -3.137  -11.031 -11.908 1.00 33.97 ? 200 HOH B O    1 
HETATM 1719 O O    . HOH E 3 .  ? -6.629  -9.058  -11.555 1.00 32.52 ? 201 HOH B O    1 
HETATM 1720 O O    . HOH E 3 .  ? 16.809  -1.404  -10.544 1.00 46.56 ? 202 HOH B O    1 
HETATM 1721 O O    . HOH E 3 .  ? -8.268  -7.770  -13.541 1.00 35.67 ? 203 HOH B O    1 
HETATM 1722 O O    . HOH E 3 .  ? 10.946  -15.120 -9.144  1.00 36.39 ? 204 HOH B O    1 
# 
